data_3CG4
# 
_entry.id   3CG4 
# 
_audit_conform.dict_name       mmcif_pdbx.dic 
_audit_conform.dict_version    5.398 
_audit_conform.dict_location   http://mmcif.pdb.org/dictionaries/ascii/mmcif_pdbx.dic 
# 
loop_
_database_2.database_id 
_database_2.database_code 
_database_2.pdbx_database_accession 
_database_2.pdbx_DOI 
PDB   3CG4         pdb_00003cg4 10.2210/pdb3cg4/pdb 
RCSB  RCSB046734   ?            ?                   
WWPDB D_1000046734 ?            ?                   
# 
loop_
_pdbx_audit_revision_history.ordinal 
_pdbx_audit_revision_history.data_content_type 
_pdbx_audit_revision_history.major_revision 
_pdbx_audit_revision_history.minor_revision 
_pdbx_audit_revision_history.revision_date 
1 'Structure model' 1 0 2008-03-11 
2 'Structure model' 1 1 2011-07-13 
3 'Structure model' 1 2 2017-10-25 
4 'Structure model' 1 3 2018-11-14 
5 'Structure model' 1 4 2021-02-03 
6 'Structure model' 1 5 2024-10-30 
# 
_pdbx_audit_revision_details.ordinal             1 
_pdbx_audit_revision_details.revision_ordinal    1 
_pdbx_audit_revision_details.data_content_type   'Structure model' 
_pdbx_audit_revision_details.provider            repository 
_pdbx_audit_revision_details.type                'Initial release' 
_pdbx_audit_revision_details.description         ? 
_pdbx_audit_revision_details.details             ? 
# 
loop_
_pdbx_audit_revision_group.ordinal 
_pdbx_audit_revision_group.revision_ordinal 
_pdbx_audit_revision_group.data_content_type 
_pdbx_audit_revision_group.group 
1  2 'Structure model' 'Non-polymer description'   
2  2 'Structure model' 'Version format compliance' 
3  3 'Structure model' 'Refinement description'    
4  4 'Structure model' 'Data collection'           
5  4 'Structure model' 'Structure summary'         
6  5 'Structure model' 'Database references'       
7  5 'Structure model' 'Derived calculations'      
8  5 'Structure model' 'Structure summary'         
9  6 'Structure model' 'Data collection'           
10 6 'Structure model' 'Database references'       
11 6 'Structure model' 'Structure summary'         
# 
loop_
_pdbx_audit_revision_category.ordinal 
_pdbx_audit_revision_category.revision_ordinal 
_pdbx_audit_revision_category.data_content_type 
_pdbx_audit_revision_category.category 
1  3 'Structure model' software                  
2  4 'Structure model' audit_author              
3  5 'Structure model' audit_author              
4  5 'Structure model' citation_author           
5  5 'Structure model' struct_conn               
6  5 'Structure model' struct_conn_type          
7  5 'Structure model' struct_ref_seq_dif        
8  5 'Structure model' struct_site               
9  6 'Structure model' chem_comp_atom            
10 6 'Structure model' chem_comp_bond            
11 6 'Structure model' database_2                
12 6 'Structure model' pdbx_entry_details        
13 6 'Structure model' pdbx_modification_feature 
# 
loop_
_pdbx_audit_revision_item.ordinal 
_pdbx_audit_revision_item.revision_ordinal 
_pdbx_audit_revision_item.data_content_type 
_pdbx_audit_revision_item.item 
1  4 'Structure model' '_audit_author.identifier_ORCID'      
2  5 'Structure model' '_audit_author.identifier_ORCID'      
3  5 'Structure model' '_citation_author.identifier_ORCID'   
4  5 'Structure model' '_struct_conn.conn_type_id'           
5  5 'Structure model' '_struct_conn.id'                     
6  5 'Structure model' '_struct_conn.pdbx_dist_value'        
7  5 'Structure model' '_struct_conn.pdbx_leaving_atom_flag' 
8  5 'Structure model' '_struct_conn.ptnr1_auth_comp_id'     
9  5 'Structure model' '_struct_conn.ptnr1_auth_seq_id'      
10 5 'Structure model' '_struct_conn.ptnr1_label_asym_id'    
11 5 'Structure model' '_struct_conn.ptnr1_label_atom_id'    
12 5 'Structure model' '_struct_conn.ptnr1_label_comp_id'    
13 5 'Structure model' '_struct_conn.ptnr1_label_seq_id'     
14 5 'Structure model' '_struct_conn.ptnr2_auth_comp_id'     
15 5 'Structure model' '_struct_conn.ptnr2_auth_seq_id'      
16 5 'Structure model' '_struct_conn.ptnr2_label_asym_id'    
17 5 'Structure model' '_struct_conn.ptnr2_label_atom_id'    
18 5 'Structure model' '_struct_conn.ptnr2_label_comp_id'    
19 5 'Structure model' '_struct_conn.ptnr2_label_seq_id'     
20 5 'Structure model' '_struct_conn_type.id'                
21 5 'Structure model' '_struct_ref_seq_dif.details'         
22 5 'Structure model' '_struct_site.pdbx_auth_asym_id'      
23 5 'Structure model' '_struct_site.pdbx_auth_comp_id'      
24 5 'Structure model' '_struct_site.pdbx_auth_seq_id'       
25 6 'Structure model' '_database_2.pdbx_DOI'                
26 6 'Structure model' '_database_2.pdbx_database_accession' 
# 
_pdbx_database_status.status_code                     REL 
_pdbx_database_status.entry_id                        3CG4 
_pdbx_database_status.recvd_initial_deposition_date   2008-03-04 
_pdbx_database_status.deposit_site                    RCSB 
_pdbx_database_status.process_site                    RCSB 
_pdbx_database_status.status_code_sf                  REL 
_pdbx_database_status.status_code_mr                  ? 
_pdbx_database_status.SG_entry                        Y 
_pdbx_database_status.pdb_format_compatible           Y 
_pdbx_database_status.status_code_cs                  ? 
_pdbx_database_status.methods_development_category    ? 
_pdbx_database_status.status_code_nmr_data            ? 
# 
_pdbx_database_related.db_name        TargetDB 
_pdbx_database_related.db_id          NYSGXRC-11024g 
_pdbx_database_related.details        . 
_pdbx_database_related.content_type   unspecified 
# 
loop_
_audit_author.name 
_audit_author.pdbx_ordinal 
_audit_author.identifier_ORCID 
'Patskovsky, Y.'                                                 1  ?                   
'Freeman, J.'                                                    2  ?                   
'Hu, S.'                                                         3  ?                   
'Bain, K.'                                                       4  ?                   
'Smith, D.'                                                      5  ?                   
'Wasserman, S.R.'                                                6  ?                   
'Sauder, J.M.'                                                   7  0000-0002-0254-4955 
'Burley, S.K.'                                                   8  0000-0002-2487-9713 
'Almo, S.C.'                                                     9  ?                   
'New York SGX Research Center for Structural Genomics (NYSGXRC)' 10 ?                   
# 
_citation.id                        primary 
_citation.title                     
'Crystal Structure of Response Regulator Receiver Domain Protein (Chey-Like) from Methanospirillum hungatei JF-1.' 
_citation.journal_abbrev            'To be Published' 
_citation.journal_volume            ? 
_citation.page_first                ? 
_citation.page_last                 ? 
_citation.year                      ? 
_citation.journal_id_ASTM           ? 
_citation.country                   ? 
_citation.journal_id_ISSN           ? 
_citation.journal_id_CSD            0353 
_citation.book_publisher            ? 
_citation.pdbx_database_id_PubMed   ? 
_citation.pdbx_database_id_DOI      ? 
# 
loop_
_citation_author.citation_id 
_citation_author.name 
_citation_author.ordinal 
_citation_author.identifier_ORCID 
primary 'Patskovsky, Y.'  1 ?                   
primary 'Freeman, J.'     2 ?                   
primary 'Hu, S.'          3 ?                   
primary 'Bain, K.'        4 ?                   
primary 'Smith, D.'       5 ?                   
primary 'Wasserman, S.R.' 6 ?                   
primary 'Sauder, J.M.'    7 ?                   
primary 'Burley, S.K.'    8 0000-0002-2487-9713 
primary 'Almo, S.C.'      9 ?                   
# 
loop_
_entity.id 
_entity.type 
_entity.src_method 
_entity.pdbx_description 
_entity.formula_weight 
_entity.pdbx_number_of_molecules 
_entity.pdbx_ec 
_entity.pdbx_mutation 
_entity.pdbx_fragment 
_entity.details 
1 polymer     man 'Response regulator receiver domain protein (CheY-like)' 16068.095 1   ? ? ? ? 
2 non-polymer syn 'MAGNESIUM ION'                                          24.305    1   ? ? ? ? 
3 non-polymer syn GLYCEROL                                                 92.094    2   ? ? ? ? 
4 water       nat water                                                    18.015    106 ? ? ? ? 
# 
_entity_poly.entity_id                      1 
_entity_poly.type                           'polypeptide(L)' 
_entity_poly.nstd_linkage                   no 
_entity_poly.nstd_monomer                   yes 
_entity_poly.pdbx_seq_one_letter_code       
;(MSE)SLAEHKGDV(MSE)IVDDDAHVRIAVKTILSDAGFHIISADSGGQCIDLLKKGFSGVVLLDI(MSE)(MSE)PG
(MSE)DGWDTIRAILDNSLEQGIAIV(MSE)LTAKNAPDAK(MSE)IGLQEYVVDYITKPFDNEDLIEKTTFF(MSE)GF
VRNQTGNEGHHHHHH
;
_entity_poly.pdbx_seq_one_letter_code_can   
;MSLAEHKGDVMIVDDDAHVRIAVKTILSDAGFHIISADSGGQCIDLLKKGFSGVVLLDIMMPGMDGWDTIRAILDNSLEQ
GIAIVMLTAKNAPDAKMIGLQEYVVDYITKPFDNEDLIEKTTFFMGFVRNQTGNEGHHHHHH
;
_entity_poly.pdbx_strand_id                 A 
_entity_poly.pdbx_target_identifier         NYSGXRC-11024g 
# 
loop_
_pdbx_entity_nonpoly.entity_id 
_pdbx_entity_nonpoly.name 
_pdbx_entity_nonpoly.comp_id 
2 'MAGNESIUM ION' MG  
3 GLYCEROL        GOL 
4 water           HOH 
# 
loop_
_entity_poly_seq.entity_id 
_entity_poly_seq.num 
_entity_poly_seq.mon_id 
_entity_poly_seq.hetero 
1 1   MSE n 
1 2   SER n 
1 3   LEU n 
1 4   ALA n 
1 5   GLU n 
1 6   HIS n 
1 7   LYS n 
1 8   GLY n 
1 9   ASP n 
1 10  VAL n 
1 11  MSE n 
1 12  ILE n 
1 13  VAL n 
1 14  ASP n 
1 15  ASP n 
1 16  ASP n 
1 17  ALA n 
1 18  HIS n 
1 19  VAL n 
1 20  ARG n 
1 21  ILE n 
1 22  ALA n 
1 23  VAL n 
1 24  LYS n 
1 25  THR n 
1 26  ILE n 
1 27  LEU n 
1 28  SER n 
1 29  ASP n 
1 30  ALA n 
1 31  GLY n 
1 32  PHE n 
1 33  HIS n 
1 34  ILE n 
1 35  ILE n 
1 36  SER n 
1 37  ALA n 
1 38  ASP n 
1 39  SER n 
1 40  GLY n 
1 41  GLY n 
1 42  GLN n 
1 43  CYS n 
1 44  ILE n 
1 45  ASP n 
1 46  LEU n 
1 47  LEU n 
1 48  LYS n 
1 49  LYS n 
1 50  GLY n 
1 51  PHE n 
1 52  SER n 
1 53  GLY n 
1 54  VAL n 
1 55  VAL n 
1 56  LEU n 
1 57  LEU n 
1 58  ASP n 
1 59  ILE n 
1 60  MSE n 
1 61  MSE n 
1 62  PRO n 
1 63  GLY n 
1 64  MSE n 
1 65  ASP n 
1 66  GLY n 
1 67  TRP n 
1 68  ASP n 
1 69  THR n 
1 70  ILE n 
1 71  ARG n 
1 72  ALA n 
1 73  ILE n 
1 74  LEU n 
1 75  ASP n 
1 76  ASN n 
1 77  SER n 
1 78  LEU n 
1 79  GLU n 
1 80  GLN n 
1 81  GLY n 
1 82  ILE n 
1 83  ALA n 
1 84  ILE n 
1 85  VAL n 
1 86  MSE n 
1 87  LEU n 
1 88  THR n 
1 89  ALA n 
1 90  LYS n 
1 91  ASN n 
1 92  ALA n 
1 93  PRO n 
1 94  ASP n 
1 95  ALA n 
1 96  LYS n 
1 97  MSE n 
1 98  ILE n 
1 99  GLY n 
1 100 LEU n 
1 101 GLN n 
1 102 GLU n 
1 103 TYR n 
1 104 VAL n 
1 105 VAL n 
1 106 ASP n 
1 107 TYR n 
1 108 ILE n 
1 109 THR n 
1 110 LYS n 
1 111 PRO n 
1 112 PHE n 
1 113 ASP n 
1 114 ASN n 
1 115 GLU n 
1 116 ASP n 
1 117 LEU n 
1 118 ILE n 
1 119 GLU n 
1 120 LYS n 
1 121 THR n 
1 122 THR n 
1 123 PHE n 
1 124 PHE n 
1 125 MSE n 
1 126 GLY n 
1 127 PHE n 
1 128 VAL n 
1 129 ARG n 
1 130 ASN n 
1 131 GLN n 
1 132 THR n 
1 133 GLY n 
1 134 ASN n 
1 135 GLU n 
1 136 GLY n 
1 137 HIS n 
1 138 HIS n 
1 139 HIS n 
1 140 HIS n 
1 141 HIS n 
1 142 HIS n 
# 
_entity_src_gen.entity_id                          1 
_entity_src_gen.pdbx_src_id                        1 
_entity_src_gen.pdbx_alt_source_flag               sample 
_entity_src_gen.pdbx_seq_type                      ? 
_entity_src_gen.pdbx_beg_seq_num                   ? 
_entity_src_gen.pdbx_end_seq_num                   ? 
_entity_src_gen.gene_src_common_name               ? 
_entity_src_gen.gene_src_genus                     Methanospirillum 
_entity_src_gen.pdbx_gene_src_gene                 'REC, Mhun_0886' 
_entity_src_gen.gene_src_species                   'Methanospirillum hungatei' 
_entity_src_gen.gene_src_strain                    'JF-1 / DSM 864' 
_entity_src_gen.gene_src_tissue                    ? 
_entity_src_gen.gene_src_tissue_fraction           ? 
_entity_src_gen.gene_src_details                   ? 
_entity_src_gen.pdbx_gene_src_fragment             ? 
_entity_src_gen.pdbx_gene_src_scientific_name      'Methanospirillum hungatei JF-1' 
_entity_src_gen.pdbx_gene_src_ncbi_taxonomy_id     323259 
_entity_src_gen.pdbx_gene_src_variant              ? 
_entity_src_gen.pdbx_gene_src_cell_line            ? 
_entity_src_gen.pdbx_gene_src_atcc                 ? 
_entity_src_gen.pdbx_gene_src_organ                ? 
_entity_src_gen.pdbx_gene_src_organelle            ? 
_entity_src_gen.pdbx_gene_src_cell                 ? 
_entity_src_gen.pdbx_gene_src_cellular_location    ? 
_entity_src_gen.host_org_common_name               ? 
_entity_src_gen.pdbx_host_org_scientific_name      'Escherichia coli' 
_entity_src_gen.pdbx_host_org_ncbi_taxonomy_id     562 
_entity_src_gen.host_org_genus                     Escherichia 
_entity_src_gen.pdbx_host_org_gene                 ? 
_entity_src_gen.pdbx_host_org_organ                ? 
_entity_src_gen.host_org_species                   ? 
_entity_src_gen.pdbx_host_org_tissue               ? 
_entity_src_gen.pdbx_host_org_tissue_fraction      ? 
_entity_src_gen.pdbx_host_org_strain               ? 
_entity_src_gen.pdbx_host_org_variant              ? 
_entity_src_gen.pdbx_host_org_cell_line            ? 
_entity_src_gen.pdbx_host_org_atcc                 ? 
_entity_src_gen.pdbx_host_org_culture_collection   ? 
_entity_src_gen.pdbx_host_org_cell                 ? 
_entity_src_gen.pdbx_host_org_organelle            ? 
_entity_src_gen.pdbx_host_org_cellular_location    ? 
_entity_src_gen.pdbx_host_org_vector_type          Plasmid 
_entity_src_gen.pdbx_host_org_vector               pET 
_entity_src_gen.host_org_details                   ? 
_entity_src_gen.expression_system_id               ? 
_entity_src_gen.plasmid_name                       'BC-pSGX3(BC)' 
_entity_src_gen.plasmid_details                    ? 
_entity_src_gen.pdbx_description                   ? 
# 
loop_
_chem_comp.id 
_chem_comp.type 
_chem_comp.mon_nstd_flag 
_chem_comp.name 
_chem_comp.pdbx_synonyms 
_chem_comp.formula 
_chem_comp.formula_weight 
ALA 'L-peptide linking' y ALANINE          ?                               'C3 H7 N O2'     89.093  
ARG 'L-peptide linking' y ARGININE         ?                               'C6 H15 N4 O2 1' 175.209 
ASN 'L-peptide linking' y ASPARAGINE       ?                               'C4 H8 N2 O3'    132.118 
ASP 'L-peptide linking' y 'ASPARTIC ACID'  ?                               'C4 H7 N O4'     133.103 
CYS 'L-peptide linking' y CYSTEINE         ?                               'C3 H7 N O2 S'   121.158 
GLN 'L-peptide linking' y GLUTAMINE        ?                               'C5 H10 N2 O3'   146.144 
GLU 'L-peptide linking' y 'GLUTAMIC ACID'  ?                               'C5 H9 N O4'     147.129 
GLY 'peptide linking'   y GLYCINE          ?                               'C2 H5 N O2'     75.067  
GOL non-polymer         . GLYCEROL         'GLYCERIN; PROPANE-1,2,3-TRIOL' 'C3 H8 O3'       92.094  
HIS 'L-peptide linking' y HISTIDINE        ?                               'C6 H10 N3 O2 1' 156.162 
HOH non-polymer         . WATER            ?                               'H2 O'           18.015  
ILE 'L-peptide linking' y ISOLEUCINE       ?                               'C6 H13 N O2'    131.173 
LEU 'L-peptide linking' y LEUCINE          ?                               'C6 H13 N O2'    131.173 
LYS 'L-peptide linking' y LYSINE           ?                               'C6 H15 N2 O2 1' 147.195 
MG  non-polymer         . 'MAGNESIUM ION'  ?                               'Mg 2'           24.305  
MSE 'L-peptide linking' n SELENOMETHIONINE ?                               'C5 H11 N O2 Se' 196.106 
PHE 'L-peptide linking' y PHENYLALANINE    ?                               'C9 H11 N O2'    165.189 
PRO 'L-peptide linking' y PROLINE          ?                               'C5 H9 N O2'     115.130 
SER 'L-peptide linking' y SERINE           ?                               'C3 H7 N O3'     105.093 
THR 'L-peptide linking' y THREONINE        ?                               'C4 H9 N O3'     119.119 
TRP 'L-peptide linking' y TRYPTOPHAN       ?                               'C11 H12 N2 O2'  204.225 
TYR 'L-peptide linking' y TYROSINE         ?                               'C9 H11 N O3'    181.189 
VAL 'L-peptide linking' y VALINE           ?                               'C5 H11 N O2'    117.146 
# 
loop_
_pdbx_poly_seq_scheme.asym_id 
_pdbx_poly_seq_scheme.entity_id 
_pdbx_poly_seq_scheme.seq_id 
_pdbx_poly_seq_scheme.mon_id 
_pdbx_poly_seq_scheme.ndb_seq_num 
_pdbx_poly_seq_scheme.pdb_seq_num 
_pdbx_poly_seq_scheme.auth_seq_num 
_pdbx_poly_seq_scheme.pdb_mon_id 
_pdbx_poly_seq_scheme.auth_mon_id 
_pdbx_poly_seq_scheme.pdb_strand_id 
_pdbx_poly_seq_scheme.pdb_ins_code 
_pdbx_poly_seq_scheme.hetero 
A 1 1   MSE 1   -1  ?   ?   ?   A . n 
A 1 2   SER 2   0   ?   ?   ?   A . n 
A 1 3   LEU 3   1   ?   ?   ?   A . n 
A 1 4   ALA 4   2   ?   ?   ?   A . n 
A 1 5   GLU 5   3   ?   ?   ?   A . n 
A 1 6   HIS 6   4   6   HIS HIS A . n 
A 1 7   LYS 7   5   7   LYS LYS A . n 
A 1 8   GLY 8   6   8   GLY GLY A . n 
A 1 9   ASP 9   7   9   ASP ASP A . n 
A 1 10  VAL 10  8   10  VAL VAL A . n 
A 1 11  MSE 11  9   11  MSE MSE A . n 
A 1 12  ILE 12  10  12  ILE ILE A . n 
A 1 13  VAL 13  11  13  VAL VAL A . n 
A 1 14  ASP 14  12  14  ASP ASP A . n 
A 1 15  ASP 15  13  15  ASP ASP A . n 
A 1 16  ASP 16  14  16  ASP ASP A . n 
A 1 17  ALA 17  15  17  ALA ALA A . n 
A 1 18  HIS 18  16  18  HIS HIS A . n 
A 1 19  VAL 19  17  19  VAL VAL A . n 
A 1 20  ARG 20  18  20  ARG ARG A . n 
A 1 21  ILE 21  19  21  ILE ILE A . n 
A 1 22  ALA 22  20  22  ALA ALA A . n 
A 1 23  VAL 23  21  23  VAL VAL A . n 
A 1 24  LYS 24  22  24  LYS LYS A . n 
A 1 25  THR 25  23  25  THR THR A . n 
A 1 26  ILE 26  24  26  ILE ILE A . n 
A 1 27  LEU 27  25  27  LEU LEU A . n 
A 1 28  SER 28  26  28  SER SER A . n 
A 1 29  ASP 29  27  29  ASP ASP A . n 
A 1 30  ALA 30  28  30  ALA ALA A . n 
A 1 31  GLY 31  29  31  GLY GLY A . n 
A 1 32  PHE 32  30  32  PHE PHE A . n 
A 1 33  HIS 33  31  33  HIS HIS A . n 
A 1 34  ILE 34  32  34  ILE ILE A . n 
A 1 35  ILE 35  33  35  ILE ILE A . n 
A 1 36  SER 36  34  36  SER SER A . n 
A 1 37  ALA 37  35  37  ALA ALA A . n 
A 1 38  ASP 38  36  38  ASP ASP A . n 
A 1 39  SER 39  37  39  SER SER A . n 
A 1 40  GLY 40  38  40  GLY GLY A . n 
A 1 41  GLY 41  39  41  GLY GLY A . n 
A 1 42  GLN 42  40  42  GLN GLN A . n 
A 1 43  CYS 43  41  43  CYS CYS A . n 
A 1 44  ILE 44  42  44  ILE ILE A . n 
A 1 45  ASP 45  43  45  ASP ASP A . n 
A 1 46  LEU 46  44  46  LEU LEU A . n 
A 1 47  LEU 47  45  47  LEU LEU A . n 
A 1 48  LYS 48  46  48  LYS LYS A . n 
A 1 49  LYS 49  47  49  LYS LYS A . n 
A 1 50  GLY 50  48  50  GLY GLY A . n 
A 1 51  PHE 51  49  51  PHE PHE A . n 
A 1 52  SER 52  50  52  SER SER A . n 
A 1 53  GLY 53  51  53  GLY GLY A . n 
A 1 54  VAL 54  52  54  VAL VAL A . n 
A 1 55  VAL 55  53  55  VAL VAL A . n 
A 1 56  LEU 56  54  56  LEU LEU A . n 
A 1 57  LEU 57  55  57  LEU LEU A . n 
A 1 58  ASP 58  56  58  ASP ASP A . n 
A 1 59  ILE 59  57  59  ILE ILE A . n 
A 1 60  MSE 60  58  60  MSE MSE A . n 
A 1 61  MSE 61  59  61  MSE MSE A . n 
A 1 62  PRO 62  60  62  PRO PRO A . n 
A 1 63  GLY 63  61  63  GLY GLY A . n 
A 1 64  MSE 64  62  64  MSE MSE A . n 
A 1 65  ASP 65  63  65  ASP ASP A . n 
A 1 66  GLY 66  64  66  GLY GLY A . n 
A 1 67  TRP 67  65  67  TRP TRP A . n 
A 1 68  ASP 68  66  68  ASP ASP A . n 
A 1 69  THR 69  67  69  THR THR A . n 
A 1 70  ILE 70  68  70  ILE ILE A . n 
A 1 71  ARG 71  69  71  ARG ARG A . n 
A 1 72  ALA 72  70  72  ALA ALA A . n 
A 1 73  ILE 73  71  73  ILE ILE A . n 
A 1 74  LEU 74  72  74  LEU LEU A . n 
A 1 75  ASP 75  73  75  ASP ASP A . n 
A 1 76  ASN 76  74  76  ASN ASN A . n 
A 1 77  SER 77  75  77  SER SER A . n 
A 1 78  LEU 78  76  78  LEU LEU A . n 
A 1 79  GLU 79  77  79  GLU GLU A . n 
A 1 80  GLN 80  78  80  GLN GLN A . n 
A 1 81  GLY 81  79  81  GLY GLY A . n 
A 1 82  ILE 82  80  82  ILE ILE A . n 
A 1 83  ALA 83  81  83  ALA ALA A . n 
A 1 84  ILE 84  82  84  ILE ILE A . n 
A 1 85  VAL 85  83  85  VAL VAL A . n 
A 1 86  MSE 86  84  86  MSE MSE A . n 
A 1 87  LEU 87  85  87  LEU LEU A . n 
A 1 88  THR 88  86  88  THR THR A . n 
A 1 89  ALA 89  87  89  ALA ALA A . n 
A 1 90  LYS 90  88  90  LYS LYS A . n 
A 1 91  ASN 91  89  91  ASN ASN A . n 
A 1 92  ALA 92  90  92  ALA ALA A . n 
A 1 93  PRO 93  91  93  PRO PRO A . n 
A 1 94  ASP 94  92  94  ASP ASP A . n 
A 1 95  ALA 95  93  95  ALA ALA A . n 
A 1 96  LYS 96  94  96  LYS LYS A . n 
A 1 97  MSE 97  95  97  MSE MSE A . n 
A 1 98  ILE 98  96  98  ILE ILE A . n 
A 1 99  GLY 99  97  99  GLY GLY A . n 
A 1 100 LEU 100 98  100 LEU LEU A . n 
A 1 101 GLN 101 99  101 GLN GLN A . n 
A 1 102 GLU 102 100 102 GLU GLU A . n 
A 1 103 TYR 103 101 103 TYR TYR A . n 
A 1 104 VAL 104 102 104 VAL VAL A . n 
A 1 105 VAL 105 103 105 VAL VAL A . n 
A 1 106 ASP 106 104 106 ASP ASP A . n 
A 1 107 TYR 107 105 107 TYR TYR A . n 
A 1 108 ILE 108 106 108 ILE ILE A . n 
A 1 109 THR 109 107 109 THR THR A . n 
A 1 110 LYS 110 108 110 LYS LYS A . n 
A 1 111 PRO 111 109 111 PRO PRO A . n 
A 1 112 PHE 112 110 112 PHE PHE A . n 
A 1 113 ASP 113 111 113 ASP ASP A . n 
A 1 114 ASN 114 112 114 ASN ASN A . n 
A 1 115 GLU 115 113 115 GLU GLU A . n 
A 1 116 ASP 116 114 116 ASP ASP A . n 
A 1 117 LEU 117 115 117 LEU LEU A . n 
A 1 118 ILE 118 116 118 ILE ILE A . n 
A 1 119 GLU 119 117 119 GLU GLU A . n 
A 1 120 LYS 120 118 120 LYS LYS A . n 
A 1 121 THR 121 119 121 THR THR A . n 
A 1 122 THR 122 120 122 THR THR A . n 
A 1 123 PHE 123 121 123 PHE PHE A . n 
A 1 124 PHE 124 122 124 PHE PHE A . n 
A 1 125 MSE 125 123 125 MSE MSE A . n 
A 1 126 GLY 126 124 126 GLY GLY A . n 
A 1 127 PHE 127 125 127 PHE PHE A . n 
A 1 128 VAL 128 126 128 VAL VAL A . n 
A 1 129 ARG 129 127 129 ARG ARG A . n 
A 1 130 ASN 130 128 130 ASN ASN A . n 
A 1 131 GLN 131 129 131 GLN GLN A . n 
A 1 132 THR 132 130 ?   ?   ?   A . n 
A 1 133 GLY 133 131 ?   ?   ?   A . n 
A 1 134 ASN 134 132 ?   ?   ?   A . n 
A 1 135 GLU 135 133 ?   ?   ?   A . n 
A 1 136 GLY 136 134 ?   ?   ?   A . n 
A 1 137 HIS 137 135 ?   ?   ?   A . n 
A 1 138 HIS 138 136 ?   ?   ?   A . n 
A 1 139 HIS 139 137 ?   ?   ?   A . n 
A 1 140 HIS 140 138 ?   ?   ?   A . n 
A 1 141 HIS 141 139 ?   ?   ?   A . n 
A 1 142 HIS 142 140 ?   ?   ?   A . n 
# 
loop_
_pdbx_nonpoly_scheme.asym_id 
_pdbx_nonpoly_scheme.entity_id 
_pdbx_nonpoly_scheme.mon_id 
_pdbx_nonpoly_scheme.ndb_seq_num 
_pdbx_nonpoly_scheme.pdb_seq_num 
_pdbx_nonpoly_scheme.auth_seq_num 
_pdbx_nonpoly_scheme.pdb_mon_id 
_pdbx_nonpoly_scheme.auth_mon_id 
_pdbx_nonpoly_scheme.pdb_strand_id 
_pdbx_nonpoly_scheme.pdb_ins_code 
B 2 MG  1   201 1   MG  MG  A . 
C 3 GOL 1   202 1   GOL GOL A . 
D 3 GOL 1   203 1   GOL GOL A . 
E 4 HOH 1   204 2   HOH HOH A . 
E 4 HOH 2   205 3   HOH HOH A . 
E 4 HOH 3   206 5   HOH HOH A . 
E 4 HOH 4   207 6   HOH HOH A . 
E 4 HOH 5   208 7   HOH HOH A . 
E 4 HOH 6   209 8   HOH HOH A . 
E 4 HOH 7   210 9   HOH HOH A . 
E 4 HOH 8   211 10  HOH HOH A . 
E 4 HOH 9   212 11  HOH HOH A . 
E 4 HOH 10  213 12  HOH HOH A . 
E 4 HOH 11  214 13  HOH HOH A . 
E 4 HOH 12  215 14  HOH HOH A . 
E 4 HOH 13  216 15  HOH HOH A . 
E 4 HOH 14  217 17  HOH HOH A . 
E 4 HOH 15  218 18  HOH HOH A . 
E 4 HOH 16  219 19  HOH HOH A . 
E 4 HOH 17  220 20  HOH HOH A . 
E 4 HOH 18  221 22  HOH HOH A . 
E 4 HOH 19  222 23  HOH HOH A . 
E 4 HOH 20  223 24  HOH HOH A . 
E 4 HOH 21  224 25  HOH HOH A . 
E 4 HOH 22  225 26  HOH HOH A . 
E 4 HOH 23  226 28  HOH HOH A . 
E 4 HOH 24  227 29  HOH HOH A . 
E 4 HOH 25  228 30  HOH HOH A . 
E 4 HOH 26  229 31  HOH HOH A . 
E 4 HOH 27  230 32  HOH HOH A . 
E 4 HOH 28  231 33  HOH HOH A . 
E 4 HOH 29  232 35  HOH HOH A . 
E 4 HOH 30  233 37  HOH HOH A . 
E 4 HOH 31  234 38  HOH HOH A . 
E 4 HOH 32  235 39  HOH HOH A . 
E 4 HOH 33  236 40  HOH HOH A . 
E 4 HOH 34  237 41  HOH HOH A . 
E 4 HOH 35  238 42  HOH HOH A . 
E 4 HOH 36  239 43  HOH HOH A . 
E 4 HOH 37  240 44  HOH HOH A . 
E 4 HOH 38  241 45  HOH HOH A . 
E 4 HOH 39  242 47  HOH HOH A . 
E 4 HOH 40  243 49  HOH HOH A . 
E 4 HOH 41  244 51  HOH HOH A . 
E 4 HOH 42  245 53  HOH HOH A . 
E 4 HOH 43  246 54  HOH HOH A . 
E 4 HOH 44  247 59  HOH HOH A . 
E 4 HOH 45  248 60  HOH HOH A . 
E 4 HOH 46  249 61  HOH HOH A . 
E 4 HOH 47  250 62  HOH HOH A . 
E 4 HOH 48  251 64  HOH HOH A . 
E 4 HOH 49  252 65  HOH HOH A . 
E 4 HOH 50  253 66  HOH HOH A . 
E 4 HOH 51  254 67  HOH HOH A . 
E 4 HOH 52  255 68  HOH HOH A . 
E 4 HOH 53  256 70  HOH HOH A . 
E 4 HOH 54  257 71  HOH HOH A . 
E 4 HOH 55  258 72  HOH HOH A . 
E 4 HOH 56  259 73  HOH HOH A . 
E 4 HOH 57  260 74  HOH HOH A . 
E 4 HOH 58  261 76  HOH HOH A . 
E 4 HOH 59  262 77  HOH HOH A . 
E 4 HOH 60  263 78  HOH HOH A . 
E 4 HOH 61  264 80  HOH HOH A . 
E 4 HOH 62  265 82  HOH HOH A . 
E 4 HOH 63  266 83  HOH HOH A . 
E 4 HOH 64  267 84  HOH HOH A . 
E 4 HOH 65  268 85  HOH HOH A . 
E 4 HOH 66  269 86  HOH HOH A . 
E 4 HOH 67  270 88  HOH HOH A . 
E 4 HOH 68  271 91  HOH HOH A . 
E 4 HOH 69  272 92  HOH HOH A . 
E 4 HOH 70  273 93  HOH HOH A . 
E 4 HOH 71  274 94  HOH HOH A . 
E 4 HOH 72  275 96  HOH HOH A . 
E 4 HOH 73  276 97  HOH HOH A . 
E 4 HOH 74  277 98  HOH HOH A . 
E 4 HOH 75  278 99  HOH HOH A . 
E 4 HOH 76  279 102 HOH HOH A . 
E 4 HOH 77  280 103 HOH HOH A . 
E 4 HOH 78  281 104 HOH HOH A . 
E 4 HOH 79  282 105 HOH HOH A . 
E 4 HOH 80  283 106 HOH HOH A . 
E 4 HOH 81  284 107 HOH HOH A . 
E 4 HOH 82  285 108 HOH HOH A . 
E 4 HOH 83  286 109 HOH HOH A . 
E 4 HOH 84  287 110 HOH HOH A . 
E 4 HOH 85  288 111 HOH HOH A . 
E 4 HOH 86  289 112 HOH HOH A . 
E 4 HOH 87  290 113 HOH HOH A . 
E 4 HOH 88  291 114 HOH HOH A . 
E 4 HOH 89  292 115 HOH HOH A . 
E 4 HOH 90  293 116 HOH HOH A . 
E 4 HOH 91  294 117 HOH HOH A . 
E 4 HOH 92  295 118 HOH HOH A . 
E 4 HOH 93  296 119 HOH HOH A . 
E 4 HOH 94  297 120 HOH HOH A . 
E 4 HOH 95  298 121 HOH HOH A . 
E 4 HOH 96  299 122 HOH HOH A . 
E 4 HOH 97  300 123 HOH HOH A . 
E 4 HOH 98  301 124 HOH HOH A . 
E 4 HOH 99  302 125 HOH HOH A . 
E 4 HOH 100 303 126 HOH HOH A . 
E 4 HOH 101 304 127 HOH HOH A . 
E 4 HOH 102 305 128 HOH HOH A . 
E 4 HOH 103 306 129 HOH HOH A . 
E 4 HOH 104 307 130 HOH HOH A . 
E 4 HOH 105 308 131 HOH HOH A . 
E 4 HOH 106 309 132 HOH HOH A . 
# 
loop_
_software.name 
_software.classification 
_software.version 
_software.citation_id 
_software.pdbx_ordinal 
SHELX   'model building'  .        ? 1 
REFMAC  refinement        5.3.0034 ? 2 
MAR345  'data collection' CCD      ? 3 
MOSFLM  'data reduction'  .        ? 4 
SCALA   'data scaling'    .        ? 5 
SHELXCD phasing           .        ? 6 
SHELXE  'model building'  .        ? 7 
# 
_cell.entry_id           3CG4 
_cell.length_a           69.454 
_cell.length_b           69.454 
_cell.length_c           49.140 
_cell.angle_alpha        90.00 
_cell.angle_beta         90.00 
_cell.angle_gamma        120.00 
_cell.Z_PDB              6 
_cell.pdbx_unique_axis   ? 
_cell.length_a_esd       ? 
_cell.length_b_esd       ? 
_cell.length_c_esd       ? 
_cell.angle_alpha_esd    ? 
_cell.angle_beta_esd     ? 
_cell.angle_gamma_esd    ? 
# 
_symmetry.entry_id                         3CG4 
_symmetry.space_group_name_H-M             'P 65' 
_symmetry.pdbx_full_space_group_name_H-M   ? 
_symmetry.cell_setting                     ? 
_symmetry.Int_Tables_number                170 
_symmetry.space_group_name_Hall            ? 
# 
_exptl.entry_id          3CG4 
_exptl.method            'X-RAY DIFFRACTION' 
_exptl.crystals_number   1 
# 
_exptl_crystal.id                    1 
_exptl_crystal.density_meas          ? 
_exptl_crystal.density_Matthews      2.13 
_exptl_crystal.density_percent_sol   42.24 
_exptl_crystal.description           ? 
_exptl_crystal.F_000                 ? 
_exptl_crystal.preparation           ? 
# 
_exptl_crystal_grow.crystal_id      1 
_exptl_crystal_grow.method          'VAPOR DIFFUSION, SITTING DROP' 
_exptl_crystal_grow.temp            294 
_exptl_crystal_grow.temp_details    ? 
_exptl_crystal_grow.pH              6.5 
_exptl_crystal_grow.pdbx_details    
'100mM Bis-Tris pH 6.5, 25% PEG 3350, 200mM Sodium chloride, 10% Glycerol, VAPOR DIFFUSION, SITTING DROP, temperature 294K' 
_exptl_crystal_grow.pdbx_pH_range   . 
# 
_diffrn.id                     1 
_diffrn.ambient_temp           77.0 
_diffrn.ambient_temp_details   ? 
_diffrn.crystal_id             1 
# 
_diffrn_detector.diffrn_id              1 
_diffrn_detector.detector               CCD 
_diffrn_detector.type                   'MAR CCD 165 mm' 
_diffrn_detector.pdbx_collection_date   2007-03-01 
_diffrn_detector.details                ? 
# 
_diffrn_radiation.diffrn_id                        1 
_diffrn_radiation.wavelength_id                    1 
_diffrn_radiation.pdbx_monochromatic_or_laue_m_l   M 
_diffrn_radiation.monochromator                    DIAMOND 
_diffrn_radiation.pdbx_diffrn_protocol             'SINGLE WAVELENGTH' 
_diffrn_radiation.pdbx_scattering_type             x-ray 
# 
_diffrn_radiation_wavelength.id           1 
_diffrn_radiation_wavelength.wavelength   0.9793 
_diffrn_radiation_wavelength.wt           1.0 
# 
_diffrn_source.diffrn_id                   1 
_diffrn_source.source                      SYNCHROTRON 
_diffrn_source.type                        'APS BEAMLINE 31-ID' 
_diffrn_source.pdbx_synchrotron_site       APS 
_diffrn_source.pdbx_synchrotron_beamline   31-ID 
_diffrn_source.pdbx_wavelength             ? 
_diffrn_source.pdbx_wavelength_list        0.9793 
# 
_reflns.entry_id                     3CG4 
_reflns.observed_criterion_sigma_I   -5.000 
_reflns.observed_criterion_sigma_F   ? 
_reflns.d_resolution_low             20.630 
_reflns.d_resolution_high            1.61 
_reflns.number_obs                   17659 
_reflns.number_all                   ? 
_reflns.percent_possible_obs         99.2 
_reflns.pdbx_Rmerge_I_obs            0.104 
_reflns.pdbx_Rsym_value              ? 
_reflns.pdbx_netI_over_sigmaI        11.6000 
_reflns.B_iso_Wilson_estimate        20.433 
_reflns.pdbx_redundancy              17.400 
_reflns.R_free_details               ? 
_reflns.limit_h_max                  ? 
_reflns.limit_h_min                  ? 
_reflns.limit_k_max                  ? 
_reflns.limit_k_min                  ? 
_reflns.limit_l_max                  ? 
_reflns.limit_l_min                  ? 
_reflns.observed_criterion_F_max     ? 
_reflns.observed_criterion_F_min     ? 
_reflns.pdbx_chi_squared             ? 
_reflns.pdbx_scaling_rejects         ? 
_reflns.pdbx_ordinal                 1 
_reflns.pdbx_diffrn_id               1 
# 
_reflns_shell.d_res_high             1.61 
_reflns_shell.d_res_low              1.69 
_reflns_shell.percent_possible_all   96.3 
_reflns_shell.Rmerge_I_obs           0.95 
_reflns_shell.pdbx_Rsym_value        ? 
_reflns_shell.meanI_over_sigI_obs    3.000 
_reflns_shell.pdbx_redundancy        15.20 
_reflns_shell.percent_possible_obs   ? 
_reflns_shell.number_unique_all      ? 
_reflns_shell.number_measured_all    ? 
_reflns_shell.number_measured_obs    ? 
_reflns_shell.number_unique_obs      ? 
_reflns_shell.pdbx_chi_squared       ? 
_reflns_shell.pdbx_ordinal           1 
_reflns_shell.pdbx_diffrn_id         1 
# 
_refine.entry_id                                 3CG4 
_refine.ls_number_reflns_obs                     16936 
_refine.ls_number_reflns_all                     ? 
_refine.pdbx_ls_sigma_I                          ? 
_refine.pdbx_ls_sigma_F                          ? 
_refine.pdbx_data_cutoff_high_absF               ? 
_refine.pdbx_data_cutoff_low_absF                ? 
_refine.pdbx_data_cutoff_high_rms_absF           ? 
_refine.ls_d_res_low                             20.00 
_refine.ls_d_res_high                            1.61 
_refine.ls_percent_reflns_obs                    99.19 
_refine.ls_R_factor_obs                          0.20213 
_refine.ls_R_factor_all                          ? 
_refine.ls_R_factor_R_work                       0.20136 
_refine.ls_R_factor_R_free                       0.22596 
_refine.ls_R_factor_R_free_error                 ? 
_refine.ls_R_factor_R_free_error_details         ? 
_refine.ls_percent_reflns_R_free                 3.2 
_refine.ls_number_reflns_R_free                  555 
_refine.ls_number_parameters                     ? 
_refine.ls_number_restraints                     ? 
_refine.occupancy_min                            ? 
_refine.occupancy_max                            ? 
_refine.correlation_coeff_Fo_to_Fc               0.954 
_refine.correlation_coeff_Fo_to_Fc_free          0.949 
_refine.B_iso_mean                               23.159 
_refine.aniso_B[1][1]                            0.67 
_refine.aniso_B[2][2]                            0.67 
_refine.aniso_B[3][3]                            -1.01 
_refine.aniso_B[1][2]                            0.34 
_refine.aniso_B[1][3]                            0.00 
_refine.aniso_B[2][3]                            0.00 
_refine.solvent_model_details                    MASK 
_refine.solvent_model_param_ksol                 ? 
_refine.solvent_model_param_bsol                 ? 
_refine.pdbx_solvent_vdw_probe_radii             1.40 
_refine.pdbx_solvent_ion_probe_radii             0.80 
_refine.pdbx_solvent_shrinkage_radii             0.80 
_refine.pdbx_ls_cross_valid_method               THROUGHOUT 
_refine.details                                  'HYDROGENS HAVE BEEN ADDED IN THE RIDING POSITIONS' 
_refine.pdbx_starting_model                      ? 
_refine.pdbx_method_to_determine_struct          SAD 
_refine.pdbx_isotropic_thermal_model             ? 
_refine.pdbx_stereochemistry_target_values       'MAXIMUM LIKELIHOOD' 
_refine.pdbx_stereochem_target_val_spec_case     ? 
_refine.pdbx_R_Free_selection_details            RANDOM 
_refine.pdbx_overall_ESU_R                       0.099 
_refine.pdbx_overall_ESU_R_Free                  0.095 
_refine.overall_SU_ML                            0.070 
_refine.overall_SU_B                             1.980 
_refine.ls_redundancy_reflns_obs                 ? 
_refine.B_iso_min                                ? 
_refine.B_iso_max                                ? 
_refine.overall_SU_R_Cruickshank_DPI             ? 
_refine.overall_SU_R_free                        ? 
_refine.ls_wR_factor_R_free                      ? 
_refine.ls_wR_factor_R_work                      ? 
_refine.overall_FOM_free_R_set                   ? 
_refine.overall_FOM_work_R_set                   ? 
_refine.pdbx_overall_phase_error                 ? 
_refine.pdbx_refine_id                           'X-RAY DIFFRACTION' 
_refine.pdbx_diffrn_id                           1 
_refine.pdbx_TLS_residual_ADP_flag               ? 
_refine.pdbx_overall_SU_R_free_Cruickshank_DPI   ? 
_refine.pdbx_overall_SU_R_Blow_DPI               ? 
_refine.pdbx_overall_SU_R_free_Blow_DPI          ? 
# 
_refine_hist.pdbx_refine_id                   'X-RAY DIFFRACTION' 
_refine_hist.cycle_id                         LAST 
_refine_hist.pdbx_number_atoms_protein        969 
_refine_hist.pdbx_number_atoms_nucleic_acid   0 
_refine_hist.pdbx_number_atoms_ligand         13 
_refine_hist.number_atoms_solvent             106 
_refine_hist.number_atoms_total               1088 
_refine_hist.d_res_high                       1.61 
_refine_hist.d_res_low                        20.00 
# 
loop_
_refine_ls_restr.type 
_refine_ls_restr.dev_ideal 
_refine_ls_restr.dev_ideal_target 
_refine_ls_restr.weight 
_refine_ls_restr.number 
_refine_ls_restr.pdbx_refine_id 
_refine_ls_restr.pdbx_restraint_function 
r_bond_refined_d             0.010  0.022  ? 1045 'X-RAY DIFFRACTION' ? 
r_bond_other_d               ?      ?      ? ?    'X-RAY DIFFRACTION' ? 
r_angle_refined_deg          1.312  1.967  ? 1417 'X-RAY DIFFRACTION' ? 
r_angle_other_deg            ?      ?      ? ?    'X-RAY DIFFRACTION' ? 
r_dihedral_angle_1_deg       5.199  5.000  ? 139  'X-RAY DIFFRACTION' ? 
r_dihedral_angle_2_deg       37.263 26.000 ? 45   'X-RAY DIFFRACTION' ? 
r_dihedral_angle_3_deg       13.347 15.000 ? 190  'X-RAY DIFFRACTION' ? 
r_dihedral_angle_4_deg       11.065 15.000 ? 3    'X-RAY DIFFRACTION' ? 
r_chiral_restr               0.095  0.200  ? 164  'X-RAY DIFFRACTION' ? 
r_gen_planes_refined         0.005  0.020  ? 773  'X-RAY DIFFRACTION' ? 
r_gen_planes_other           ?      ?      ? ?    'X-RAY DIFFRACTION' ? 
r_nbd_refined                0.171  0.300  ? 479  'X-RAY DIFFRACTION' ? 
r_nbd_other                  ?      ?      ? ?    'X-RAY DIFFRACTION' ? 
r_nbtor_refined              0.304  0.500  ? 734  'X-RAY DIFFRACTION' ? 
r_nbtor_other                ?      ?      ? ?    'X-RAY DIFFRACTION' ? 
r_xyhbond_nbd_refined        0.168  0.500  ? 166  'X-RAY DIFFRACTION' ? 
r_xyhbond_nbd_other          ?      ?      ? ?    'X-RAY DIFFRACTION' ? 
r_metal_ion_refined          ?      ?      ? ?    'X-RAY DIFFRACTION' ? 
r_metal_ion_other            ?      ?      ? ?    'X-RAY DIFFRACTION' ? 
r_symmetry_vdw_refined       0.117  0.300  ? 38   'X-RAY DIFFRACTION' ? 
r_symmetry_vdw_other         ?      ?      ? ?    'X-RAY DIFFRACTION' ? 
r_symmetry_hbond_refined     0.192  0.500  ? 21   'X-RAY DIFFRACTION' ? 
r_symmetry_hbond_other       ?      ?      ? ?    'X-RAY DIFFRACTION' ? 
r_symmetry_metal_ion_refined ?      ?      ? ?    'X-RAY DIFFRACTION' ? 
r_symmetry_metal_ion_other   ?      ?      ? ?    'X-RAY DIFFRACTION' ? 
r_mcbond_it                  3.311  2.000  ? 672  'X-RAY DIFFRACTION' ? 
r_mcbond_other               ?      ?      ? ?    'X-RAY DIFFRACTION' ? 
r_mcangle_it                 4.095  3.000  ? 1062 'X-RAY DIFFRACTION' ? 
r_scbond_it                  5.490  3.000  ? 415  'X-RAY DIFFRACTION' ? 
r_scangle_it                 7.057  5.000  ? 351  'X-RAY DIFFRACTION' ? 
r_rigid_bond_restr           ?      ?      ? ?    'X-RAY DIFFRACTION' ? 
r_sphericity_free            ?      ?      ? ?    'X-RAY DIFFRACTION' ? 
r_sphericity_bonded          ?      ?      ? ?    'X-RAY DIFFRACTION' ? 
# 
_refine_ls_shell.pdbx_total_number_of_bins_used   20 
_refine_ls_shell.d_res_high                       1.61 
_refine_ls_shell.d_res_low                        1.65 
_refine_ls_shell.number_reflns_R_work             1153 
_refine_ls_shell.R_factor_R_work                  0.32 
_refine_ls_shell.percent_reflns_obs               91.25 
_refine_ls_shell.R_factor_R_free                  0.472 
_refine_ls_shell.R_factor_R_free_error            ? 
_refine_ls_shell.percent_reflns_R_free            ? 
_refine_ls_shell.number_reflns_R_free             25 
_refine_ls_shell.number_reflns_all                ? 
_refine_ls_shell.R_factor_all                     ? 
_refine_ls_shell.number_reflns_obs                ? 
_refine_ls_shell.redundancy_reflns_obs            ? 
_refine_ls_shell.pdbx_refine_id                   'X-RAY DIFFRACTION' 
# 
_struct.entry_id                  3CG4 
_struct.title                     
'Crystal structure of response regulator receiver domain protein (CheY-like) from Methanospirillum hungatei JF-1' 
_struct.pdbx_model_details        ? 
_struct.pdbx_CASP_flag            ? 
_struct.pdbx_model_type_details   ? 
# 
_struct_keywords.entry_id        3CG4 
_struct_keywords.pdbx_keywords   'STRUCTURAL GENOMICS, UNKNOWN FUNCTION' 
_struct_keywords.text            
;STRUCTURAL GENOMICS, UNKNOWN FUNCTION, UNCHARACTERIZED PROTEIN, SIGNAL REGULATOR RECEIVER DOMAIN, PROTEIN STRUCTURE INITIATIVE, PSI-2, New York SGX Research Center for Structural Genomics, NYSGXRC
;
# 
loop_
_struct_asym.id 
_struct_asym.pdbx_blank_PDB_chainid_flag 
_struct_asym.pdbx_modified 
_struct_asym.entity_id 
_struct_asym.details 
A N N 1 ? 
B N N 2 ? 
C N N 3 ? 
D N N 3 ? 
E N N 4 ? 
# 
_struct_ref.id                         1 
_struct_ref.db_name                    UNP 
_struct_ref.db_code                    Q2FQ04_METHJ 
_struct_ref.pdbx_db_accession          Q2FQ04 
_struct_ref.entity_id                  1 
_struct_ref.pdbx_seq_one_letter_code   
;AEHKGDVMIVDDDAHVRIAVKTILSDAGFHIISADSGGQCIDLLKKGFSGVVLLDIMMPGMDGWDTIRAILDNSLEQGIA
IVMLTAKNAPDAKMIGLQEYVVDYITKPFDNEDLIEKTTFFMGFVRNQTGN
;
_struct_ref.pdbx_align_begin           2 
_struct_ref.pdbx_db_isoform            ? 
# 
_struct_ref_seq.align_id                      1 
_struct_ref_seq.ref_id                        1 
_struct_ref_seq.pdbx_PDB_id_code              3CG4 
_struct_ref_seq.pdbx_strand_id                A 
_struct_ref_seq.seq_align_beg                 4 
_struct_ref_seq.pdbx_seq_align_beg_ins_code   ? 
_struct_ref_seq.seq_align_end                 134 
_struct_ref_seq.pdbx_seq_align_end_ins_code   ? 
_struct_ref_seq.pdbx_db_accession             Q2FQ04 
_struct_ref_seq.db_align_beg                  2 
_struct_ref_seq.pdbx_db_align_beg_ins_code    ? 
_struct_ref_seq.db_align_end                  132 
_struct_ref_seq.pdbx_db_align_end_ins_code    ? 
_struct_ref_seq.pdbx_auth_seq_align_beg       2 
_struct_ref_seq.pdbx_auth_seq_align_end       132 
# 
loop_
_struct_ref_seq_dif.align_id 
_struct_ref_seq_dif.pdbx_pdb_id_code 
_struct_ref_seq_dif.mon_id 
_struct_ref_seq_dif.pdbx_pdb_strand_id 
_struct_ref_seq_dif.seq_num 
_struct_ref_seq_dif.pdbx_pdb_ins_code 
_struct_ref_seq_dif.pdbx_seq_db_name 
_struct_ref_seq_dif.pdbx_seq_db_accession_code 
_struct_ref_seq_dif.db_mon_id 
_struct_ref_seq_dif.pdbx_seq_db_seq_num 
_struct_ref_seq_dif.details 
_struct_ref_seq_dif.pdbx_auth_seq_num 
_struct_ref_seq_dif.pdbx_ordinal 
1 3CG4 MSE A 1   ? UNP Q2FQ04 ? ? 'expression tag' -1  1  
1 3CG4 SER A 2   ? UNP Q2FQ04 ? ? 'expression tag' 0   2  
1 3CG4 LEU A 3   ? UNP Q2FQ04 ? ? 'expression tag' 1   3  
1 3CG4 GLU A 135 ? UNP Q2FQ04 ? ? 'expression tag' 133 4  
1 3CG4 GLY A 136 ? UNP Q2FQ04 ? ? 'expression tag' 134 5  
1 3CG4 HIS A 137 ? UNP Q2FQ04 ? ? 'expression tag' 135 6  
1 3CG4 HIS A 138 ? UNP Q2FQ04 ? ? 'expression tag' 136 7  
1 3CG4 HIS A 139 ? UNP Q2FQ04 ? ? 'expression tag' 137 8  
1 3CG4 HIS A 140 ? UNP Q2FQ04 ? ? 'expression tag' 138 9  
1 3CG4 HIS A 141 ? UNP Q2FQ04 ? ? 'expression tag' 139 10 
1 3CG4 HIS A 142 ? UNP Q2FQ04 ? ? 'expression tag' 140 11 
# 
_pdbx_struct_assembly.id                   1 
_pdbx_struct_assembly.details              author_and_software_defined_assembly 
_pdbx_struct_assembly.method_details       PISA 
_pdbx_struct_assembly.oligomeric_details   monomeric 
_pdbx_struct_assembly.oligomeric_count     1 
# 
_pdbx_struct_assembly_gen.assembly_id       1 
_pdbx_struct_assembly_gen.oper_expression   1 
_pdbx_struct_assembly_gen.asym_id_list      A,B,C,D,E 
# 
_pdbx_struct_oper_list.id                   1 
_pdbx_struct_oper_list.type                 'identity operation' 
_pdbx_struct_oper_list.name                 1_555 
_pdbx_struct_oper_list.symmetry_operation   x,y,z 
_pdbx_struct_oper_list.matrix[1][1]         1.0000000000 
_pdbx_struct_oper_list.matrix[1][2]         0.0000000000 
_pdbx_struct_oper_list.matrix[1][3]         0.0000000000 
_pdbx_struct_oper_list.vector[1]            0.0000000000 
_pdbx_struct_oper_list.matrix[2][1]         0.0000000000 
_pdbx_struct_oper_list.matrix[2][2]         1.0000000000 
_pdbx_struct_oper_list.matrix[2][3]         0.0000000000 
_pdbx_struct_oper_list.vector[2]            0.0000000000 
_pdbx_struct_oper_list.matrix[3][1]         0.0000000000 
_pdbx_struct_oper_list.matrix[3][2]         0.0000000000 
_pdbx_struct_oper_list.matrix[3][3]         1.0000000000 
_pdbx_struct_oper_list.vector[3]            0.0000000000 
# 
_struct_biol.id        1 
_struct_biol.details   ? 
# 
loop_
_struct_conf.conf_type_id 
_struct_conf.id 
_struct_conf.pdbx_PDB_helix_id 
_struct_conf.beg_label_comp_id 
_struct_conf.beg_label_asym_id 
_struct_conf.beg_label_seq_id 
_struct_conf.pdbx_beg_PDB_ins_code 
_struct_conf.end_label_comp_id 
_struct_conf.end_label_asym_id 
_struct_conf.end_label_seq_id 
_struct_conf.pdbx_end_PDB_ins_code 
_struct_conf.beg_auth_comp_id 
_struct_conf.beg_auth_asym_id 
_struct_conf.beg_auth_seq_id 
_struct_conf.end_auth_comp_id 
_struct_conf.end_auth_asym_id 
_struct_conf.end_auth_seq_id 
_struct_conf.pdbx_PDB_helix_class 
_struct_conf.details 
_struct_conf.pdbx_PDB_helix_length 
HELX_P HELX_P1 1 ASP A 16  ? ALA A 30  ? ASP A 14  ALA A 28  1 ? 15 
HELX_P HELX_P2 2 SER A 39  ? LYS A 49  ? SER A 37  LYS A 47  1 ? 11 
HELX_P HELX_P3 3 ASP A 65  ? ASN A 76  ? ASP A 63  ASN A 74  1 ? 12 
HELX_P HELX_P4 4 GLY A 99  ? GLU A 102 ? GLY A 97  GLU A 100 5 ? 4  
HELX_P HELX_P5 5 ASP A 113 ? GLN A 131 ? ASP A 111 GLN A 129 1 ? 19 
# 
_struct_conf_type.id          HELX_P 
_struct_conf_type.criteria    ? 
_struct_conf_type.reference   ? 
# 
loop_
_struct_conn.id 
_struct_conn.conn_type_id 
_struct_conn.pdbx_leaving_atom_flag 
_struct_conn.pdbx_PDB_id 
_struct_conn.ptnr1_label_asym_id 
_struct_conn.ptnr1_label_comp_id 
_struct_conn.ptnr1_label_seq_id 
_struct_conn.ptnr1_label_atom_id 
_struct_conn.pdbx_ptnr1_label_alt_id 
_struct_conn.pdbx_ptnr1_PDB_ins_code 
_struct_conn.pdbx_ptnr1_standard_comp_id 
_struct_conn.ptnr1_symmetry 
_struct_conn.ptnr2_label_asym_id 
_struct_conn.ptnr2_label_comp_id 
_struct_conn.ptnr2_label_seq_id 
_struct_conn.ptnr2_label_atom_id 
_struct_conn.pdbx_ptnr2_label_alt_id 
_struct_conn.pdbx_ptnr2_PDB_ins_code 
_struct_conn.ptnr1_auth_asym_id 
_struct_conn.ptnr1_auth_comp_id 
_struct_conn.ptnr1_auth_seq_id 
_struct_conn.ptnr2_auth_asym_id 
_struct_conn.ptnr2_auth_comp_id 
_struct_conn.ptnr2_auth_seq_id 
_struct_conn.ptnr2_symmetry 
_struct_conn.pdbx_ptnr3_label_atom_id 
_struct_conn.pdbx_ptnr3_label_seq_id 
_struct_conn.pdbx_ptnr3_label_comp_id 
_struct_conn.pdbx_ptnr3_label_asym_id 
_struct_conn.pdbx_ptnr3_label_alt_id 
_struct_conn.pdbx_ptnr3_PDB_ins_code 
_struct_conn.details 
_struct_conn.pdbx_dist_value 
_struct_conn.pdbx_value_order 
_struct_conn.pdbx_role 
covale1  covale both ? A VAL 10  C   ? ? ? 1_555 A MSE 11  N  ? ? A VAL 8   A MSE 9   1_555 ? ? ? ? ? ? ? 1.321 ? ? 
covale2  covale both ? A MSE 11  C   ? ? ? 1_555 A ILE 12  N  ? ? A MSE 9   A ILE 10  1_555 ? ? ? ? ? ? ? 1.327 ? ? 
covale3  covale both ? A ILE 59  C   ? ? ? 1_555 A MSE 60  N  ? ? A ILE 57  A MSE 58  1_555 ? ? ? ? ? ? ? 1.325 ? ? 
covale4  covale both ? A MSE 60  C   ? ? ? 1_555 A MSE 61  N  ? ? A MSE 58  A MSE 59  1_555 ? ? ? ? ? ? ? 1.324 ? ? 
covale5  covale both ? A MSE 61  C   ? ? ? 1_555 A PRO 62  N  ? ? A MSE 59  A PRO 60  1_555 ? ? ? ? ? ? ? 1.343 ? ? 
covale6  covale both ? A GLY 63  C   ? ? ? 1_555 A MSE 64  N  ? ? A GLY 61  A MSE 62  1_555 ? ? ? ? ? ? ? 1.328 ? ? 
covale7  covale both ? A MSE 64  C   ? ? ? 1_555 A ASP 65  N  ? ? A MSE 62  A ASP 63  1_555 ? ? ? ? ? ? ? 1.323 ? ? 
covale8  covale both ? A VAL 85  C   ? ? ? 1_555 A MSE 86  N  ? ? A VAL 83  A MSE 84  1_555 ? ? ? ? ? ? ? 1.325 ? ? 
covale9  covale both ? A MSE 86  C   ? ? ? 1_555 A LEU 87  N  ? ? A MSE 84  A LEU 85  1_555 ? ? ? ? ? ? ? 1.330 ? ? 
covale10 covale both ? A LYS 96  C   ? ? ? 1_555 A MSE 97  N  ? ? A LYS 94  A MSE 95  1_555 ? ? ? ? ? ? ? 1.331 ? ? 
covale11 covale both ? A MSE 97  C   ? ? ? 1_555 A ILE 98  N  ? ? A MSE 95  A ILE 96  1_555 ? ? ? ? ? ? ? 1.330 ? ? 
covale12 covale both ? A PHE 124 C   ? ? ? 1_555 A MSE 125 N  ? ? A PHE 122 A MSE 123 1_555 ? ? ? ? ? ? ? 1.331 ? ? 
covale13 covale both ? A MSE 125 C   ? ? ? 1_555 A GLY 126 N  ? ? A MSE 123 A GLY 124 1_555 ? ? ? ? ? ? ? 1.337 ? ? 
metalc1  metalc ?    ? A ASP 15  OD1 ? ? ? 1_555 B MG  .   MG ? ? A ASP 13  A MG  201 1_555 ? ? ? ? ? ? ? 2.285 ? ? 
metalc2  metalc ?    ? A ASP 58  OD2 ? ? ? 1_555 B MG  .   MG ? ? A ASP 56  A MG  201 1_555 ? ? ? ? ? ? ? 2.198 ? ? 
metalc3  metalc ?    ? A MSE 60  O   ? ? ? 1_555 B MG  .   MG ? ? A MSE 58  A MG  201 1_555 ? ? ? ? ? ? ? 2.202 ? ? 
metalc4  metalc ?    ? B MG  .   MG  ? ? ? 1_555 E HOH .   O  ? ? A MG  201 A HOH 218 1_555 ? ? ? ? ? ? ? 2.238 ? ? 
metalc5  metalc ?    ? B MG  .   MG  ? ? ? 1_555 E HOH .   O  ? ? A MG  201 A HOH 246 1_555 ? ? ? ? ? ? ? 2.246 ? ? 
# 
loop_
_struct_conn_type.id 
_struct_conn_type.criteria 
_struct_conn_type.reference 
covale ? ? 
metalc ? ? 
# 
loop_
_pdbx_struct_conn_angle.id 
_pdbx_struct_conn_angle.ptnr1_label_atom_id 
_pdbx_struct_conn_angle.ptnr1_label_alt_id 
_pdbx_struct_conn_angle.ptnr1_label_asym_id 
_pdbx_struct_conn_angle.ptnr1_label_comp_id 
_pdbx_struct_conn_angle.ptnr1_label_seq_id 
_pdbx_struct_conn_angle.ptnr1_auth_atom_id 
_pdbx_struct_conn_angle.ptnr1_auth_asym_id 
_pdbx_struct_conn_angle.ptnr1_auth_comp_id 
_pdbx_struct_conn_angle.ptnr1_auth_seq_id 
_pdbx_struct_conn_angle.ptnr1_PDB_ins_code 
_pdbx_struct_conn_angle.ptnr1_symmetry 
_pdbx_struct_conn_angle.ptnr2_label_atom_id 
_pdbx_struct_conn_angle.ptnr2_label_alt_id 
_pdbx_struct_conn_angle.ptnr2_label_asym_id 
_pdbx_struct_conn_angle.ptnr2_label_comp_id 
_pdbx_struct_conn_angle.ptnr2_label_seq_id 
_pdbx_struct_conn_angle.ptnr2_auth_atom_id 
_pdbx_struct_conn_angle.ptnr2_auth_asym_id 
_pdbx_struct_conn_angle.ptnr2_auth_comp_id 
_pdbx_struct_conn_angle.ptnr2_auth_seq_id 
_pdbx_struct_conn_angle.ptnr2_PDB_ins_code 
_pdbx_struct_conn_angle.ptnr2_symmetry 
_pdbx_struct_conn_angle.ptnr3_label_atom_id 
_pdbx_struct_conn_angle.ptnr3_label_alt_id 
_pdbx_struct_conn_angle.ptnr3_label_asym_id 
_pdbx_struct_conn_angle.ptnr3_label_comp_id 
_pdbx_struct_conn_angle.ptnr3_label_seq_id 
_pdbx_struct_conn_angle.ptnr3_auth_atom_id 
_pdbx_struct_conn_angle.ptnr3_auth_asym_id 
_pdbx_struct_conn_angle.ptnr3_auth_comp_id 
_pdbx_struct_conn_angle.ptnr3_auth_seq_id 
_pdbx_struct_conn_angle.ptnr3_PDB_ins_code 
_pdbx_struct_conn_angle.ptnr3_symmetry 
_pdbx_struct_conn_angle.value 
_pdbx_struct_conn_angle.value_esd 
1  OD1 ? A ASP 15 ? A ASP 13  ? 1_555 MG ? B MG . ? A MG 201 ? 1_555 OD2 ? A ASP 58 ? A ASP 56  ? 1_555 79.1  ? 
2  OD1 ? A ASP 15 ? A ASP 13  ? 1_555 MG ? B MG . ? A MG 201 ? 1_555 O   ? A MSE 60 ? A MSE 58  ? 1_555 93.0  ? 
3  OD2 ? A ASP 58 ? A ASP 56  ? 1_555 MG ? B MG . ? A MG 201 ? 1_555 O   ? A MSE 60 ? A MSE 58  ? 1_555 90.1  ? 
4  OD1 ? A ASP 15 ? A ASP 13  ? 1_555 MG ? B MG . ? A MG 201 ? 1_555 O   ? E HOH .  ? A HOH 218 ? 1_555 86.2  ? 
5  OD2 ? A ASP 58 ? A ASP 56  ? 1_555 MG ? B MG . ? A MG 201 ? 1_555 O   ? E HOH .  ? A HOH 218 ? 1_555 165.2 ? 
6  O   ? A MSE 60 ? A MSE 58  ? 1_555 MG ? B MG . ? A MG 201 ? 1_555 O   ? E HOH .  ? A HOH 218 ? 1_555 89.3  ? 
7  OD1 ? A ASP 15 ? A ASP 13  ? 1_555 MG ? B MG . ? A MG 201 ? 1_555 O   ? E HOH .  ? A HOH 246 ? 1_555 86.7  ? 
8  OD2 ? A ASP 58 ? A ASP 56  ? 1_555 MG ? B MG . ? A MG 201 ? 1_555 O   ? E HOH .  ? A HOH 246 ? 1_555 83.1  ? 
9  O   ? A MSE 60 ? A MSE 58  ? 1_555 MG ? B MG . ? A MG 201 ? 1_555 O   ? E HOH .  ? A HOH 246 ? 1_555 173.1 ? 
10 O   ? E HOH .  ? A HOH 218 ? 1_555 MG ? B MG . ? A MG 201 ? 1_555 O   ? E HOH .  ? A HOH 246 ? 1_555 97.5  ? 
# 
loop_
_pdbx_modification_feature.ordinal 
_pdbx_modification_feature.label_comp_id 
_pdbx_modification_feature.label_asym_id 
_pdbx_modification_feature.label_seq_id 
_pdbx_modification_feature.label_alt_id 
_pdbx_modification_feature.modified_residue_label_comp_id 
_pdbx_modification_feature.modified_residue_label_asym_id 
_pdbx_modification_feature.modified_residue_label_seq_id 
_pdbx_modification_feature.modified_residue_label_alt_id 
_pdbx_modification_feature.auth_comp_id 
_pdbx_modification_feature.auth_asym_id 
_pdbx_modification_feature.auth_seq_id 
_pdbx_modification_feature.PDB_ins_code 
_pdbx_modification_feature.symmetry 
_pdbx_modification_feature.modified_residue_auth_comp_id 
_pdbx_modification_feature.modified_residue_auth_asym_id 
_pdbx_modification_feature.modified_residue_auth_seq_id 
_pdbx_modification_feature.modified_residue_PDB_ins_code 
_pdbx_modification_feature.modified_residue_symmetry 
_pdbx_modification_feature.comp_id_linking_atom 
_pdbx_modification_feature.modified_residue_id_linking_atom 
_pdbx_modification_feature.modified_residue_id 
_pdbx_modification_feature.ref_pcm_id 
_pdbx_modification_feature.ref_comp_id 
_pdbx_modification_feature.type 
_pdbx_modification_feature.category 
1 MSE A 11  ? . . . . MSE A 9   ? 1_555 . . . . . . . MET 1 MSE Selenomethionine 'Named protein modification' 
2 MSE A 60  ? . . . . MSE A 58  ? 1_555 . . . . . . . MET 1 MSE Selenomethionine 'Named protein modification' 
3 MSE A 61  ? . . . . MSE A 59  ? 1_555 . . . . . . . MET 1 MSE Selenomethionine 'Named protein modification' 
4 MSE A 64  ? . . . . MSE A 62  ? 1_555 . . . . . . . MET 1 MSE Selenomethionine 'Named protein modification' 
5 MSE A 86  ? . . . . MSE A 84  ? 1_555 . . . . . . . MET 1 MSE Selenomethionine 'Named protein modification' 
6 MSE A 97  ? . . . . MSE A 95  ? 1_555 . . . . . . . MET 1 MSE Selenomethionine 'Named protein modification' 
7 MSE A 125 ? . . . . MSE A 123 ? 1_555 . . . . . . . MET 1 MSE Selenomethionine 'Named protein modification' 
# 
_struct_mon_prot_cis.pdbx_id                1 
_struct_mon_prot_cis.label_comp_id          LYS 
_struct_mon_prot_cis.label_seq_id           110 
_struct_mon_prot_cis.label_asym_id          A 
_struct_mon_prot_cis.label_alt_id           . 
_struct_mon_prot_cis.pdbx_PDB_ins_code      ? 
_struct_mon_prot_cis.auth_comp_id           LYS 
_struct_mon_prot_cis.auth_seq_id            108 
_struct_mon_prot_cis.auth_asym_id           A 
_struct_mon_prot_cis.pdbx_label_comp_id_2   PRO 
_struct_mon_prot_cis.pdbx_label_seq_id_2    111 
_struct_mon_prot_cis.pdbx_label_asym_id_2   A 
_struct_mon_prot_cis.pdbx_PDB_ins_code_2    ? 
_struct_mon_prot_cis.pdbx_auth_comp_id_2    PRO 
_struct_mon_prot_cis.pdbx_auth_seq_id_2     109 
_struct_mon_prot_cis.pdbx_auth_asym_id_2    A 
_struct_mon_prot_cis.pdbx_PDB_model_num     1 
_struct_mon_prot_cis.pdbx_omega_angle       -5.17 
# 
_struct_sheet.id               A 
_struct_sheet.type             ? 
_struct_sheet.number_strands   5 
_struct_sheet.details          ? 
# 
loop_
_struct_sheet_order.sheet_id 
_struct_sheet_order.range_id_1 
_struct_sheet_order.range_id_2 
_struct_sheet_order.offset 
_struct_sheet_order.sense 
A 1 2 ? parallel 
A 2 3 ? parallel 
A 3 4 ? parallel 
A 4 5 ? parallel 
# 
loop_
_struct_sheet_range.sheet_id 
_struct_sheet_range.id 
_struct_sheet_range.beg_label_comp_id 
_struct_sheet_range.beg_label_asym_id 
_struct_sheet_range.beg_label_seq_id 
_struct_sheet_range.pdbx_beg_PDB_ins_code 
_struct_sheet_range.end_label_comp_id 
_struct_sheet_range.end_label_asym_id 
_struct_sheet_range.end_label_seq_id 
_struct_sheet_range.pdbx_end_PDB_ins_code 
_struct_sheet_range.beg_auth_comp_id 
_struct_sheet_range.beg_auth_asym_id 
_struct_sheet_range.beg_auth_seq_id 
_struct_sheet_range.end_auth_comp_id 
_struct_sheet_range.end_auth_asym_id 
_struct_sheet_range.end_auth_seq_id 
A 1 HIS A 33  ? ALA A 37  ? HIS A 31  ALA A 35  
A 2 ASP A 9   ? VAL A 13  ? ASP A 7   VAL A 11  
A 3 GLY A 53  ? ASP A 58  ? GLY A 51  ASP A 56  
A 4 ILE A 82  ? THR A 88  ? ILE A 80  THR A 86  
A 5 VAL A 104 ? THR A 109 ? VAL A 102 THR A 107 
# 
loop_
_pdbx_struct_sheet_hbond.sheet_id 
_pdbx_struct_sheet_hbond.range_id_1 
_pdbx_struct_sheet_hbond.range_id_2 
_pdbx_struct_sheet_hbond.range_1_label_atom_id 
_pdbx_struct_sheet_hbond.range_1_label_comp_id 
_pdbx_struct_sheet_hbond.range_1_label_asym_id 
_pdbx_struct_sheet_hbond.range_1_label_seq_id 
_pdbx_struct_sheet_hbond.range_1_PDB_ins_code 
_pdbx_struct_sheet_hbond.range_1_auth_atom_id 
_pdbx_struct_sheet_hbond.range_1_auth_comp_id 
_pdbx_struct_sheet_hbond.range_1_auth_asym_id 
_pdbx_struct_sheet_hbond.range_1_auth_seq_id 
_pdbx_struct_sheet_hbond.range_2_label_atom_id 
_pdbx_struct_sheet_hbond.range_2_label_comp_id 
_pdbx_struct_sheet_hbond.range_2_label_asym_id 
_pdbx_struct_sheet_hbond.range_2_label_seq_id 
_pdbx_struct_sheet_hbond.range_2_PDB_ins_code 
_pdbx_struct_sheet_hbond.range_2_auth_atom_id 
_pdbx_struct_sheet_hbond.range_2_auth_comp_id 
_pdbx_struct_sheet_hbond.range_2_auth_asym_id 
_pdbx_struct_sheet_hbond.range_2_auth_seq_id 
A 1 2 O HIS A 33 ? O HIS A 31 N VAL A 10  ? N VAL A 8   
A 2 3 N MSE A 11 ? N MSE A 9  O LEU A 56  ? O LEU A 54  
A 3 4 N VAL A 55 ? N VAL A 53 O ALA A 83  ? O ALA A 81  
A 4 5 N ILE A 84 ? N ILE A 82 O VAL A 105 ? O VAL A 103 
# 
loop_
_struct_site.id 
_struct_site.pdbx_evidence_code 
_struct_site.pdbx_auth_asym_id 
_struct_site.pdbx_auth_comp_id 
_struct_site.pdbx_auth_seq_id 
_struct_site.pdbx_auth_ins_code 
_struct_site.pdbx_num_residues 
_struct_site.details 
AC1 Software A MG  201 ? 5 'BINDING SITE FOR RESIDUE MG A 201'  
AC2 Software A GOL 202 ? 5 'BINDING SITE FOR RESIDUE GOL A 202' 
AC3 Software A GOL 203 ? 5 'BINDING SITE FOR RESIDUE GOL A 203' 
# 
loop_
_struct_site_gen.id 
_struct_site_gen.site_id 
_struct_site_gen.pdbx_num_res 
_struct_site_gen.label_comp_id 
_struct_site_gen.label_asym_id 
_struct_site_gen.label_seq_id 
_struct_site_gen.pdbx_auth_ins_code 
_struct_site_gen.auth_comp_id 
_struct_site_gen.auth_asym_id 
_struct_site_gen.auth_seq_id 
_struct_site_gen.label_atom_id 
_struct_site_gen.label_alt_id 
_struct_site_gen.symmetry 
_struct_site_gen.details 
1  AC1 5 ASP A 15  ? ASP A 13  . ? 1_555 ? 
2  AC1 5 ASP A 58  ? ASP A 56  . ? 1_555 ? 
3  AC1 5 HOH E .   ? HOH A 218 . ? 1_555 ? 
4  AC1 5 HOH E .   ? HOH A 230 . ? 4_664 ? 
5  AC1 5 HOH E .   ? HOH A 246 . ? 1_555 ? 
6  AC2 5 ARG A 71  ? ARG A 69  . ? 1_555 ? 
7  AC2 5 LEU A 74  ? LEU A 72  . ? 1_555 ? 
8  AC2 5 ASP A 75  ? ASP A 73  . ? 1_555 ? 
9  AC2 5 PRO A 111 ? PRO A 109 . ? 4_665 ? 
10 AC2 5 HOH E .   ? HOH A 264 . ? 1_555 ? 
11 AC3 5 GLN A 101 ? GLN A 99  . ? 1_555 ? 
12 AC3 5 HOH E .   ? HOH A 225 . ? 4_665 ? 
13 AC3 5 HOH E .   ? HOH A 266 . ? 5_565 ? 
14 AC3 5 HOH E .   ? HOH A 297 . ? 1_555 ? 
15 AC3 5 HOH E .   ? HOH A 307 . ? 4_665 ? 
# 
_pdbx_entry_details.entry_id                   3CG4 
_pdbx_entry_details.compound_details           ? 
_pdbx_entry_details.source_details             ? 
_pdbx_entry_details.nonpolymer_details         ? 
_pdbx_entry_details.sequence_details           ? 
_pdbx_entry_details.has_ligand_of_interest     ? 
_pdbx_entry_details.has_protein_modification   Y 
# 
_pdbx_validate_torsion.id              1 
_pdbx_validate_torsion.PDB_model_num   1 
_pdbx_validate_torsion.auth_comp_id    ASN 
_pdbx_validate_torsion.auth_asym_id    A 
_pdbx_validate_torsion.auth_seq_id     89 
_pdbx_validate_torsion.PDB_ins_code    ? 
_pdbx_validate_torsion.label_alt_id    B 
_pdbx_validate_torsion.phi             -98.95 
_pdbx_validate_torsion.psi             53.81 
# 
_pdbx_SG_project.id                    1 
_pdbx_SG_project.project_name          'PSI, Protein Structure Initiative' 
_pdbx_SG_project.full_name_of_center   'New York SGX Research Center for Structural Genomics' 
_pdbx_SG_project.initial_of_center     NYSGXRC 
# 
loop_
_pdbx_struct_mod_residue.id 
_pdbx_struct_mod_residue.label_asym_id 
_pdbx_struct_mod_residue.label_comp_id 
_pdbx_struct_mod_residue.label_seq_id 
_pdbx_struct_mod_residue.auth_asym_id 
_pdbx_struct_mod_residue.auth_comp_id 
_pdbx_struct_mod_residue.auth_seq_id 
_pdbx_struct_mod_residue.PDB_ins_code 
_pdbx_struct_mod_residue.parent_comp_id 
_pdbx_struct_mod_residue.details 
1 A MSE 11  A MSE 9   ? MET SELENOMETHIONINE 
2 A MSE 60  A MSE 58  ? MET SELENOMETHIONINE 
3 A MSE 61  A MSE 59  ? MET SELENOMETHIONINE 
4 A MSE 64  A MSE 62  ? MET SELENOMETHIONINE 
5 A MSE 86  A MSE 84  ? MET SELENOMETHIONINE 
6 A MSE 97  A MSE 95  ? MET SELENOMETHIONINE 
7 A MSE 125 A MSE 123 ? MET SELENOMETHIONINE 
# 
loop_
_pdbx_unobs_or_zero_occ_residues.id 
_pdbx_unobs_or_zero_occ_residues.PDB_model_num 
_pdbx_unobs_or_zero_occ_residues.polymer_flag 
_pdbx_unobs_or_zero_occ_residues.occupancy_flag 
_pdbx_unobs_or_zero_occ_residues.auth_asym_id 
_pdbx_unobs_or_zero_occ_residues.auth_comp_id 
_pdbx_unobs_or_zero_occ_residues.auth_seq_id 
_pdbx_unobs_or_zero_occ_residues.PDB_ins_code 
_pdbx_unobs_or_zero_occ_residues.label_asym_id 
_pdbx_unobs_or_zero_occ_residues.label_comp_id 
_pdbx_unobs_or_zero_occ_residues.label_seq_id 
1  1 Y 1 A MSE -1  ? A MSE 1   
2  1 Y 1 A SER 0   ? A SER 2   
3  1 Y 1 A LEU 1   ? A LEU 3   
4  1 Y 1 A ALA 2   ? A ALA 4   
5  1 Y 1 A GLU 3   ? A GLU 5   
6  1 Y 1 A THR 130 ? A THR 132 
7  1 Y 1 A GLY 131 ? A GLY 133 
8  1 Y 1 A ASN 132 ? A ASN 134 
9  1 Y 1 A GLU 133 ? A GLU 135 
10 1 Y 1 A GLY 134 ? A GLY 136 
11 1 Y 1 A HIS 135 ? A HIS 137 
12 1 Y 1 A HIS 136 ? A HIS 138 
13 1 Y 1 A HIS 137 ? A HIS 139 
14 1 Y 1 A HIS 138 ? A HIS 140 
15 1 Y 1 A HIS 139 ? A HIS 141 
16 1 Y 1 A HIS 140 ? A HIS 142 
# 
loop_
_chem_comp_atom.comp_id 
_chem_comp_atom.atom_id 
_chem_comp_atom.type_symbol 
_chem_comp_atom.pdbx_aromatic_flag 
_chem_comp_atom.pdbx_stereo_config 
_chem_comp_atom.pdbx_ordinal 
ALA N    N  N N 1   
ALA CA   C  N S 2   
ALA C    C  N N 3   
ALA O    O  N N 4   
ALA CB   C  N N 5   
ALA OXT  O  N N 6   
ALA H    H  N N 7   
ALA H2   H  N N 8   
ALA HA   H  N N 9   
ALA HB1  H  N N 10  
ALA HB2  H  N N 11  
ALA HB3  H  N N 12  
ALA HXT  H  N N 13  
ARG N    N  N N 14  
ARG CA   C  N S 15  
ARG C    C  N N 16  
ARG O    O  N N 17  
ARG CB   C  N N 18  
ARG CG   C  N N 19  
ARG CD   C  N N 20  
ARG NE   N  N N 21  
ARG CZ   C  N N 22  
ARG NH1  N  N N 23  
ARG NH2  N  N N 24  
ARG OXT  O  N N 25  
ARG H    H  N N 26  
ARG H2   H  N N 27  
ARG HA   H  N N 28  
ARG HB2  H  N N 29  
ARG HB3  H  N N 30  
ARG HG2  H  N N 31  
ARG HG3  H  N N 32  
ARG HD2  H  N N 33  
ARG HD3  H  N N 34  
ARG HE   H  N N 35  
ARG HH11 H  N N 36  
ARG HH12 H  N N 37  
ARG HH21 H  N N 38  
ARG HH22 H  N N 39  
ARG HXT  H  N N 40  
ASN N    N  N N 41  
ASN CA   C  N S 42  
ASN C    C  N N 43  
ASN O    O  N N 44  
ASN CB   C  N N 45  
ASN CG   C  N N 46  
ASN OD1  O  N N 47  
ASN ND2  N  N N 48  
ASN OXT  O  N N 49  
ASN H    H  N N 50  
ASN H2   H  N N 51  
ASN HA   H  N N 52  
ASN HB2  H  N N 53  
ASN HB3  H  N N 54  
ASN HD21 H  N N 55  
ASN HD22 H  N N 56  
ASN HXT  H  N N 57  
ASP N    N  N N 58  
ASP CA   C  N S 59  
ASP C    C  N N 60  
ASP O    O  N N 61  
ASP CB   C  N N 62  
ASP CG   C  N N 63  
ASP OD1  O  N N 64  
ASP OD2  O  N N 65  
ASP OXT  O  N N 66  
ASP H    H  N N 67  
ASP H2   H  N N 68  
ASP HA   H  N N 69  
ASP HB2  H  N N 70  
ASP HB3  H  N N 71  
ASP HD2  H  N N 72  
ASP HXT  H  N N 73  
CYS N    N  N N 74  
CYS CA   C  N R 75  
CYS C    C  N N 76  
CYS O    O  N N 77  
CYS CB   C  N N 78  
CYS SG   S  N N 79  
CYS OXT  O  N N 80  
CYS H    H  N N 81  
CYS H2   H  N N 82  
CYS HA   H  N N 83  
CYS HB2  H  N N 84  
CYS HB3  H  N N 85  
CYS HG   H  N N 86  
CYS HXT  H  N N 87  
GLN N    N  N N 88  
GLN CA   C  N S 89  
GLN C    C  N N 90  
GLN O    O  N N 91  
GLN CB   C  N N 92  
GLN CG   C  N N 93  
GLN CD   C  N N 94  
GLN OE1  O  N N 95  
GLN NE2  N  N N 96  
GLN OXT  O  N N 97  
GLN H    H  N N 98  
GLN H2   H  N N 99  
GLN HA   H  N N 100 
GLN HB2  H  N N 101 
GLN HB3  H  N N 102 
GLN HG2  H  N N 103 
GLN HG3  H  N N 104 
GLN HE21 H  N N 105 
GLN HE22 H  N N 106 
GLN HXT  H  N N 107 
GLU N    N  N N 108 
GLU CA   C  N S 109 
GLU C    C  N N 110 
GLU O    O  N N 111 
GLU CB   C  N N 112 
GLU CG   C  N N 113 
GLU CD   C  N N 114 
GLU OE1  O  N N 115 
GLU OE2  O  N N 116 
GLU OXT  O  N N 117 
GLU H    H  N N 118 
GLU H2   H  N N 119 
GLU HA   H  N N 120 
GLU HB2  H  N N 121 
GLU HB3  H  N N 122 
GLU HG2  H  N N 123 
GLU HG3  H  N N 124 
GLU HE2  H  N N 125 
GLU HXT  H  N N 126 
GLY N    N  N N 127 
GLY CA   C  N N 128 
GLY C    C  N N 129 
GLY O    O  N N 130 
GLY OXT  O  N N 131 
GLY H    H  N N 132 
GLY H2   H  N N 133 
GLY HA2  H  N N 134 
GLY HA3  H  N N 135 
GLY HXT  H  N N 136 
GOL C1   C  N N 137 
GOL O1   O  N N 138 
GOL C2   C  N N 139 
GOL O2   O  N N 140 
GOL C3   C  N N 141 
GOL O3   O  N N 142 
GOL H11  H  N N 143 
GOL H12  H  N N 144 
GOL HO1  H  N N 145 
GOL H2   H  N N 146 
GOL HO2  H  N N 147 
GOL H31  H  N N 148 
GOL H32  H  N N 149 
GOL HO3  H  N N 150 
HIS N    N  N N 151 
HIS CA   C  N S 152 
HIS C    C  N N 153 
HIS O    O  N N 154 
HIS CB   C  N N 155 
HIS CG   C  Y N 156 
HIS ND1  N  Y N 157 
HIS CD2  C  Y N 158 
HIS CE1  C  Y N 159 
HIS NE2  N  Y N 160 
HIS OXT  O  N N 161 
HIS H    H  N N 162 
HIS H2   H  N N 163 
HIS HA   H  N N 164 
HIS HB2  H  N N 165 
HIS HB3  H  N N 166 
HIS HD1  H  N N 167 
HIS HD2  H  N N 168 
HIS HE1  H  N N 169 
HIS HE2  H  N N 170 
HIS HXT  H  N N 171 
HOH O    O  N N 172 
HOH H1   H  N N 173 
HOH H2   H  N N 174 
ILE N    N  N N 175 
ILE CA   C  N S 176 
ILE C    C  N N 177 
ILE O    O  N N 178 
ILE CB   C  N S 179 
ILE CG1  C  N N 180 
ILE CG2  C  N N 181 
ILE CD1  C  N N 182 
ILE OXT  O  N N 183 
ILE H    H  N N 184 
ILE H2   H  N N 185 
ILE HA   H  N N 186 
ILE HB   H  N N 187 
ILE HG12 H  N N 188 
ILE HG13 H  N N 189 
ILE HG21 H  N N 190 
ILE HG22 H  N N 191 
ILE HG23 H  N N 192 
ILE HD11 H  N N 193 
ILE HD12 H  N N 194 
ILE HD13 H  N N 195 
ILE HXT  H  N N 196 
LEU N    N  N N 197 
LEU CA   C  N S 198 
LEU C    C  N N 199 
LEU O    O  N N 200 
LEU CB   C  N N 201 
LEU CG   C  N N 202 
LEU CD1  C  N N 203 
LEU CD2  C  N N 204 
LEU OXT  O  N N 205 
LEU H    H  N N 206 
LEU H2   H  N N 207 
LEU HA   H  N N 208 
LEU HB2  H  N N 209 
LEU HB3  H  N N 210 
LEU HG   H  N N 211 
LEU HD11 H  N N 212 
LEU HD12 H  N N 213 
LEU HD13 H  N N 214 
LEU HD21 H  N N 215 
LEU HD22 H  N N 216 
LEU HD23 H  N N 217 
LEU HXT  H  N N 218 
LYS N    N  N N 219 
LYS CA   C  N S 220 
LYS C    C  N N 221 
LYS O    O  N N 222 
LYS CB   C  N N 223 
LYS CG   C  N N 224 
LYS CD   C  N N 225 
LYS CE   C  N N 226 
LYS NZ   N  N N 227 
LYS OXT  O  N N 228 
LYS H    H  N N 229 
LYS H2   H  N N 230 
LYS HA   H  N N 231 
LYS HB2  H  N N 232 
LYS HB3  H  N N 233 
LYS HG2  H  N N 234 
LYS HG3  H  N N 235 
LYS HD2  H  N N 236 
LYS HD3  H  N N 237 
LYS HE2  H  N N 238 
LYS HE3  H  N N 239 
LYS HZ1  H  N N 240 
LYS HZ2  H  N N 241 
LYS HZ3  H  N N 242 
LYS HXT  H  N N 243 
MG  MG   MG N N 244 
MSE N    N  N N 245 
MSE CA   C  N S 246 
MSE C    C  N N 247 
MSE O    O  N N 248 
MSE OXT  O  N N 249 
MSE CB   C  N N 250 
MSE CG   C  N N 251 
MSE SE   SE N N 252 
MSE CE   C  N N 253 
MSE H    H  N N 254 
MSE H2   H  N N 255 
MSE HA   H  N N 256 
MSE HXT  H  N N 257 
MSE HB2  H  N N 258 
MSE HB3  H  N N 259 
MSE HG2  H  N N 260 
MSE HG3  H  N N 261 
MSE HE1  H  N N 262 
MSE HE2  H  N N 263 
MSE HE3  H  N N 264 
PHE N    N  N N 265 
PHE CA   C  N S 266 
PHE C    C  N N 267 
PHE O    O  N N 268 
PHE CB   C  N N 269 
PHE CG   C  Y N 270 
PHE CD1  C  Y N 271 
PHE CD2  C  Y N 272 
PHE CE1  C  Y N 273 
PHE CE2  C  Y N 274 
PHE CZ   C  Y N 275 
PHE OXT  O  N N 276 
PHE H    H  N N 277 
PHE H2   H  N N 278 
PHE HA   H  N N 279 
PHE HB2  H  N N 280 
PHE HB3  H  N N 281 
PHE HD1  H  N N 282 
PHE HD2  H  N N 283 
PHE HE1  H  N N 284 
PHE HE2  H  N N 285 
PHE HZ   H  N N 286 
PHE HXT  H  N N 287 
PRO N    N  N N 288 
PRO CA   C  N S 289 
PRO C    C  N N 290 
PRO O    O  N N 291 
PRO CB   C  N N 292 
PRO CG   C  N N 293 
PRO CD   C  N N 294 
PRO OXT  O  N N 295 
PRO H    H  N N 296 
PRO HA   H  N N 297 
PRO HB2  H  N N 298 
PRO HB3  H  N N 299 
PRO HG2  H  N N 300 
PRO HG3  H  N N 301 
PRO HD2  H  N N 302 
PRO HD3  H  N N 303 
PRO HXT  H  N N 304 
SER N    N  N N 305 
SER CA   C  N S 306 
SER C    C  N N 307 
SER O    O  N N 308 
SER CB   C  N N 309 
SER OG   O  N N 310 
SER OXT  O  N N 311 
SER H    H  N N 312 
SER H2   H  N N 313 
SER HA   H  N N 314 
SER HB2  H  N N 315 
SER HB3  H  N N 316 
SER HG   H  N N 317 
SER HXT  H  N N 318 
THR N    N  N N 319 
THR CA   C  N S 320 
THR C    C  N N 321 
THR O    O  N N 322 
THR CB   C  N R 323 
THR OG1  O  N N 324 
THR CG2  C  N N 325 
THR OXT  O  N N 326 
THR H    H  N N 327 
THR H2   H  N N 328 
THR HA   H  N N 329 
THR HB   H  N N 330 
THR HG1  H  N N 331 
THR HG21 H  N N 332 
THR HG22 H  N N 333 
THR HG23 H  N N 334 
THR HXT  H  N N 335 
TRP N    N  N N 336 
TRP CA   C  N S 337 
TRP C    C  N N 338 
TRP O    O  N N 339 
TRP CB   C  N N 340 
TRP CG   C  Y N 341 
TRP CD1  C  Y N 342 
TRP CD2  C  Y N 343 
TRP NE1  N  Y N 344 
TRP CE2  C  Y N 345 
TRP CE3  C  Y N 346 
TRP CZ2  C  Y N 347 
TRP CZ3  C  Y N 348 
TRP CH2  C  Y N 349 
TRP OXT  O  N N 350 
TRP H    H  N N 351 
TRP H2   H  N N 352 
TRP HA   H  N N 353 
TRP HB2  H  N N 354 
TRP HB3  H  N N 355 
TRP HD1  H  N N 356 
TRP HE1  H  N N 357 
TRP HE3  H  N N 358 
TRP HZ2  H  N N 359 
TRP HZ3  H  N N 360 
TRP HH2  H  N N 361 
TRP HXT  H  N N 362 
TYR N    N  N N 363 
TYR CA   C  N S 364 
TYR C    C  N N 365 
TYR O    O  N N 366 
TYR CB   C  N N 367 
TYR CG   C  Y N 368 
TYR CD1  C  Y N 369 
TYR CD2  C  Y N 370 
TYR CE1  C  Y N 371 
TYR CE2  C  Y N 372 
TYR CZ   C  Y N 373 
TYR OH   O  N N 374 
TYR OXT  O  N N 375 
TYR H    H  N N 376 
TYR H2   H  N N 377 
TYR HA   H  N N 378 
TYR HB2  H  N N 379 
TYR HB3  H  N N 380 
TYR HD1  H  N N 381 
TYR HD2  H  N N 382 
TYR HE1  H  N N 383 
TYR HE2  H  N N 384 
TYR HH   H  N N 385 
TYR HXT  H  N N 386 
VAL N    N  N N 387 
VAL CA   C  N S 388 
VAL C    C  N N 389 
VAL O    O  N N 390 
VAL CB   C  N N 391 
VAL CG1  C  N N 392 
VAL CG2  C  N N 393 
VAL OXT  O  N N 394 
VAL H    H  N N 395 
VAL H2   H  N N 396 
VAL HA   H  N N 397 
VAL HB   H  N N 398 
VAL HG11 H  N N 399 
VAL HG12 H  N N 400 
VAL HG13 H  N N 401 
VAL HG21 H  N N 402 
VAL HG22 H  N N 403 
VAL HG23 H  N N 404 
VAL HXT  H  N N 405 
# 
loop_
_chem_comp_bond.comp_id 
_chem_comp_bond.atom_id_1 
_chem_comp_bond.atom_id_2 
_chem_comp_bond.value_order 
_chem_comp_bond.pdbx_aromatic_flag 
_chem_comp_bond.pdbx_stereo_config 
_chem_comp_bond.pdbx_ordinal 
ALA N   CA   sing N N 1   
ALA N   H    sing N N 2   
ALA N   H2   sing N N 3   
ALA CA  C    sing N N 4   
ALA CA  CB   sing N N 5   
ALA CA  HA   sing N N 6   
ALA C   O    doub N N 7   
ALA C   OXT  sing N N 8   
ALA CB  HB1  sing N N 9   
ALA CB  HB2  sing N N 10  
ALA CB  HB3  sing N N 11  
ALA OXT HXT  sing N N 12  
ARG N   CA   sing N N 13  
ARG N   H    sing N N 14  
ARG N   H2   sing N N 15  
ARG CA  C    sing N N 16  
ARG CA  CB   sing N N 17  
ARG CA  HA   sing N N 18  
ARG C   O    doub N N 19  
ARG C   OXT  sing N N 20  
ARG CB  CG   sing N N 21  
ARG CB  HB2  sing N N 22  
ARG CB  HB3  sing N N 23  
ARG CG  CD   sing N N 24  
ARG CG  HG2  sing N N 25  
ARG CG  HG3  sing N N 26  
ARG CD  NE   sing N N 27  
ARG CD  HD2  sing N N 28  
ARG CD  HD3  sing N N 29  
ARG NE  CZ   sing N N 30  
ARG NE  HE   sing N N 31  
ARG CZ  NH1  sing N N 32  
ARG CZ  NH2  doub N N 33  
ARG NH1 HH11 sing N N 34  
ARG NH1 HH12 sing N N 35  
ARG NH2 HH21 sing N N 36  
ARG NH2 HH22 sing N N 37  
ARG OXT HXT  sing N N 38  
ASN N   CA   sing N N 39  
ASN N   H    sing N N 40  
ASN N   H2   sing N N 41  
ASN CA  C    sing N N 42  
ASN CA  CB   sing N N 43  
ASN CA  HA   sing N N 44  
ASN C   O    doub N N 45  
ASN C   OXT  sing N N 46  
ASN CB  CG   sing N N 47  
ASN CB  HB2  sing N N 48  
ASN CB  HB3  sing N N 49  
ASN CG  OD1  doub N N 50  
ASN CG  ND2  sing N N 51  
ASN ND2 HD21 sing N N 52  
ASN ND2 HD22 sing N N 53  
ASN OXT HXT  sing N N 54  
ASP N   CA   sing N N 55  
ASP N   H    sing N N 56  
ASP N   H2   sing N N 57  
ASP CA  C    sing N N 58  
ASP CA  CB   sing N N 59  
ASP CA  HA   sing N N 60  
ASP C   O    doub N N 61  
ASP C   OXT  sing N N 62  
ASP CB  CG   sing N N 63  
ASP CB  HB2  sing N N 64  
ASP CB  HB3  sing N N 65  
ASP CG  OD1  doub N N 66  
ASP CG  OD2  sing N N 67  
ASP OD2 HD2  sing N N 68  
ASP OXT HXT  sing N N 69  
CYS N   CA   sing N N 70  
CYS N   H    sing N N 71  
CYS N   H2   sing N N 72  
CYS CA  C    sing N N 73  
CYS CA  CB   sing N N 74  
CYS CA  HA   sing N N 75  
CYS C   O    doub N N 76  
CYS C   OXT  sing N N 77  
CYS CB  SG   sing N N 78  
CYS CB  HB2  sing N N 79  
CYS CB  HB3  sing N N 80  
CYS SG  HG   sing N N 81  
CYS OXT HXT  sing N N 82  
GLN N   CA   sing N N 83  
GLN N   H    sing N N 84  
GLN N   H2   sing N N 85  
GLN CA  C    sing N N 86  
GLN CA  CB   sing N N 87  
GLN CA  HA   sing N N 88  
GLN C   O    doub N N 89  
GLN C   OXT  sing N N 90  
GLN CB  CG   sing N N 91  
GLN CB  HB2  sing N N 92  
GLN CB  HB3  sing N N 93  
GLN CG  CD   sing N N 94  
GLN CG  HG2  sing N N 95  
GLN CG  HG3  sing N N 96  
GLN CD  OE1  doub N N 97  
GLN CD  NE2  sing N N 98  
GLN NE2 HE21 sing N N 99  
GLN NE2 HE22 sing N N 100 
GLN OXT HXT  sing N N 101 
GLU N   CA   sing N N 102 
GLU N   H    sing N N 103 
GLU N   H2   sing N N 104 
GLU CA  C    sing N N 105 
GLU CA  CB   sing N N 106 
GLU CA  HA   sing N N 107 
GLU C   O    doub N N 108 
GLU C   OXT  sing N N 109 
GLU CB  CG   sing N N 110 
GLU CB  HB2  sing N N 111 
GLU CB  HB3  sing N N 112 
GLU CG  CD   sing N N 113 
GLU CG  HG2  sing N N 114 
GLU CG  HG3  sing N N 115 
GLU CD  OE1  doub N N 116 
GLU CD  OE2  sing N N 117 
GLU OE2 HE2  sing N N 118 
GLU OXT HXT  sing N N 119 
GLY N   CA   sing N N 120 
GLY N   H    sing N N 121 
GLY N   H2   sing N N 122 
GLY CA  C    sing N N 123 
GLY CA  HA2  sing N N 124 
GLY CA  HA3  sing N N 125 
GLY C   O    doub N N 126 
GLY C   OXT  sing N N 127 
GLY OXT HXT  sing N N 128 
GOL C1  O1   sing N N 129 
GOL C1  C2   sing N N 130 
GOL C1  H11  sing N N 131 
GOL C1  H12  sing N N 132 
GOL O1  HO1  sing N N 133 
GOL C2  O2   sing N N 134 
GOL C2  C3   sing N N 135 
GOL C2  H2   sing N N 136 
GOL O2  HO2  sing N N 137 
GOL C3  O3   sing N N 138 
GOL C3  H31  sing N N 139 
GOL C3  H32  sing N N 140 
GOL O3  HO3  sing N N 141 
HIS N   CA   sing N N 142 
HIS N   H    sing N N 143 
HIS N   H2   sing N N 144 
HIS CA  C    sing N N 145 
HIS CA  CB   sing N N 146 
HIS CA  HA   sing N N 147 
HIS C   O    doub N N 148 
HIS C   OXT  sing N N 149 
HIS CB  CG   sing N N 150 
HIS CB  HB2  sing N N 151 
HIS CB  HB3  sing N N 152 
HIS CG  ND1  sing Y N 153 
HIS CG  CD2  doub Y N 154 
HIS ND1 CE1  doub Y N 155 
HIS ND1 HD1  sing N N 156 
HIS CD2 NE2  sing Y N 157 
HIS CD2 HD2  sing N N 158 
HIS CE1 NE2  sing Y N 159 
HIS CE1 HE1  sing N N 160 
HIS NE2 HE2  sing N N 161 
HIS OXT HXT  sing N N 162 
HOH O   H1   sing N N 163 
HOH O   H2   sing N N 164 
ILE N   CA   sing N N 165 
ILE N   H    sing N N 166 
ILE N   H2   sing N N 167 
ILE CA  C    sing N N 168 
ILE CA  CB   sing N N 169 
ILE CA  HA   sing N N 170 
ILE C   O    doub N N 171 
ILE C   OXT  sing N N 172 
ILE CB  CG1  sing N N 173 
ILE CB  CG2  sing N N 174 
ILE CB  HB   sing N N 175 
ILE CG1 CD1  sing N N 176 
ILE CG1 HG12 sing N N 177 
ILE CG1 HG13 sing N N 178 
ILE CG2 HG21 sing N N 179 
ILE CG2 HG22 sing N N 180 
ILE CG2 HG23 sing N N 181 
ILE CD1 HD11 sing N N 182 
ILE CD1 HD12 sing N N 183 
ILE CD1 HD13 sing N N 184 
ILE OXT HXT  sing N N 185 
LEU N   CA   sing N N 186 
LEU N   H    sing N N 187 
LEU N   H2   sing N N 188 
LEU CA  C    sing N N 189 
LEU CA  CB   sing N N 190 
LEU CA  HA   sing N N 191 
LEU C   O    doub N N 192 
LEU C   OXT  sing N N 193 
LEU CB  CG   sing N N 194 
LEU CB  HB2  sing N N 195 
LEU CB  HB3  sing N N 196 
LEU CG  CD1  sing N N 197 
LEU CG  CD2  sing N N 198 
LEU CG  HG   sing N N 199 
LEU CD1 HD11 sing N N 200 
LEU CD1 HD12 sing N N 201 
LEU CD1 HD13 sing N N 202 
LEU CD2 HD21 sing N N 203 
LEU CD2 HD22 sing N N 204 
LEU CD2 HD23 sing N N 205 
LEU OXT HXT  sing N N 206 
LYS N   CA   sing N N 207 
LYS N   H    sing N N 208 
LYS N   H2   sing N N 209 
LYS CA  C    sing N N 210 
LYS CA  CB   sing N N 211 
LYS CA  HA   sing N N 212 
LYS C   O    doub N N 213 
LYS C   OXT  sing N N 214 
LYS CB  CG   sing N N 215 
LYS CB  HB2  sing N N 216 
LYS CB  HB3  sing N N 217 
LYS CG  CD   sing N N 218 
LYS CG  HG2  sing N N 219 
LYS CG  HG3  sing N N 220 
LYS CD  CE   sing N N 221 
LYS CD  HD2  sing N N 222 
LYS CD  HD3  sing N N 223 
LYS CE  NZ   sing N N 224 
LYS CE  HE2  sing N N 225 
LYS CE  HE3  sing N N 226 
LYS NZ  HZ1  sing N N 227 
LYS NZ  HZ2  sing N N 228 
LYS NZ  HZ3  sing N N 229 
LYS OXT HXT  sing N N 230 
MSE N   CA   sing N N 231 
MSE N   H    sing N N 232 
MSE N   H2   sing N N 233 
MSE CA  C    sing N N 234 
MSE CA  CB   sing N N 235 
MSE CA  HA   sing N N 236 
MSE C   O    doub N N 237 
MSE C   OXT  sing N N 238 
MSE OXT HXT  sing N N 239 
MSE CB  CG   sing N N 240 
MSE CB  HB2  sing N N 241 
MSE CB  HB3  sing N N 242 
MSE CG  SE   sing N N 243 
MSE CG  HG2  sing N N 244 
MSE CG  HG3  sing N N 245 
MSE SE  CE   sing N N 246 
MSE CE  HE1  sing N N 247 
MSE CE  HE2  sing N N 248 
MSE CE  HE3  sing N N 249 
PHE N   CA   sing N N 250 
PHE N   H    sing N N 251 
PHE N   H2   sing N N 252 
PHE CA  C    sing N N 253 
PHE CA  CB   sing N N 254 
PHE CA  HA   sing N N 255 
PHE C   O    doub N N 256 
PHE C   OXT  sing N N 257 
PHE CB  CG   sing N N 258 
PHE CB  HB2  sing N N 259 
PHE CB  HB3  sing N N 260 
PHE CG  CD1  doub Y N 261 
PHE CG  CD2  sing Y N 262 
PHE CD1 CE1  sing Y N 263 
PHE CD1 HD1  sing N N 264 
PHE CD2 CE2  doub Y N 265 
PHE CD2 HD2  sing N N 266 
PHE CE1 CZ   doub Y N 267 
PHE CE1 HE1  sing N N 268 
PHE CE2 CZ   sing Y N 269 
PHE CE2 HE2  sing N N 270 
PHE CZ  HZ   sing N N 271 
PHE OXT HXT  sing N N 272 
PRO N   CA   sing N N 273 
PRO N   CD   sing N N 274 
PRO N   H    sing N N 275 
PRO CA  C    sing N N 276 
PRO CA  CB   sing N N 277 
PRO CA  HA   sing N N 278 
PRO C   O    doub N N 279 
PRO C   OXT  sing N N 280 
PRO CB  CG   sing N N 281 
PRO CB  HB2  sing N N 282 
PRO CB  HB3  sing N N 283 
PRO CG  CD   sing N N 284 
PRO CG  HG2  sing N N 285 
PRO CG  HG3  sing N N 286 
PRO CD  HD2  sing N N 287 
PRO CD  HD3  sing N N 288 
PRO OXT HXT  sing N N 289 
SER N   CA   sing N N 290 
SER N   H    sing N N 291 
SER N   H2   sing N N 292 
SER CA  C    sing N N 293 
SER CA  CB   sing N N 294 
SER CA  HA   sing N N 295 
SER C   O    doub N N 296 
SER C   OXT  sing N N 297 
SER CB  OG   sing N N 298 
SER CB  HB2  sing N N 299 
SER CB  HB3  sing N N 300 
SER OG  HG   sing N N 301 
SER OXT HXT  sing N N 302 
THR N   CA   sing N N 303 
THR N   H    sing N N 304 
THR N   H2   sing N N 305 
THR CA  C    sing N N 306 
THR CA  CB   sing N N 307 
THR CA  HA   sing N N 308 
THR C   O    doub N N 309 
THR C   OXT  sing N N 310 
THR CB  OG1  sing N N 311 
THR CB  CG2  sing N N 312 
THR CB  HB   sing N N 313 
THR OG1 HG1  sing N N 314 
THR CG2 HG21 sing N N 315 
THR CG2 HG22 sing N N 316 
THR CG2 HG23 sing N N 317 
THR OXT HXT  sing N N 318 
TRP N   CA   sing N N 319 
TRP N   H    sing N N 320 
TRP N   H2   sing N N 321 
TRP CA  C    sing N N 322 
TRP CA  CB   sing N N 323 
TRP CA  HA   sing N N 324 
TRP C   O    doub N N 325 
TRP C   OXT  sing N N 326 
TRP CB  CG   sing N N 327 
TRP CB  HB2  sing N N 328 
TRP CB  HB3  sing N N 329 
TRP CG  CD1  doub Y N 330 
TRP CG  CD2  sing Y N 331 
TRP CD1 NE1  sing Y N 332 
TRP CD1 HD1  sing N N 333 
TRP CD2 CE2  doub Y N 334 
TRP CD2 CE3  sing Y N 335 
TRP NE1 CE2  sing Y N 336 
TRP NE1 HE1  sing N N 337 
TRP CE2 CZ2  sing Y N 338 
TRP CE3 CZ3  doub Y N 339 
TRP CE3 HE3  sing N N 340 
TRP CZ2 CH2  doub Y N 341 
TRP CZ2 HZ2  sing N N 342 
TRP CZ3 CH2  sing Y N 343 
TRP CZ3 HZ3  sing N N 344 
TRP CH2 HH2  sing N N 345 
TRP OXT HXT  sing N N 346 
TYR N   CA   sing N N 347 
TYR N   H    sing N N 348 
TYR N   H2   sing N N 349 
TYR CA  C    sing N N 350 
TYR CA  CB   sing N N 351 
TYR CA  HA   sing N N 352 
TYR C   O    doub N N 353 
TYR C   OXT  sing N N 354 
TYR CB  CG   sing N N 355 
TYR CB  HB2  sing N N 356 
TYR CB  HB3  sing N N 357 
TYR CG  CD1  doub Y N 358 
TYR CG  CD2  sing Y N 359 
TYR CD1 CE1  sing Y N 360 
TYR CD1 HD1  sing N N 361 
TYR CD2 CE2  doub Y N 362 
TYR CD2 HD2  sing N N 363 
TYR CE1 CZ   doub Y N 364 
TYR CE1 HE1  sing N N 365 
TYR CE2 CZ   sing Y N 366 
TYR CE2 HE2  sing N N 367 
TYR CZ  OH   sing N N 368 
TYR OH  HH   sing N N 369 
TYR OXT HXT  sing N N 370 
VAL N   CA   sing N N 371 
VAL N   H    sing N N 372 
VAL N   H2   sing N N 373 
VAL CA  C    sing N N 374 
VAL CA  CB   sing N N 375 
VAL CA  HA   sing N N 376 
VAL C   O    doub N N 377 
VAL C   OXT  sing N N 378 
VAL CB  CG1  sing N N 379 
VAL CB  CG2  sing N N 380 
VAL CB  HB   sing N N 381 
VAL CG1 HG11 sing N N 382 
VAL CG1 HG12 sing N N 383 
VAL CG1 HG13 sing N N 384 
VAL CG2 HG21 sing N N 385 
VAL CG2 HG22 sing N N 386 
VAL CG2 HG23 sing N N 387 
VAL OXT HXT  sing N N 388 
# 
_atom_sites.entry_id                    3CG4 
_atom_sites.fract_transf_matrix[1][1]   0.01332877 
_atom_sites.fract_transf_matrix[1][2]   -0.00024556 
_atom_sites.fract_transf_matrix[1][3]   0.00993438 
_atom_sites.fract_transf_matrix[2][1]   0.01365051 
_atom_sites.fract_transf_matrix[2][2]   0.00851334 
_atom_sites.fract_transf_matrix[2][3]   -0.00419254 
_atom_sites.fract_transf_matrix[3][1]   -0.00710268 
_atom_sites.fract_transf_matrix[3][2]   0.01627978 
_atom_sites.fract_transf_matrix[3][3]   0.00993193 
_atom_sites.fract_transf_vector[1]      0.649289 
_atom_sites.fract_transf_vector[2]      0.577934 
_atom_sites.fract_transf_vector[3]      0.008822 
# 
loop_
_atom_type.symbol 
C  
MG 
N  
O  
S  
SE 
# 
loop_
_atom_site.group_PDB 
_atom_site.id 
_atom_site.type_symbol 
_atom_site.label_atom_id 
_atom_site.label_alt_id 
_atom_site.label_comp_id 
_atom_site.label_asym_id 
_atom_site.label_entity_id 
_atom_site.label_seq_id 
_atom_site.pdbx_PDB_ins_code 
_atom_site.Cartn_x 
_atom_site.Cartn_y 
_atom_site.Cartn_z 
_atom_site.occupancy 
_atom_site.B_iso_or_equiv 
_atom_site.pdbx_formal_charge 
_atom_site.auth_seq_id 
_atom_site.auth_comp_id 
_atom_site.auth_asym_id 
_atom_site.auth_atom_id 
_atom_site.pdbx_PDB_model_num 
ATOM   1    N  N   . HIS A 1 6   ? 18.743  4.805   3.903   1.00 36.41 ? 4   HIS A N   1 
ATOM   2    C  CA  . HIS A 1 6   ? 17.714  4.301   2.946   1.00 34.67 ? 4   HIS A CA  1 
ATOM   3    C  C   . HIS A 1 6   ? 16.609  5.326   2.679   1.00 35.08 ? 4   HIS A C   1 
ATOM   4    O  O   . HIS A 1 6   ? 16.389  6.240   3.478   1.00 34.41 ? 4   HIS A O   1 
ATOM   5    C  CB  . HIS A 1 6   ? 17.128  2.968   3.424   1.00 34.49 ? 4   HIS A CB  1 
ATOM   6    C  CG  . HIS A 1 6   ? 16.304  3.068   4.671   1.00 36.30 ? 4   HIS A CG  1 
ATOM   7    N  ND1 . HIS A 1 6   ? 14.925  3.026   4.656   1.00 38.11 ? 4   HIS A ND1 1 
ATOM   8    C  CD2 . HIS A 1 6   ? 16.662  3.184   5.972   1.00 36.74 ? 4   HIS A CD2 1 
ATOM   9    C  CE1 . HIS A 1 6   ? 14.470  3.123   5.893   1.00 39.43 ? 4   HIS A CE1 1 
ATOM   10   N  NE2 . HIS A 1 6   ? 15.503  3.216   6.711   1.00 42.09 ? 4   HIS A NE2 1 
ATOM   11   N  N   . LYS A 1 7   ? 15.905  5.153   1.558   1.00 32.29 ? 5   LYS A N   1 
ATOM   12   C  CA  . LYS A 1 7   ? 14.896  6.120   1.104   1.00 30.95 ? 5   LYS A CA  1 
ATOM   13   C  C   . LYS A 1 7   ? 13.550  6.057   1.832   1.00 28.47 ? 5   LYS A C   1 
ATOM   14   O  O   . LYS A 1 7   ? 12.656  6.843   1.529   1.00 30.49 ? 5   LYS A O   1 
ATOM   15   C  CB  . LYS A 1 7   ? 14.709  6.038   -0.415  1.00 31.40 ? 5   LYS A CB  1 
ATOM   16   C  CG  . LYS A 1 7   ? 15.940  6.469   -1.182  1.00 35.34 ? 5   LYS A CG  1 
ATOM   17   C  CD  . LYS A 1 7   ? 15.678  6.774   -2.647  1.00 39.64 ? 5   LYS A CD  1 
ATOM   18   C  CE  . LYS A 1 7   ? 16.946  7.360   -3.267  1.00 49.61 ? 5   LYS A CE  1 
ATOM   19   N  NZ  . LYS A 1 7   ? 16.894  7.502   -4.746  1.00 54.82 ? 5   LYS A NZ  1 
ATOM   20   N  N   . GLY A 1 8   ? 13.418  5.148   2.801   1.00 23.55 ? 6   GLY A N   1 
ATOM   21   C  CA  . GLY A 1 8   ? 12.198  5.021   3.602   1.00 19.95 ? 6   GLY A CA  1 
ATOM   22   C  C   . GLY A 1 8   ? 11.570  3.640   3.572   1.00 20.39 ? 6   GLY A C   1 
ATOM   23   O  O   . GLY A 1 8   ? 11.954  2.798   2.747   1.00 22.35 ? 6   GLY A O   1 
ATOM   24   N  N   . ASP A 1 9   ? 10.606  3.426   4.475   1.00 18.40 ? 7   ASP A N   1 
ATOM   25   C  CA  . ASP A 1 9   ? 9.920   2.142   4.650   1.00 18.14 ? 7   ASP A CA  1 
ATOM   26   C  C   . ASP A 1 9   ? 8.642   2.045   3.826   1.00 16.57 ? 7   ASP A C   1 
ATOM   27   O  O   . ASP A 1 9   ? 7.809   2.963   3.819   1.00 17.06 ? 7   ASP A O   1 
ATOM   28   C  CB  . ASP A 1 9   ? 9.588   1.875   6.122   1.00 22.35 ? 7   ASP A CB  1 
ATOM   29   C  CG  . ASP A 1 9   ? 10.830  1.746   6.992   1.00 32.60 ? 7   ASP A CG  1 
ATOM   30   O  OD1 . ASP A 1 9   ? 11.878  1.292   6.492   1.00 26.32 ? 7   ASP A OD1 1 
ATOM   31   O  OD2 . ASP A 1 9   ? 10.743  2.096   8.184   1.00 32.43 ? 7   ASP A OD2 1 
ATOM   32   N  N   . VAL A 1 10  ? 8.503   0.920   3.129   1.00 14.19 ? 8   VAL A N   1 
ATOM   33   C  CA  . VAL A 1 10  ? 7.342   0.621   2.295   1.00 16.37 ? 8   VAL A CA  1 
ATOM   34   C  C   . VAL A 1 10  ? 6.757   -0.726  2.696   1.00 16.96 ? 8   VAL A C   1 
ATOM   35   O  O   . VAL A 1 10  ? 7.489   -1.660  3.038   1.00 16.48 ? 8   VAL A O   1 
ATOM   36   C  CB  . VAL A 1 10  ? 7.719   0.577   0.801   1.00 16.02 ? 8   VAL A CB  1 
ATOM   37   C  CG1 . VAL A 1 10  ? 6.466   0.417   -0.078  1.00 16.31 ? 8   VAL A CG1 1 
ATOM   38   C  CG2 . VAL A 1 10  ? 8.481   1.829   0.397   1.00 17.81 ? 8   VAL A CG2 1 
HETATM 39   N  N   . MSE A 1 11  ? 5.439   -0.816  2.672   1.00 10.15 ? 9   MSE A N   1 
HETATM 40   C  CA  . MSE A 1 11  ? 4.751   -2.080  2.876   1.00 11.40 ? 9   MSE A CA  1 
HETATM 41   C  C   . MSE A 1 11  ? 3.951   -2.435  1.639   1.00 13.30 ? 9   MSE A C   1 
HETATM 42   O  O   . MSE A 1 11  ? 3.100   -1.650  1.192   1.00 15.04 ? 9   MSE A O   1 
HETATM 43   C  CB  . MSE A 1 11  ? 3.846   -2.036  4.098   1.00 12.53 ? 9   MSE A CB  1 
HETATM 44   C  CG  . MSE A 1 11  ? 3.091   -3.334  4.372   1.00 15.49 ? 9   MSE A CG  1 
HETATM 45   SE SE  . MSE A 1 11  ? 1.753   -3.215  5.793   1.00 24.67 ? 9   MSE A SE  1 
HETATM 46   C  CE  . MSE A 1 11  ? 2.877   -2.386  7.193   1.00 17.92 ? 9   MSE A CE  1 
ATOM   47   N  N   . ILE A 1 12  ? 4.220   -3.608  1.079   1.00 9.65  ? 10  ILE A N   1 
ATOM   48   C  CA  . ILE A 1 12  ? 3.416   -4.106  -0.032  1.00 9.72  ? 10  ILE A CA  1 
ATOM   49   C  C   . ILE A 1 12  ? 2.427   -5.134  0.494   1.00 12.97 ? 10  ILE A C   1 
ATOM   50   O  O   . ILE A 1 12  ? 2.823   -6.166  1.064   1.00 13.51 ? 10  ILE A O   1 
ATOM   51   C  CB  . ILE A 1 12  ? 4.296   -4.647  -1.218  1.00 11.08 ? 10  ILE A CB  1 
ATOM   52   C  CG1 . ILE A 1 12  ? 3.435   -5.250  -2.336  1.00 9.99  ? 10  ILE A CG1 1 
ATOM   53   C  CG2 . ILE A 1 12  ? 5.335   -5.686  -0.745  1.00 11.23 ? 10  ILE A CG2 1 
ATOM   54   C  CD1 . ILE A 1 12  ? 2.428   -4.252  -3.007  1.00 12.13 ? 10  ILE A CD1 1 
ATOM   55   N  N   . VAL A 1 13  ? 1.142   -4.819  0.349   1.00 9.08  ? 11  VAL A N   1 
ATOM   56   C  CA  . VAL A 1 13  ? 0.054   -5.674  0.774   1.00 10.30 ? 11  VAL A CA  1 
ATOM   57   C  C   . VAL A 1 13  ? -0.633  -6.155  -0.478  1.00 12.09 ? 11  VAL A C   1 
ATOM   58   O  O   . VAL A 1 13  ? -1.331  -5.384  -1.133  1.00 9.85  ? 11  VAL A O   1 
ATOM   59   C  CB  . VAL A 1 13  ? -0.984  -4.943  1.677   1.00 11.69 ? 11  VAL A CB  1 
ATOM   60   C  CG1 . VAL A 1 13  ? -1.970  -5.939  2.285   1.00 14.29 ? 11  VAL A CG1 1 
ATOM   61   C  CG2 . VAL A 1 13  ? -0.286  -4.135  2.765   1.00 12.15 ? 11  VAL A CG2 1 
ATOM   62   N  N   . ASP A 1 14  ? -0.434  -7.427  -0.814  1.00 10.18 ? 12  ASP A N   1 
ATOM   63   C  CA  . ASP A 1 14  ? -1.036  -7.955  -2.029  1.00 10.15 ? 12  ASP A CA  1 
ATOM   64   C  C   . ASP A 1 14  ? -1.177  -9.451  -1.834  1.00 10.22 ? 12  ASP A C   1 
ATOM   65   O  O   . ASP A 1 14  ? -0.251  -10.052 -1.319  1.00 15.61 ? 12  ASP A O   1 
ATOM   66   C  CB  . ASP A 1 14  ? -0.155  -7.642  -3.232  1.00 11.18 ? 12  ASP A CB  1 
ATOM   67   C  CG  . ASP A 1 14  ? -0.886  -7.799  -4.550  1.00 18.97 ? 12  ASP A CG  1 
ATOM   68   O  OD1 . ASP A 1 14  ? -1.275  -8.933  -4.907  1.00 18.23 ? 12  ASP A OD1 1 
ATOM   69   O  OD2 . ASP A 1 14  ? -1.070  -6.777  -5.235  1.00 17.63 ? 12  ASP A OD2 1 
ATOM   70   N  N   . ASP A 1 15  ? -2.308  -10.014 -2.253  1.00 12.62 ? 13  ASP A N   1 
ATOM   71   C  CA  . ASP A 1 15  ? -2.528  -11.466 -2.059  1.00 10.85 ? 13  ASP A CA  1 
ATOM   72   C  C   . ASP A 1 15  ? -1.638  -12.305 -2.988  1.00 18.23 ? 13  ASP A C   1 
ATOM   73   O  O   . ASP A 1 15  ? -1.424  -13.502 -2.757  1.00 19.41 ? 13  ASP A O   1 
ATOM   74   C  CB  . ASP A 1 15  ? -4.005  -11.835 -2.181  1.00 12.62 ? 13  ASP A CB  1 
ATOM   75   C  CG  . ASP A 1 15  ? -4.579  -11.519 -3.543  1.00 21.99 ? 13  ASP A CG  1 
ATOM   76   O  OD1 . ASP A 1 15  ? -4.595  -10.328 -3.916  1.00 19.44 ? 13  ASP A OD1 1 
ATOM   77   O  OD2 . ASP A 1 15  ? -5.031  -12.449 -4.246  1.00 25.65 ? 13  ASP A OD2 1 
ATOM   78   N  N   . ASP A 1 16  ? -1.116  -11.670 -4.033  1.00 14.36 ? 14  ASP A N   1 
ATOM   79   C  CA  . ASP A 1 16  ? -0.266  -12.363 -5.022  1.00 16.35 ? 14  ASP A CA  1 
ATOM   80   C  C   . ASP A 1 16  ? 1.229   -12.315 -4.708  1.00 12.78 ? 14  ASP A C   1 
ATOM   81   O  O   . ASP A 1 16  ? 1.877   -11.260 -4.743  1.00 14.00 ? 14  ASP A O   1 
ATOM   82   C  CB  . ASP A 1 16  ? -0.549  -11.787 -6.411  1.00 17.18 ? 14  ASP A CB  1 
ATOM   83   C  CG  . ASP A 1 16  ? -0.099  -12.698 -7.537  1.00 19.06 ? 14  ASP A CG  1 
ATOM   84   O  OD1 . ASP A 1 16  ? 0.932   -13.385 -7.400  1.00 29.61 ? 14  ASP A OD1 1 
ATOM   85   O  OD2 . ASP A 1 16  ? -0.786  -12.697 -8.576  1.00 26.61 ? 14  ASP A OD2 1 
ATOM   86   N  N   . ALA A 1 17  ? 1.804   -13.483 -4.427  1.00 15.94 ? 15  ALA A N   1 
ATOM   87   C  CA  . ALA A 1 17  ? 3.225   -13.579 -4.130  1.00 14.78 ? 15  ALA A CA  1 
ATOM   88   C  C   . ALA A 1 17  ? 4.127   -12.993 -5.212  1.00 14.23 ? 15  ALA A C   1 
ATOM   89   O  O   . ALA A 1 17  ? 5.132   -12.378 -4.905  1.00 17.43 ? 15  ALA A O   1 
ATOM   90   C  CB  . ALA A 1 17  ? 3.624   -15.025 -3.858  1.00 19.10 ? 15  ALA A CB  1 
ATOM   91   N  N   . HIS A 1 18  ? 3.753   -13.185 -6.478  1.00 18.59 ? 16  HIS A N   1 
ATOM   92   C  CA  . HIS A 1 18  ? 4.561   -12.683 -7.577  1.00 19.68 ? 16  HIS A CA  1 
ATOM   93   C  C   . HIS A 1 18  ? 4.570   -11.153 -7.647  1.00 14.14 ? 16  HIS A C   1 
ATOM   94   O  O   . HIS A 1 18  ? 5.574   -10.562 -8.015  1.00 20.68 ? 16  HIS A O   1 
ATOM   95   C  CB  . HIS A 1 18  ? 4.142   -13.333 -8.905  1.00 24.49 ? 16  HIS A CB  1 
ATOM   96   C  CG  . HIS A 1 18  ? 4.466   -14.796 -8.979  1.00 34.96 ? 16  HIS A CG  1 
ATOM   97   N  ND1 . HIS A 1 18  ? 3.504   -15.780 -8.880  1.00 44.64 ? 16  HIS A ND1 1 
ATOM   98   C  CD2 . HIS A 1 18  ? 5.648   -15.440 -9.118  1.00 38.86 ? 16  HIS A CD2 1 
ATOM   99   C  CE1 . HIS A 1 18  ? 4.078   -16.967 -8.968  1.00 40.20 ? 16  HIS A CE1 1 
ATOM   100  N  NE2 . HIS A 1 18  ? 5.379   -16.789 -9.111  1.00 43.24 ? 16  HIS A NE2 1 
ATOM   101  N  N   . VAL A 1 19  ? 3.462   -10.525 -7.262  1.00 16.70 ? 17  VAL A N   1 
ATOM   102  C  CA  . VAL A 1 19  ? 3.429   -9.072  -7.104  1.00 15.23 ? 17  VAL A CA  1 
ATOM   103  C  C   . VAL A 1 19  ? 4.329   -8.631  -5.946  1.00 14.23 ? 17  VAL A C   1 
ATOM   104  O  O   . VAL A 1 19  ? 5.131   -7.718  -6.092  1.00 16.18 ? 17  VAL A O   1 
ATOM   105  C  CB  . VAL A 1 19  ? 1.992   -8.526  -6.962  1.00 14.98 ? 17  VAL A CB  1 
ATOM   106  C  CG1 . VAL A 1 19  ? 2.014   -7.011  -6.752  1.00 15.66 ? 17  VAL A CG1 1 
ATOM   107  C  CG2 . VAL A 1 19  ? 1.148   -8.911  -8.183  1.00 16.18 ? 17  VAL A CG2 1 
ATOM   108  N  N   . ARG A 1 20  ? 4.209   -9.282  -4.788  1.00 13.43 ? 18  ARG A N   1 
ATOM   109  C  CA  . ARG A 1 20  ? 4.994   -8.862  -3.636  1.00 15.06 ? 18  ARG A CA  1 
ATOM   110  C  C   . ARG A 1 20  ? 6.491   -8.939  -3.916  1.00 11.31 ? 18  ARG A C   1 
ATOM   111  O  O   . ARG A 1 20  ? 7.244   -8.025  -3.599  1.00 15.02 ? 18  ARG A O   1 
ATOM   112  C  CB  . ARG A 1 20  ? 4.617   -9.695  -2.404  1.00 12.65 ? 18  ARG A CB  1 
ATOM   113  C  CG  . ARG A 1 20  ? 3.154   -9.608  -2.025  1.00 13.46 ? 18  ARG A CG  1 
ATOM   114  C  CD  . ARG A 1 20  ? 2.957   -10.128 -0.594  1.00 15.30 ? 18  ARG A CD  1 
ATOM   115  N  NE  . ARG A 1 20  ? 3.307   -11.544 -0.462  1.00 18.44 ? 18  ARG A NE  1 
ATOM   116  C  CZ  . ARG A 1 20  ? 2.502   -12.571 -0.732  1.00 15.93 ? 18  ARG A CZ  1 
ATOM   117  N  NH1 . ARG A 1 20  ? 1.256   -12.396 -1.172  1.00 16.00 ? 18  ARG A NH1 1 
ATOM   118  N  NH2 . ARG A 1 20  ? 2.966   -13.808 -0.571  1.00 22.56 ? 18  ARG A NH2 1 
ATOM   119  N  N   . ILE A 1 21  ? 6.913   -10.043 -4.544  1.00 16.88 ? 19  ILE A N   1 
ATOM   120  C  CA  . ILE A 1 21  ? 8.312   -10.270 -4.867  1.00 16.69 ? 19  ILE A CA  1 
ATOM   121  C  C   . ILE A 1 21  ? 8.831   -9.193  -5.823  1.00 13.75 ? 19  ILE A C   1 
ATOM   122  O  O   . ILE A 1 21  ? 9.883   -8.603  -5.581  1.00 16.80 ? 19  ILE A O   1 
ATOM   123  C  CB  . ILE A 1 21  ? 8.518   -11.695 -5.451  1.00 17.67 ? 19  ILE A CB  1 
ATOM   124  C  CG1 . ILE A 1 21  ? 8.317   -12.742 -4.348  1.00 24.02 ? 19  ILE A CG1 1 
ATOM   125  C  CG2 . ILE A 1 21  ? 9.910   -11.826 -6.096  1.00 23.91 ? 19  ILE A CG2 1 
ATOM   126  C  CD1 . ILE A 1 21  ? 8.025   -14.154 -4.851  1.00 20.26 ? 19  ILE A CD1 1 
ATOM   127  N  N   . ALA A 1 22  ? 8.047   -8.936  -6.871  1.00 16.74 ? 20  ALA A N   1 
ATOM   128  C  CA  . ALA A 1 22  ? 8.410   -7.960  -7.898  1.00 16.47 ? 20  ALA A CA  1 
ATOM   129  C  C   . ALA A 1 22  ? 8.540   -6.558  -7.294  1.00 16.20 ? 20  ALA A C   1 
ATOM   130  O  O   . ALA A 1 22  ? 9.528   -5.858  -7.530  1.00 18.26 ? 20  ALA A O   1 
ATOM   131  C  CB  . ALA A 1 22  ? 7.380   -7.970  -8.999  1.00 16.74 ? 20  ALA A CB  1 
ATOM   132  N  N   . VAL A 1 23  ? 7.552   -6.169  -6.492  1.00 16.57 ? 21  VAL A N   1 
ATOM   133  C  CA  . VAL A 1 23  ? 7.566   -4.849  -5.849  1.00 15.56 ? 21  VAL A CA  1 
ATOM   134  C  C   . VAL A 1 23  ? 8.770   -4.705  -4.911  1.00 18.57 ? 21  VAL A C   1 
ATOM   135  O  O   . VAL A 1 23  ? 9.463   -3.682  -4.918  1.00 16.15 ? 21  VAL A O   1 
ATOM   136  C  CB  . VAL A 1 23  ? 6.232   -4.581  -5.110  1.00 14.41 ? 21  VAL A CB  1 
ATOM   137  C  CG1 . VAL A 1 23  ? 6.330   -3.350  -4.191  1.00 15.65 ? 21  VAL A CG1 1 
ATOM   138  C  CG2 . VAL A 1 23  ? 5.099   -4.444  -6.105  1.00 13.22 ? 21  VAL A CG2 1 
ATOM   139  N  N   . LYS A 1 24  ? 9.031   -5.749  -4.126  1.00 15.83 ? 22  LYS A N   1 
ATOM   140  C  CA  . LYS A 1 24  ? 10.204  -5.774  -3.260  1.00 17.33 ? 22  LYS A CA  1 
ATOM   141  C  C   . LYS A 1 24  ? 11.490  -5.577  -4.050  1.00 19.32 ? 22  LYS A C   1 
ATOM   142  O  O   . LYS A 1 24  ? 12.301  -4.731  -3.697  1.00 18.17 ? 22  LYS A O   1 
ATOM   143  C  CB  . LYS A 1 24  ? 10.265  -7.068  -2.437  1.00 16.46 ? 22  LYS A CB  1 
ATOM   144  C  CG  . LYS A 1 24  ? 9.289   -7.101  -1.267  1.00 26.22 ? 22  LYS A CG  1 
ATOM   145  C  CD  . LYS A 1 24  ? 9.378   -8.408  -0.494  1.00 29.58 ? 22  LYS A CD  1 
ATOM   146  C  CE  . LYS A 1 24  ? 10.738  -8.548  0.192   1.00 32.16 ? 22  LYS A CE  1 
ATOM   147  N  NZ  . LYS A 1 24  ? 10.703  -9.613  1.220   1.00 34.57 ? 22  LYS A NZ  1 
ATOM   148  N  N   . THR A 1 25  ? 11.652  -6.333  -5.131  1.00 17.97 ? 23  THR A N   1 
ATOM   149  C  CA  . THR A 1 25  ? 12.835  -6.246  -5.990  1.00 18.96 ? 23  THR A CA  1 
ATOM   150  C  C   . THR A 1 25  ? 13.046  -4.828  -6.522  1.00 20.35 ? 23  THR A C   1 
ATOM   151  O  O   . THR A 1 25  ? 14.091  -4.224  -6.279  1.00 22.22 ? 23  THR A O   1 
ATOM   152  C  CB  . THR A 1 25  ? 12.744  -7.250  -7.146  1.00 23.22 ? 23  THR A CB  1 
ATOM   153  O  OG1 . THR A 1 25  ? 12.680  -8.573  -6.596  1.00 25.34 ? 23  THR A OG1 1 
ATOM   154  C  CG2 . THR A 1 25  ? 13.960  -7.144  -8.069  1.00 26.18 ? 23  THR A CG2 1 
ATOM   155  N  N   . ILE A 1 26  ? 12.024  -4.296  -7.197  1.00 18.23 ? 24  ILE A N   1 
ATOM   156  C  CA  . ILE A 1 26  ? 12.102  -2.965  -7.816  1.00 21.54 ? 24  ILE A CA  1 
ATOM   157  C  C   . ILE A 1 26  ? 12.394  -1.870  -6.781  1.00 20.61 ? 24  ILE A C   1 
ATOM   158  O  O   . ILE A 1 26  ? 13.298  -1.043  -6.978  1.00 23.38 ? 24  ILE A O   1 
ATOM   159  C  CB  . ILE A 1 26  ? 10.811  -2.648  -8.627  1.00 19.19 ? 24  ILE A CB  1 
ATOM   160  C  CG1 . ILE A 1 26  ? 10.621  -3.639  -9.800  1.00 17.81 ? 24  ILE A CG1 1 
ATOM   161  C  CG2 . ILE A 1 26  ? 10.757  -1.175  -9.077  1.00 20.68 ? 24  ILE A CG2 1 
ATOM   162  C  CD1 . ILE A 1 26  ? 11.840  -3.830  -10.721 1.00 22.84 ? 24  ILE A CD1 1 
ATOM   163  N  N   . LEU A 1 27  ? 11.662  -1.875  -5.667  1.00 15.50 ? 25  LEU A N   1 
ATOM   164  C  CA  . LEU A 1 27  ? 11.864  -0.839  -4.658  1.00 16.77 ? 25  LEU A CA  1 
ATOM   165  C  C   . LEU A 1 27  ? 13.130  -0.959  -3.808  1.00 19.40 ? 25  LEU A C   1 
ATOM   166  O  O   . LEU A 1 27  ? 13.628  0.057   -3.314  1.00 21.37 ? 25  LEU A O   1 
ATOM   167  C  CB  . LEU A 1 27  ? 10.616  -0.657  -3.794  1.00 16.86 ? 25  LEU A CB  1 
ATOM   168  C  CG  . LEU A 1 27  ? 9.348   -0.155  -4.484  1.00 17.11 ? 25  LEU A CG  1 
ATOM   169  C  CD1 . LEU A 1 27  ? 8.209   -0.103  -3.476  1.00 15.53 ? 25  LEU A CD1 1 
ATOM   170  C  CD2 . LEU A 1 27  ? 9.529   1.196   -5.180  1.00 20.26 ? 25  LEU A CD2 1 
ATOM   171  N  N   A SER A 1 28  ? 13.651  -2.178  -3.646  0.70 23.59 ? 26  SER A N   1 
ATOM   172  N  N   C SER A 1 28  ? 13.653  -2.180  -3.650  0.30 21.66 ? 26  SER A N   1 
ATOM   173  C  CA  A SER A 1 28  ? 14.907  -2.365  -2.912  0.35 22.81 ? 26  SER A CA  1 
ATOM   174  C  CA  B SER A 1 28  ? 15.726  -4.396  -0.615  0.35 23.04 ? 26  SER A CA  1 
ATOM   175  C  CA  C SER A 1 28  ? 14.918  -2.399  -2.931  0.30 21.56 ? 26  SER A CA  1 
ATOM   176  C  C   A SER A 1 28  ? 16.080  -1.845  -3.725  0.70 23.36 ? 26  SER A C   1 
ATOM   177  C  C   C SER A 1 28  ? 16.087  -1.856  -3.727  0.30 22.94 ? 26  SER A C   1 
ATOM   178  O  O   A SER A 1 28  ? 16.980  -1.217  -3.169  0.70 28.37 ? 26  SER A O   1 
ATOM   179  O  O   C SER A 1 28  ? 16.996  -1.244  -3.164  0.30 25.52 ? 26  SER A O   1 
ATOM   180  C  CB  A SER A 1 28  ? 15.133  -3.828  -2.521  0.35 22.46 ? 26  SER A CB  1 
ATOM   181  C  CB  B SER A 1 28  ? 15.703  -5.218  -1.906  0.35 23.22 ? 26  SER A CB  1 
ATOM   182  C  CB  C SER A 1 28  ? 15.159  -3.883  -2.646  0.30 21.05 ? 26  SER A CB  1 
ATOM   183  O  OG  A SER A 1 28  ? 16.322  -3.967  -1.759  0.35 23.62 ? 26  SER A OG  1 
ATOM   184  O  OG  B SER A 1 28  ? 14.784  -4.677  -2.842  0.35 21.50 ? 26  SER A OG  1 
ATOM   185  O  OG  C SER A 1 28  ? 14.332  -4.352  -1.600  0.30 18.69 ? 26  SER A OG  1 
ATOM   186  N  N   . ASP A 1 29  ? 16.046  -2.088  -5.038  1.00 24.12 ? 27  ASP A N   1 
ATOM   187  C  CA  . ASP A 1 29  ? 17.030  -1.548  -5.983  1.00 27.60 ? 27  ASP A CA  1 
ATOM   188  C  C   . ASP A 1 29  ? 16.987  -0.023  -6.026  1.00 31.68 ? 27  ASP A C   1 
ATOM   189  O  O   . ASP A 1 29  ? 18.018  0.630   -6.194  1.00 33.16 ? 27  ASP A O   1 
ATOM   190  C  CB  . ASP A 1 29  ? 16.798  -2.104  -7.395  1.00 29.51 ? 27  ASP A CB  1 
ATOM   191  C  CG  . ASP A 1 29  ? 17.143  -3.586  -7.514  1.00 38.58 ? 27  ASP A CG  1 
ATOM   192  O  OD1 . ASP A 1 29  ? 17.807  -4.131  -6.605  1.00 43.81 ? 27  ASP A OD1 1 
ATOM   193  O  OD2 . ASP A 1 29  ? 16.744  -4.210  -8.523  1.00 42.58 ? 27  ASP A OD2 1 
ATOM   194  N  N   . ALA A 1 30  ? 15.790  0.530   -5.838  1.00 24.33 ? 28  ALA A N   1 
ATOM   195  C  CA  . ALA A 1 30  ? 15.591  1.974   -5.809  1.00 26.10 ? 28  ALA A CA  1 
ATOM   196  C  C   . ALA A 1 30  ? 15.990  2.633   -4.479  1.00 26.83 ? 28  ALA A C   1 
ATOM   197  O  O   . ALA A 1 30  ? 16.020  3.854   -4.392  1.00 29.77 ? 28  ALA A O   1 
ATOM   198  C  CB  . ALA A 1 30  ? 14.141  2.309   -6.173  1.00 23.97 ? 28  ALA A CB  1 
ATOM   199  N  N   . GLY A 1 31  ? 16.278  1.834   -3.447  1.00 26.26 ? 29  GLY A N   1 
ATOM   200  C  CA  . GLY A 1 31  ? 16.755  2.360   -2.158  1.00 24.88 ? 29  GLY A CA  1 
ATOM   201  C  C   . GLY A 1 31  ? 15.851  2.272   -0.931  1.00 26.62 ? 29  GLY A C   1 
ATOM   202  O  O   . GLY A 1 31  ? 16.224  2.741   0.144   1.00 29.49 ? 29  GLY A O   1 
ATOM   203  N  N   . PHE A 1 32  ? 14.674  1.669   -1.072  1.00 21.42 ? 30  PHE A N   1 
ATOM   204  C  CA  . PHE A 1 32  ? 13.714  1.584   0.030   1.00 23.55 ? 30  PHE A CA  1 
ATOM   205  C  C   . PHE A 1 32  ? 13.884  0.302   0.843   1.00 19.48 ? 30  PHE A C   1 
ATOM   206  O  O   . PHE A 1 32  ? 14.505  -0.647  0.377   1.00 26.19 ? 30  PHE A O   1 
ATOM   207  C  CB  . PHE A 1 32  ? 12.285  1.648   -0.519  1.00 18.36 ? 30  PHE A CB  1 
ATOM   208  C  CG  . PHE A 1 32  ? 11.961  2.943   -1.225  1.00 21.56 ? 30  PHE A CG  1 
ATOM   209  C  CD1 . PHE A 1 32  ? 11.459  4.024   -0.513  1.00 20.76 ? 30  PHE A CD1 1 
ATOM   210  C  CD2 . PHE A 1 32  ? 12.151  3.069   -2.595  1.00 21.51 ? 30  PHE A CD2 1 
ATOM   211  C  CE1 . PHE A 1 32  ? 11.159  5.243   -1.177  1.00 16.90 ? 30  PHE A CE1 1 
ATOM   212  C  CE2 . PHE A 1 32  ? 11.857  4.259   -3.262  1.00 21.40 ? 30  PHE A CE2 1 
ATOM   213  C  CZ  . PHE A 1 32  ? 11.360  5.340   -2.538  1.00 18.06 ? 30  PHE A CZ  1 
ATOM   214  N  N   . HIS A 1 33  ? 13.333  0.292   2.057   1.00 20.81 ? 31  HIS A N   1 
ATOM   215  C  CA  . HIS A 1 33  ? 13.156  -0.938  2.831   1.00 20.16 ? 31  HIS A CA  1 
ATOM   216  C  C   . HIS A 1 33  ? 11.715  -1.382  2.705   1.00 20.78 ? 31  HIS A C   1 
ATOM   217  O  O   . HIS A 1 33  ? 10.787  -0.611  2.966   1.00 19.24 ? 31  HIS A O   1 
ATOM   218  C  CB  . HIS A 1 33  ? 13.467  -0.726  4.314   1.00 24.83 ? 31  HIS A CB  1 
ATOM   219  C  CG  . HIS A 1 33  ? 14.924  -0.564  4.617   1.00 25.17 ? 31  HIS A CG  1 
ATOM   220  N  ND1 . HIS A 1 33  ? 15.407  -0.507  5.907   1.00 27.03 ? 31  HIS A ND1 1 
ATOM   221  C  CD2 . HIS A 1 33  ? 16.001  -0.452  3.806   1.00 24.79 ? 31  HIS A CD2 1 
ATOM   222  C  CE1 . HIS A 1 33  ? 16.718  -0.351  5.877   1.00 27.42 ? 31  HIS A CE1 1 
ATOM   223  N  NE2 . HIS A 1 33  ? 17.105  -0.327  4.614   1.00 28.09 ? 31  HIS A NE2 1 
ATOM   224  N  N   . ILE A 1 34  ? 11.518  -2.631  2.323   1.00 15.89 ? 32  ILE A N   1 
ATOM   225  C  CA  . ILE A 1 34  ? 10.167  -3.102  2.025   1.00 17.18 ? 32  ILE A CA  1 
ATOM   226  C  C   . ILE A 1 34  ? 9.835   -4.303  2.884   1.00 19.73 ? 32  ILE A C   1 
ATOM   227  O  O   . ILE A 1 34  ? 10.663  -5.208  3.044   1.00 21.09 ? 32  ILE A O   1 
ATOM   228  C  CB  . ILE A 1 34  ? 9.944   -3.458  0.508   1.00 21.45 ? 32  ILE A CB  1 
ATOM   229  C  CG1 . ILE A 1 34  ? 10.355  -2.322  -0.424  1.00 23.20 ? 32  ILE A CG1 1 
ATOM   230  C  CG2 . ILE A 1 34  ? 8.475   -3.757  0.222   1.00 20.74 ? 32  ILE A CG2 1 
ATOM   231  C  CD1 . ILE A 1 34  ? 11.786  -2.376  -0.799  1.00 29.28 ? 32  ILE A CD1 1 
ATOM   232  N  N   . ILE A 1 35  ? 8.644   -4.272  3.465   1.00 17.29 ? 33  ILE A N   1 
ATOM   233  C  CA  . ILE A 1 35  ? 8.073   -5.413  4.140   1.00 17.05 ? 33  ILE A CA  1 
ATOM   234  C  C   . ILE A 1 35  ? 6.791   -5.829  3.403   1.00 20.08 ? 33  ILE A C   1 
ATOM   235  O  O   . ILE A 1 35  ? 6.207   -5.041  2.636   1.00 17.40 ? 33  ILE A O   1 
ATOM   236  C  CB  . ILE A 1 35  ? 7.838   -5.156  5.651   1.00 18.10 ? 33  ILE A CB  1 
ATOM   237  C  CG1 . ILE A 1 35  ? 6.920   -3.944  5.873   1.00 19.16 ? 33  ILE A CG1 1 
ATOM   238  C  CG2 . ILE A 1 35  ? 9.155   -4.954  6.379   1.00 19.76 ? 33  ILE A CG2 1 
ATOM   239  C  CD1 . ILE A 1 35  ? 6.500   -3.785  7.337   1.00 16.55 ? 33  ILE A CD1 1 
ATOM   240  N  N   . SER A 1 36  ? 6.366   -7.065  3.602   1.00 15.52 ? 34  SER A N   1 
ATOM   241  C  CA  . SER A 1 36  ? 5.282   -7.608  2.799   1.00 11.49 ? 34  SER A CA  1 
ATOM   242  C  C   . SER A 1 36  ? 4.208   -8.285  3.616   1.00 18.56 ? 34  SER A C   1 
ATOM   243  O  O   . SER A 1 36  ? 4.500   -8.906  4.655   1.00 17.48 ? 34  SER A O   1 
ATOM   244  C  CB  . SER A 1 36  ? 5.820   -8.537  1.705   1.00 17.29 ? 34  SER A CB  1 
ATOM   245  O  OG  . SER A 1 36  ? 6.645   -9.544  2.237   1.00 20.45 ? 34  SER A OG  1 
ATOM   246  N  N   . ALA A 1 37  ? 2.975   -8.163  3.133   1.00 11.63 ? 35  ALA A N   1 
ATOM   247  C  CA  . ALA A 1 37  ? 1.807   -8.773  3.750   1.00 14.46 ? 35  ALA A CA  1 
ATOM   248  C  C   . ALA A 1 37  ? 0.919   -9.409  2.686   1.00 15.96 ? 35  ALA A C   1 
ATOM   249  O  O   . ALA A 1 37  ? 0.717   -8.826  1.620   1.00 15.11 ? 35  ALA A O   1 
ATOM   250  C  CB  . ALA A 1 37  ? 1.014   -7.713  4.568   1.00 13.24 ? 35  ALA A CB  1 
ATOM   251  N  N   . ASP A 1 38  ? 0.400   -10.608 2.954   1.00 10.75 ? 36  ASP A N   1 
ATOM   252  C  CA  . ASP A 1 38  ? -0.374  -11.340 1.971   1.00 12.57 ? 36  ASP A CA  1 
ATOM   253  C  C   . ASP A 1 38  ? -1.878  -11.164 2.071   1.00 12.28 ? 36  ASP A C   1 
ATOM   254  O  O   . ASP A 1 38  ? -2.639  -11.807 1.338   1.00 14.16 ? 36  ASP A O   1 
ATOM   255  C  CB  . ASP A 1 38  ? 0.014   -12.830 1.989   1.00 19.30 ? 36  ASP A CB  1 
ATOM   256  C  CG  . ASP A 1 38  ? -0.385  -13.531 3.282   1.00 27.36 ? 36  ASP A CG  1 
ATOM   257  O  OD1 . ASP A 1 38  ? -0.997  -12.893 4.172   1.00 21.61 ? 36  ASP A OD1 1 
ATOM   258  O  OD2 . ASP A 1 38  ? -0.095  -14.745 3.397   1.00 30.82 ? 36  ASP A OD2 1 
ATOM   259  N  N   . SER A 1 39  ? -2.321  -10.282 2.975   1.00 12.61 ? 37  SER A N   1 
ATOM   260  C  CA  . SER A 1 39  ? -3.723  -10.118 3.261   1.00 11.53 ? 37  SER A CA  1 
ATOM   261  C  C   . SER A 1 39  ? -3.937  -8.877  4.108   1.00 10.31 ? 37  SER A C   1 
ATOM   262  O  O   . SER A 1 39  ? -2.981  -8.319  4.645   1.00 13.28 ? 37  SER A O   1 
ATOM   263  C  CB  . SER A 1 39  ? -4.248  -11.322 4.059   1.00 16.14 ? 37  SER A CB  1 
ATOM   264  O  OG  . SER A 1 39  ? -3.538  -11.384 5.283   1.00 16.44 ? 37  SER A OG  1 
ATOM   265  N  N   . GLY A 1 40  ? -5.205  -8.491  4.231   1.00 13.32 ? 38  GLY A N   1 
ATOM   266  C  CA  . GLY A 1 40  ? -5.577  -7.335  5.028   1.00 15.24 ? 38  GLY A CA  1 
ATOM   267  C  C   . GLY A 1 40  ? -5.278  -7.615  6.487   1.00 18.41 ? 38  GLY A C   1 
ATOM   268  O  O   . GLY A 1 40  ? -4.761  -6.748  7.194   1.00 17.67 ? 38  GLY A O   1 
ATOM   269  N  N   . GLY A 1 41  ? -5.556  -8.850  6.906   1.00 17.73 ? 39  GLY A N   1 
ATOM   270  C  CA  . GLY A 1 41  ? -5.267  -9.290  8.271   1.00 18.80 ? 39  GLY A CA  1 
ATOM   271  C  C   . GLY A 1 41  ? -3.790  -9.150  8.573   1.00 17.04 ? 39  GLY A C   1 
ATOM   272  O  O   . GLY A 1 41  ? -3.404  -8.625  9.629   1.00 19.68 ? 39  GLY A O   1 
ATOM   273  N  N   . GLN A 1 42  ? -2.942  -9.591  7.639   1.00 16.17 ? 40  GLN A N   1 
ATOM   274  C  CA  . GLN A 1 42  ? -1.508  -9.449  7.828   1.00 15.49 ? 40  GLN A CA  1 
ATOM   275  C  C   . GLN A 1 42  ? -1.023  -7.992  7.814   1.00 16.45 ? 40  GLN A C   1 
ATOM   276  O  O   . GLN A 1 42  ? -0.111  -7.634  8.542   1.00 15.62 ? 40  GLN A O   1 
ATOM   277  C  CB  . GLN A 1 42  ? -0.744  -10.317 6.837   1.00 19.43 ? 40  GLN A CB  1 
ATOM   278  C  CG  . GLN A 1 42  ? 0.604   -10.740 7.329   1.00 25.04 ? 40  GLN A CG  1 
ATOM   279  C  CD  . GLN A 1 42  ? 1.173   -11.878 6.520   1.00 29.20 ? 40  GLN A CD  1 
ATOM   280  O  OE1 . GLN A 1 42  ? 1.448   -11.725 5.337   1.00 17.94 ? 40  GLN A OE1 1 
ATOM   281  N  NE2 . GLN A 1 42  ? 1.356   -13.034 7.158   1.00 31.01 ? 40  GLN A NE2 1 
ATOM   282  N  N   . CYS A 1 43  ? -1.654  -7.140  7.005   1.00 12.83 ? 41  CYS A N   1 
ATOM   283  C  CA  . CYS A 1 43  ? -1.351  -5.722  7.024   1.00 14.35 ? 41  CYS A CA  1 
ATOM   284  C  C   . CYS A 1 43  ? -1.557  -5.147  8.442   1.00 12.53 ? 41  CYS A C   1 
ATOM   285  O  O   . CYS A 1 43  ? -0.695  -4.453  8.949   1.00 14.78 ? 41  CYS A O   1 
ATOM   286  C  CB  . CYS A 1 43  ? -2.242  -5.002  5.995   1.00 14.36 ? 41  CYS A CB  1 
ATOM   287  S  SG  . CYS A 1 43  ? -2.295  -3.193  6.112   1.00 17.89 ? 41  CYS A SG  1 
ATOM   288  N  N   . ILE A 1 44  ? -2.695  -5.475  9.049   1.00 14.14 ? 42  ILE A N   1 
ATOM   289  C  CA  . ILE A 1 44  ? -3.028  -4.989  10.411  1.00 14.74 ? 42  ILE A CA  1 
ATOM   290  C  C   . ILE A 1 44  ? -1.957  -5.498  11.390  1.00 15.10 ? 42  ILE A C   1 
ATOM   291  O  O   . ILE A 1 44  ? -1.363  -4.701  12.136  1.00 17.92 ? 42  ILE A O   1 
ATOM   292  C  CB  . ILE A 1 44  ? -4.463  -5.415  10.810  1.00 17.04 ? 42  ILE A CB  1 
ATOM   293  C  CG1 . ILE A 1 44  ? -5.523  -4.737  9.918   1.00 18.79 ? 42  ILE A CG1 1 
ATOM   294  C  CG2 . ILE A 1 44  ? -4.753  -5.141  12.294  1.00 17.78 ? 42  ILE A CG2 1 
ATOM   295  C  CD1 . ILE A 1 44  ? -5.337  -3.245  9.743   1.00 20.03 ? 42  ILE A CD1 1 
ATOM   296  N  N   . ASP A 1 45  ? -1.655  -6.796  11.305  1.00 17.86 ? 43  ASP A N   1 
ATOM   297  C  CA  . ASP A 1 45  ? -0.582  -7.402  12.114  1.00 19.27 ? 43  ASP A CA  1 
ATOM   298  C  C   . ASP A 1 45  ? 0.733   -6.638  11.986  1.00 17.72 ? 43  ASP A C   1 
ATOM   299  O  O   . ASP A 1 45  ? 1.405   -6.362  12.973  1.00 20.81 ? 43  ASP A O   1 
ATOM   300  C  CB  . ASP A 1 45  ? -0.345  -8.865  11.711  1.00 18.10 ? 43  ASP A CB  1 
ATOM   301  C  CG  . ASP A 1 45  ? -1.505  -9.777  12.059  1.00 26.58 ? 43  ASP A CG  1 
ATOM   302  O  OD1 . ASP A 1 45  ? -2.345  -9.404  12.904  1.00 32.69 ? 43  ASP A OD1 1 
ATOM   303  O  OD2 . ASP A 1 45  ? -1.572  -10.881 11.472  1.00 38.45 ? 43  ASP A OD2 1 
ATOM   304  N  N   . LEU A 1 46  ? 1.107   -6.288  10.754  1.00 14.95 ? 44  LEU A N   1 
ATOM   305  C  CA  . LEU A 1 46  ? 2.321   -5.566  10.545  1.00 12.14 ? 44  LEU A CA  1 
ATOM   306  C  C   . LEU A 1 46  ? 2.323   -4.140  11.060  1.00 16.60 ? 44  LEU A C   1 
ATOM   307  O  O   . LEU A 1 46  ? 3.331   -3.670  11.581  1.00 20.17 ? 44  LEU A O   1 
ATOM   308  C  CB  . LEU A 1 46  ? 2.702   -5.580  9.060   1.00 18.64 ? 44  LEU A CB  1 
ATOM   309  C  CG  . LEU A 1 46  ? 3.229   -6.888  8.462   1.00 21.35 ? 44  LEU A CG  1 
ATOM   310  C  CD1 . LEU A 1 46  ? 3.676   -6.596  7.055   1.00 14.63 ? 44  LEU A CD1 1 
ATOM   311  C  CD2 . LEU A 1 46  ? 4.412   -7.421  9.257   1.00 27.45 ? 44  LEU A CD2 1 
ATOM   312  N  N   . LEU A 1 47  ? 1.201   -3.435  10.923  1.00 15.68 ? 45  LEU A N   1 
ATOM   313  C  CA  . LEU A 1 47  ? 1.140   -2.066  11.400  1.00 14.93 ? 45  LEU A CA  1 
ATOM   314  C  C   . LEU A 1 47  ? 1.222   -2.031  12.940  1.00 14.82 ? 45  LEU A C   1 
ATOM   315  O  O   . LEU A 1 47  ? 1.782   -1.097  13.503  1.00 19.13 ? 45  LEU A O   1 
ATOM   316  C  CB  . LEU A 1 47  ? -0.131  -1.368  10.902  1.00 17.37 ? 45  LEU A CB  1 
ATOM   317  C  CG  . LEU A 1 47  ? -0.200  -1.061  9.398   1.00 14.09 ? 45  LEU A CG  1 
ATOM   318  C  CD1 . LEU A 1 47  ? -1.639  -0.694  9.111   1.00 16.31 ? 45  LEU A CD1 1 
ATOM   319  C  CD2 . LEU A 1 47  ? 0.728   0.081   9.015   1.00 16.46 ? 45  LEU A CD2 1 
ATOM   320  N  N   . LYS A 1 48  ? 0.709   -3.078  13.579  1.00 17.15 ? 46  LYS A N   1 
ATOM   321  C  CA  . LYS A 1 48  ? 0.768   -3.207  15.056  1.00 18.54 ? 46  LYS A CA  1 
ATOM   322  C  C   . LYS A 1 48  ? 2.188   -3.360  15.591  1.00 27.03 ? 46  LYS A C   1 
ATOM   323  O  O   . LYS A 1 48  ? 2.474   -2.995  16.740  1.00 25.35 ? 46  LYS A O   1 
ATOM   324  C  CB  . LYS A 1 48  ? -0.064  -4.387  15.524  1.00 19.78 ? 46  LYS A CB  1 
ATOM   325  C  CG  . LYS A 1 48  ? -1.547  -4.178  15.440  1.00 16.14 ? 46  LYS A CG  1 
ATOM   326  C  CD  . LYS A 1 48  ? -2.297  -5.423  15.825  1.00 27.77 ? 46  LYS A CD  1 
ATOM   327  C  CE  . LYS A 1 48  ? -3.760  -5.148  15.998  1.00 30.14 ? 46  LYS A CE  1 
ATOM   328  N  NZ  . LYS A 1 48  ? -4.521  -6.398  16.286  1.00 38.65 ? 46  LYS A NZ  1 
ATOM   329  N  N   . LYS A 1 49  ? 3.086   -3.906  14.775  1.00 20.43 ? 47  LYS A N   1 
ATOM   330  C  CA  . LYS A 1 49  ? 4.476   -4.021  15.208  1.00 20.23 ? 47  LYS A CA  1 
ATOM   331  C  C   . LYS A 1 49  ? 5.185   -2.678  15.174  1.00 22.39 ? 47  LYS A C   1 
ATOM   332  O  O   . LYS A 1 49  ? 6.272   -2.548  15.727  1.00 26.79 ? 47  LYS A O   1 
ATOM   333  C  CB  . LYS A 1 49  ? 5.248   -5.036  14.363  1.00 20.33 ? 47  LYS A CB  1 
ATOM   334  C  CG  . LYS A 1 49  ? 4.621   -6.405  14.331  1.00 22.08 ? 47  LYS A CG  1 
ATOM   335  C  CD  . LYS A 1 49  ? 5.427   -7.323  13.429  1.00 19.93 ? 47  LYS A CD  1 
ATOM   336  C  CE  . LYS A 1 49  ? 4.650   -8.587  13.117  1.00 26.19 ? 47  LYS A CE  1 
ATOM   337  N  NZ  . LYS A 1 49  ? 5.417   -9.539  12.246  1.00 26.10 ? 47  LYS A NZ  1 
ATOM   338  N  N   . GLY A 1 50  ? 4.567   -1.681  14.528  1.00 19.69 ? 48  GLY A N   1 
ATOM   339  C  CA  . GLY A 1 50  ? 5.191   -0.378  14.346  1.00 20.46 ? 48  GLY A CA  1 
ATOM   340  C  C   . GLY A 1 50  ? 5.711   -0.213  12.932  1.00 25.99 ? 48  GLY A C   1 
ATOM   341  O  O   . GLY A 1 50  ? 6.627   -0.923  12.509  1.00 24.92 ? 48  GLY A O   1 
ATOM   342  N  N   . PHE A 1 51  ? 5.115   0.723   12.198  1.00 19.69 ? 49  PHE A N   1 
ATOM   343  C  CA  . PHE A 1 51  ? 5.511   1.000   10.822  1.00 19.51 ? 49  PHE A CA  1 
ATOM   344  C  C   . PHE A 1 51  ? 5.166   2.442   10.493  1.00 14.95 ? 49  PHE A C   1 
ATOM   345  O  O   . PHE A 1 51  ? 4.082   2.901   10.820  1.00 18.57 ? 49  PHE A O   1 
ATOM   346  C  CB  . PHE A 1 51  ? 4.751   0.075   9.857   1.00 16.40 ? 49  PHE A CB  1 
ATOM   347  C  CG  . PHE A 1 51  ? 4.984   0.396   8.415   1.00 18.29 ? 49  PHE A CG  1 
ATOM   348  C  CD1 . PHE A 1 51  ? 6.089   -0.122  7.741   1.00 14.92 ? 49  PHE A CD1 1 
ATOM   349  C  CD2 . PHE A 1 51  ? 4.107   1.241   7.717   1.00 16.49 ? 49  PHE A CD2 1 
ATOM   350  C  CE1 . PHE A 1 51  ? 6.327   0.173   6.411   1.00 22.03 ? 49  PHE A CE1 1 
ATOM   351  C  CE2 . PHE A 1 51  ? 4.347   1.544   6.389   1.00 14.71 ? 49  PHE A CE2 1 
ATOM   352  C  CZ  . PHE A 1 51  ? 5.457   1.012   5.728   1.00 16.62 ? 49  PHE A CZ  1 
ATOM   353  N  N   . SER A 1 52  ? 6.086   3.135   9.841   1.00 16.19 ? 50  SER A N   1 
ATOM   354  C  CA  . SER A 1 52  ? 5.777   4.446   9.280   1.00 18.10 ? 50  SER A CA  1 
ATOM   355  C  C   . SER A 1 52  ? 6.348   4.532   7.869   1.00 19.45 ? 50  SER A C   1 
ATOM   356  O  O   . SER A 1 52  ? 7.503   4.200   7.643   1.00 15.84 ? 50  SER A O   1 
ATOM   357  C  CB  . SER A 1 52  ? 6.339   5.563   10.169  1.00 17.24 ? 50  SER A CB  1 
ATOM   358  O  OG  . SER A 1 52  ? 6.026   6.846   9.627   1.00 23.40 ? 50  SER A OG  1 
ATOM   359  N  N   . GLY A 1 53  ? 5.537   4.980   6.913   1.00 15.35 ? 51  GLY A N   1 
ATOM   360  C  CA  . GLY A 1 53  ? 5.977   5.016   5.528   1.00 14.30 ? 51  GLY A CA  1 
ATOM   361  C  C   . GLY A 1 53  ? 4.807   4.829   4.575   1.00 10.82 ? 51  GLY A C   1 
ATOM   362  O  O   . GLY A 1 53  ? 3.666   5.110   4.926   1.00 14.78 ? 51  GLY A O   1 
ATOM   363  N  N   . VAL A 1 54  ? 5.117   4.327   3.387   1.00 14.44 ? 52  VAL A N   1 
ATOM   364  C  CA  . VAL A 1 54  ? 4.126   4.179   2.326   1.00 12.04 ? 52  VAL A CA  1 
ATOM   365  C  C   . VAL A 1 54  ? 3.546   2.759   2.367   1.00 12.33 ? 52  VAL A C   1 
ATOM   366  O  O   . VAL A 1 54  ? 4.304   1.789   2.411   1.00 14.81 ? 52  VAL A O   1 
ATOM   367  C  CB  . VAL A 1 54  ? 4.742   4.495   0.938   1.00 12.72 ? 52  VAL A CB  1 
ATOM   368  C  CG1 . VAL A 1 54  ? 3.786   4.137   -0.208  1.00 14.25 ? 52  VAL A CG1 1 
ATOM   369  C  CG2 . VAL A 1 54  ? 5.146   5.987   0.846   1.00 14.56 ? 52  VAL A CG2 1 
ATOM   370  N  N   . VAL A 1 55  ? 2.221   2.643   2.363   1.00 11.14 ? 53  VAL A N   1 
ATOM   371  C  CA  . VAL A 1 55  ? 1.554   1.345   2.293   1.00 9.59  ? 53  VAL A CA  1 
ATOM   372  C  C   . VAL A 1 55  ? 0.953   1.205   0.888   1.00 10.96 ? 53  VAL A C   1 
ATOM   373  O  O   . VAL A 1 55  ? 0.072   1.988   0.495   1.00 12.09 ? 53  VAL A O   1 
ATOM   374  C  CB  . VAL A 1 55  ? 0.456   1.191   3.360   1.00 13.19 ? 53  VAL A CB  1 
ATOM   375  C  CG1 . VAL A 1 55  ? -0.328  -0.132  3.197   1.00 9.59  ? 53  VAL A CG1 1 
ATOM   376  C  CG2 . VAL A 1 55  ? 1.079   1.310   4.769   1.00 12.87 ? 53  VAL A CG2 1 
ATOM   377  N  N   . LEU A 1 56  ? 1.474   0.249   0.124   1.00 7.65  ? 54  LEU A N   1 
ATOM   378  C  CA  . LEU A 1 56  ? 0.938   -0.077  -1.204  1.00 7.66  ? 54  LEU A CA  1 
ATOM   379  C  C   . LEU A 1 56  ? -0.080  -1.178  -0.999  1.00 11.24 ? 54  LEU A C   1 
ATOM   380  O  O   . LEU A 1 56  ? 0.266   -2.320  -0.686  1.00 12.22 ? 54  LEU A O   1 
ATOM   381  C  CB  . LEU A 1 56  ? 2.062   -0.512  -2.155  1.00 9.47  ? 54  LEU A CB  1 
ATOM   382  C  CG  . LEU A 1 56  ? 3.243   0.449   -2.346  1.00 10.00 ? 54  LEU A CG  1 
ATOM   383  C  CD1 . LEU A 1 56  ? 4.399   -0.201  -3.095  1.00 13.87 ? 54  LEU A CD1 1 
ATOM   384  C  CD2 . LEU A 1 56  ? 2.784   1.742   -3.074  1.00 14.81 ? 54  LEU A CD2 1 
ATOM   385  N  N   . LEU A 1 57  ? -1.343  -0.820  -1.156  1.00 10.07 ? 55  LEU A N   1 
ATOM   386  C  CA  . LEU A 1 57  ? -2.463  -1.668  -0.751  1.00 11.51 ? 55  LEU A CA  1 
ATOM   387  C  C   . LEU A 1 57  ? -3.312  -2.169  -1.933  1.00 10.16 ? 55  LEU A C   1 
ATOM   388  O  O   . LEU A 1 57  ? -4.040  -1.413  -2.569  1.00 11.67 ? 55  LEU A O   1 
ATOM   389  C  CB  . LEU A 1 57  ? -3.343  -0.952  0.286   1.00 10.98 ? 55  LEU A CB  1 
ATOM   390  C  CG  . LEU A 1 57  ? -4.564  -1.673  0.830   1.00 12.37 ? 55  LEU A CG  1 
ATOM   391  C  CD1 . LEU A 1 57  ? -4.135  -2.978  1.483   1.00 10.40 ? 55  LEU A CD1 1 
ATOM   392  C  CD2 . LEU A 1 57  ? -5.307  -0.789  1.840   1.00 10.50 ? 55  LEU A CD2 1 
ATOM   393  N  N   . ASP A 1 58  ? -3.231  -3.471  -2.189  1.00 11.03 ? 56  ASP A N   1 
ATOM   394  C  CA  . ASP A 1 58  ? -4.046  -4.105  -3.230  1.00 10.46 ? 56  ASP A CA  1 
ATOM   395  C  C   . ASP A 1 58  ? -5.557  -3.975  -2.919  1.00 12.38 ? 56  ASP A C   1 
ATOM   396  O  O   . ASP A 1 58  ? -6.018  -4.347  -1.829  1.00 11.90 ? 56  ASP A O   1 
ATOM   397  C  CB  . ASP A 1 58  ? -3.663  -5.575  -3.259  1.00 10.29 ? 56  ASP A CB  1 
ATOM   398  C  CG  . ASP A 1 58  ? -4.195  -6.297  -4.444  1.00 19.42 ? 56  ASP A CG  1 
ATOM   399  O  OD1 . ASP A 1 58  ? -4.597  -5.653  -5.439  1.00 25.10 ? 56  ASP A OD1 1 
ATOM   400  O  OD2 . ASP A 1 58  ? -4.178  -7.542  -4.385  1.00 15.96 ? 56  ASP A OD2 1 
ATOM   401  N  N   . ILE A 1 59  ? -6.347  -3.426  -3.855  1.00 9.18  ? 57  ILE A N   1 
ATOM   402  C  CA  . ILE A 1 59  ? -7.783  -3.315  -3.624  1.00 12.64 ? 57  ILE A CA  1 
ATOM   403  C  C   . ILE A 1 59  ? -8.500  -4.653  -3.655  1.00 15.37 ? 57  ILE A C   1 
ATOM   404  O  O   . ILE A 1 59  ? -9.359  -4.906  -2.820  1.00 17.93 ? 57  ILE A O   1 
ATOM   405  C  CB  . ILE A 1 59  ? -8.506  -2.358  -4.622  1.00 15.49 ? 57  ILE A CB  1 
ATOM   406  C  CG1 . ILE A 1 59  ? -7.921  -0.954  -4.557  1.00 16.29 ? 57  ILE A CG1 1 
ATOM   407  C  CG2 . ILE A 1 59  ? -10.004 -2.264  -4.304  1.00 18.82 ? 57  ILE A CG2 1 
ATOM   408  C  CD1 . ILE A 1 59  ? -8.878  0.135   -5.108  1.00 24.89 ? 57  ILE A CD1 1 
HETATM 409  N  N   . MSE A 1 60  ? -8.171  -5.491  -4.627  1.00 15.84 ? 58  MSE A N   1 
HETATM 410  C  CA  A MSE A 1 60  ? -8.876  -6.768  -4.735  0.50 14.59 ? 58  MSE A CA  1 
HETATM 411  C  CA  B MSE A 1 60  ? -8.843  -6.772  -4.790  0.50 20.94 ? 58  MSE A CA  1 
HETATM 412  C  C   . MSE A 1 60  ? -8.089  -7.897  -4.099  1.00 14.74 ? 58  MSE A C   1 
HETATM 413  O  O   . MSE A 1 60  ? -7.144  -8.446  -4.666  1.00 18.32 ? 58  MSE A O   1 
HETATM 414  C  CB  A MSE A 1 60  ? -9.329  -7.111  -6.161  0.50 23.84 ? 58  MSE A CB  1 
HETATM 415  C  CB  B MSE A 1 60  ? -9.029  -7.075  -6.272  0.50 21.60 ? 58  MSE A CB  1 
HETATM 416  C  CG  A MSE A 1 60  ? -10.237 -8.364  -6.230  0.50 24.80 ? 58  MSE A CG  1 
HETATM 417  C  CG  B MSE A 1 60  ? -10.170 -6.293  -6.871  0.50 27.20 ? 58  MSE A CG  1 
HETATM 418  SE SE  A MSE A 1 60  ? -11.585 -8.528  -4.771  0.50 56.49 ? 58  MSE A SE  1 
HETATM 419  SE SE  B MSE A 1 60  ? -10.552 -6.687  -8.728  0.50 48.80 ? 58  MSE A SE  1 
HETATM 420  C  CE  A MSE A 1 60  ? -11.771 -10.481 -4.750  0.50 37.40 ? 58  MSE A CE  1 
HETATM 421  C  CE  B MSE A 1 60  ? -10.270 -8.631  -8.674  0.50 12.44 ? 58  MSE A CE  1 
HETATM 422  N  N   . MSE A 1 61  ? -8.522  -8.228  -2.892  1.00 15.24 ? 59  MSE A N   1 
HETATM 423  C  CA  . MSE A 1 61  ? -7.960  -9.343  -2.152  1.00 18.30 ? 59  MSE A CA  1 
HETATM 424  C  C   . MSE A 1 61  ? -9.128  -10.186 -1.681  1.00 16.33 ? 59  MSE A C   1 
HETATM 425  O  O   . MSE A 1 61  ? -10.204 -9.650  -1.381  1.00 19.57 ? 59  MSE A O   1 
HETATM 426  C  CB  . MSE A 1 61  ? -7.150  -8.843  -0.957  1.00 13.36 ? 59  MSE A CB  1 
HETATM 427  C  CG  . MSE A 1 61  ? -5.900  -8.091  -1.373  1.00 16.69 ? 59  MSE A CG  1 
HETATM 428  SE SE  . MSE A 1 61  ? -4.722  -7.771  0.121   1.00 20.91 ? 59  MSE A SE  1 
HETATM 429  C  CE  . MSE A 1 61  ? -5.836  -6.467  1.070   1.00 15.33 ? 59  MSE A CE  1 
ATOM   430  N  N   . PRO A 1 62  ? -8.942  -11.516 -1.635  1.00 18.16 ? 60  PRO A N   1 
ATOM   431  C  CA  . PRO A 1 62  ? -10.080 -12.319 -1.181  1.00 16.35 ? 60  PRO A CA  1 
ATOM   432  C  C   . PRO A 1 62  ? -10.348 -12.202 0.313   1.00 15.03 ? 60  PRO A C   1 
ATOM   433  O  O   . PRO A 1 62  ? -9.416  -12.085 1.103   1.00 17.84 ? 60  PRO A O   1 
ATOM   434  C  CB  . PRO A 1 62  ? -9.678  -13.753 -1.552  1.00 17.64 ? 60  PRO A CB  1 
ATOM   435  C  CG  . PRO A 1 62  ? -8.200  -13.738 -1.653  1.00 19.94 ? 60  PRO A CG  1 
ATOM   436  C  CD  . PRO A 1 62  ? -7.770  -12.331 -1.997  1.00 17.75 ? 60  PRO A CD  1 
ATOM   437  N  N   . GLY A 1 63  ? -11.620 -12.265 0.675   1.00 21.58 ? 61  GLY A N   1 
ATOM   438  C  CA  . GLY A 1 63  ? -12.021 -12.150 2.061   1.00 18.93 ? 61  GLY A CA  1 
ATOM   439  C  C   . GLY A 1 63  ? -12.097 -10.693 2.434   1.00 19.59 ? 61  GLY A C   1 
ATOM   440  O  O   . GLY A 1 63  ? -13.137 -10.062 2.268   1.00 29.35 ? 61  GLY A O   1 
HETATM 441  N  N   . MSE A 1 64  ? -10.985 -10.165 2.933   1.00 17.49 ? 62  MSE A N   1 
HETATM 442  C  CA  . MSE A 1 64  ? -10.881 -8.752  3.279   1.00 17.53 ? 62  MSE A CA  1 
HETATM 443  C  C   . MSE A 1 64  ? -10.229 -8.022  2.110   1.00 13.57 ? 62  MSE A C   1 
HETATM 444  O  O   . MSE A 1 64  ? -9.053  -8.242  1.822   1.00 14.83 ? 62  MSE A O   1 
HETATM 445  C  CB  . MSE A 1 64  ? -9.981  -8.572  4.494   1.00 20.76 ? 62  MSE A CB  1 
HETATM 446  C  CG  . MSE A 1 64  ? -10.650 -8.699  5.822   1.00 29.86 ? 62  MSE A CG  1 
HETATM 447  SE SE  . MSE A 1 64  ? -9.231  -8.393  7.134   1.00 38.14 ? 62  MSE A SE  1 
HETATM 448  C  CE  . MSE A 1 64  ? -9.132  -6.439  7.148   1.00 19.48 ? 62  MSE A CE  1 
ATOM   449  N  N   . ASP A 1 65  ? -10.984 -7.165  1.442   1.00 13.50 ? 63  ASP A N   1 
ATOM   450  C  CA  . ASP A 1 65  ? -10.391 -6.431  0.323   1.00 13.30 ? 63  ASP A CA  1 
ATOM   451  C  C   . ASP A 1 65  ? -9.670  -5.179  0.845   1.00 14.45 ? 63  ASP A C   1 
ATOM   452  O  O   . ASP A 1 65  ? -9.607  -4.964  2.057   1.00 12.01 ? 63  ASP A O   1 
ATOM   453  C  CB  . ASP A 1 65  ? -11.435 -6.132  -0.766  1.00 15.82 ? 63  ASP A CB  1 
ATOM   454  C  CG  . ASP A 1 65  ? -12.539 -5.177  -0.324  1.00 18.46 ? 63  ASP A CG  1 
ATOM   455  O  OD1 . ASP A 1 65  ? -12.381 -4.386  0.637   1.00 14.64 ? 63  ASP A OD1 1 
ATOM   456  O  OD2 . ASP A 1 65  ? -13.594 -5.180  -0.998  1.00 22.37 ? 63  ASP A OD2 1 
ATOM   457  N  N   . GLY A 1 66  ? -9.107  -4.367  -0.051  1.00 13.29 ? 64  GLY A N   1 
ATOM   458  C  CA  . GLY A 1 66  ? -8.411  -3.134  0.357   1.00 12.84 ? 64  GLY A CA  1 
ATOM   459  C  C   . GLY A 1 66  ? -9.261  -2.166  1.176   1.00 12.20 ? 64  GLY A C   1 
ATOM   460  O  O   . GLY A 1 66  ? -8.753  -1.486  2.082   1.00 14.14 ? 64  GLY A O   1 
ATOM   461  N  N   . TRP A 1 67  ? -10.550 -2.091  0.854   1.00 10.64 ? 65  TRP A N   1 
ATOM   462  C  CA  . TRP A 1 67  ? -11.443 -1.186  1.576   1.00 12.47 ? 65  TRP A CA  1 
ATOM   463  C  C   . TRP A 1 67  ? -11.685 -1.692  3.001   1.00 11.49 ? 65  TRP A C   1 
ATOM   464  O  O   . TRP A 1 67  ? -11.600 -0.904  3.959   1.00 13.40 ? 65  TRP A O   1 
ATOM   465  C  CB  . TRP A 1 67  ? -12.755 -0.988  0.821   1.00 15.25 ? 65  TRP A CB  1 
ATOM   466  C  CG  . TRP A 1 67  ? -12.534 -0.366  -0.503  1.00 13.38 ? 65  TRP A CG  1 
ATOM   467  C  CD1 . TRP A 1 67  ? -12.785 -0.934  -1.722  1.00 21.15 ? 65  TRP A CD1 1 
ATOM   468  C  CD2 . TRP A 1 67  ? -12.000 0.947   -0.770  1.00 11.35 ? 65  TRP A CD2 1 
ATOM   469  N  NE1 . TRP A 1 67  ? -12.440 -0.067  -2.731  1.00 18.38 ? 65  TRP A NE1 1 
ATOM   470  C  CE2 . TRP A 1 67  ? -11.964 1.097   -2.181  1.00 15.35 ? 65  TRP A CE2 1 
ATOM   471  C  CE3 . TRP A 1 67  ? -11.557 2.006   0.039   1.00 10.95 ? 65  TRP A CE3 1 
ATOM   472  C  CZ2 . TRP A 1 67  ? -11.489 2.253   -2.798  1.00 13.76 ? 65  TRP A CZ2 1 
ATOM   473  C  CZ3 . TRP A 1 67  ? -11.088 3.171   -0.584  1.00 17.47 ? 65  TRP A CZ3 1 
ATOM   474  C  CH2 . TRP A 1 67  ? -11.068 3.277   -1.990  1.00 14.26 ? 65  TRP A CH2 1 
ATOM   475  N  N   . ASP A 1 68  ? -11.966 -3.002  3.121   1.00 13.32 ? 66  ASP A N   1 
ATOM   476  C  CA  . ASP A 1 68  ? -12.117 -3.650  4.436   1.00 14.00 ? 66  ASP A CA  1 
ATOM   477  C  C   . ASP A 1 68  ? -10.861 -3.395  5.267   1.00 12.80 ? 66  ASP A C   1 
ATOM   478  O  O   . ASP A 1 68  ? -10.935 -3.171  6.487   1.00 16.10 ? 66  ASP A O   1 
ATOM   479  C  CB  . ASP A 1 68  ? -12.311 -5.170  4.302   1.00 12.05 ? 66  ASP A CB  1 
ATOM   480  C  CG  . ASP A 1 68  ? -13.582 -5.548  3.578   1.00 20.00 ? 66  ASP A CG  1 
ATOM   481  O  OD1 . ASP A 1 68  ? -14.624 -4.917  3.844   1.00 22.89 ? 66  ASP A OD1 1 
ATOM   482  O  OD2 . ASP A 1 68  ? -13.553 -6.511  2.770   1.00 20.80 ? 66  ASP A OD2 1 
ATOM   483  N  N   . THR A 1 69  ? -9.700  -3.456  4.606   1.00 10.51 ? 67  THR A N   1 
ATOM   484  C  CA  . THR A 1 69  ? -8.425  -3.210  5.255   1.00 11.91 ? 67  THR A CA  1 
ATOM   485  C  C   . THR A 1 69  ? -8.289  -1.771  5.769   1.00 13.93 ? 67  THR A C   1 
ATOM   486  O  O   . THR A 1 69  ? -7.874  -1.551  6.915   1.00 13.01 ? 67  THR A O   1 
ATOM   487  C  CB  . THR A 1 69  ? -7.246  -3.611  4.332   1.00 11.87 ? 67  THR A CB  1 
ATOM   488  O  OG1 . THR A 1 69  ? -7.434  -4.969  3.892   1.00 11.24 ? 67  THR A OG1 1 
ATOM   489  C  CG2 . THR A 1 69  ? -5.898  -3.461  5.036   1.00 13.52 ? 67  THR A CG2 1 
ATOM   490  N  N   . ILE A 1 70  ? -8.643  -0.779  4.946   1.00 10.08 ? 68  ILE A N   1 
ATOM   491  C  CA  . ILE A 1 70  ? -8.632  0.592   5.433   1.00 10.10 ? 68  ILE A CA  1 
ATOM   492  C  C   . ILE A 1 70  ? -9.564  0.774   6.632   1.00 9.56  ? 68  ILE A C   1 
ATOM   493  O  O   . ILE A 1 70  ? -9.185  1.465   7.589   1.00 12.43 ? 68  ILE A O   1 
ATOM   494  C  CB  . ILE A 1 70  ? -8.959  1.613   4.311   1.00 13.48 ? 68  ILE A CB  1 
ATOM   495  C  CG1 . ILE A 1 70  ? -7.837  1.581   3.281   1.00 10.83 ? 68  ILE A CG1 1 
ATOM   496  C  CG2 . ILE A 1 70  ? -9.110  3.041   4.879   1.00 15.40 ? 68  ILE A CG2 1 
ATOM   497  C  CD1 . ILE A 1 70  ? -8.033  2.584   2.143   1.00 13.58 ? 68  ILE A CD1 1 
ATOM   498  N  N   . ARG A 1 71  ? -10.759 0.171   6.573   1.00 12.04 ? 69  ARG A N   1 
ATOM   499  C  CA  . ARG A 1 71  ? -11.723 0.247   7.686   1.00 13.06 ? 69  ARG A CA  1 
ATOM   500  C  C   . ARG A 1 71  ? -11.076 -0.339  8.931   1.00 14.05 ? 69  ARG A C   1 
ATOM   501  O  O   . ARG A 1 71  ? -11.172 0.242   10.005  1.00 14.69 ? 69  ARG A O   1 
ATOM   502  C  CB  . ARG A 1 71  ? -13.025 -0.482  7.385   1.00 13.07 ? 69  ARG A CB  1 
ATOM   503  C  CG  . ARG A 1 71  ? -14.077 -0.309  8.482   1.00 13.40 ? 69  ARG A CG  1 
ATOM   504  C  CD  . ARG A 1 71  ? -15.460 -0.702  7.999   1.00 24.13 ? 69  ARG A CD  1 
ATOM   505  N  NE  . ARG A 1 71  ? -16.452 -0.439  9.041   1.00 35.86 ? 69  ARG A NE  1 
ATOM   506  C  CZ  . ARG A 1 71  ? -17.766 -0.587  8.891   1.00 39.02 ? 69  ARG A CZ  1 
ATOM   507  N  NH1 . ARG A 1 71  ? -18.269 -1.006  7.734   1.00 40.97 ? 69  ARG A NH1 1 
ATOM   508  N  NH2 . ARG A 1 71  ? -18.577 -0.312  9.904   1.00 39.85 ? 69  ARG A NH2 1 
ATOM   509  N  N   . ALA A 1 72  ? -10.395 -1.468  8.765   1.00 11.96 ? 70  ALA A N   1 
ATOM   510  C  CA  . ALA A 1 72  ? -9.681  -2.086  9.899   1.00 12.74 ? 70  ALA A CA  1 
ATOM   511  C  C   . ALA A 1 72  ? -8.546  -1.224  10.444  1.00 12.94 ? 70  ALA A C   1 
ATOM   512  O  O   . ALA A 1 72  ? -8.321  -1.173  11.661  1.00 18.64 ? 70  ALA A O   1 
ATOM   513  C  CB  . ALA A 1 72  ? -9.180  -3.493  9.535   1.00 12.78 ? 70  ALA A CB  1 
ATOM   514  N  N   . ILE A 1 73  ? -7.816  -0.560  9.555   1.00 10.81 ? 71  ILE A N   1 
ATOM   515  C  CA  . ILE A 1 73  ? -6.750  0.349   9.962   1.00 8.96  ? 71  ILE A CA  1 
ATOM   516  C  C   . ILE A 1 73  ? -7.346  1.444   10.839  1.00 14.35 ? 71  ILE A C   1 
ATOM   517  O  O   . ILE A 1 73  ? -6.854  1.707   11.928  1.00 15.92 ? 71  ILE A O   1 
ATOM   518  C  CB  . ILE A 1 73  ? -6.013  0.956   8.738   1.00 14.30 ? 71  ILE A CB  1 
ATOM   519  C  CG1 . ILE A 1 73  ? -5.170  -0.124  8.056   1.00 12.56 ? 71  ILE A CG1 1 
ATOM   520  C  CG2 . ILE A 1 73  ? -5.121  2.108   9.163   1.00 12.48 ? 71  ILE A CG2 1 
ATOM   521  C  CD1 . ILE A 1 73  ? -4.542  0.316   6.730   1.00 14.28 ? 71  ILE A CD1 1 
ATOM   522  N  N   . LEU A 1 74  ? -8.451  2.041   10.384  1.00 12.17 ? 72  LEU A N   1 
ATOM   523  C  CA  . LEU A 1 74  ? -9.147  3.057   11.186  1.00 14.13 ? 72  LEU A CA  1 
ATOM   524  C  C   . LEU A 1 74  ? -9.710  2.546   12.520  1.00 13.35 ? 72  LEU A C   1 
ATOM   525  O  O   . LEU A 1 74  ? -9.548  3.217   13.547  1.00 18.27 ? 72  LEU A O   1 
ATOM   526  C  CB  . LEU A 1 74  ? -10.243 3.719   10.357  1.00 14.82 ? 72  LEU A CB  1 
ATOM   527  C  CG  . LEU A 1 74  ? -9.680  4.470   9.155   1.00 16.85 ? 72  LEU A CG  1 
ATOM   528  C  CD1 . LEU A 1 74  ? -10.813 4.862   8.213   1.00 19.04 ? 72  LEU A CD1 1 
ATOM   529  C  CD2 . LEU A 1 74  ? -8.859  5.678   9.571   1.00 16.69 ? 72  LEU A CD2 1 
ATOM   530  N  N   . ASP A 1 75  ? -10.347 1.378   12.490  1.00 18.24 ? 73  ASP A N   1 
ATOM   531  C  CA  . ASP A 1 75  ? -10.897 0.734   13.694  1.00 15.92 ? 73  ASP A CA  1 
ATOM   532  C  C   . ASP A 1 75  ? -9.834  0.495   14.762  1.00 20.23 ? 73  ASP A C   1 
ATOM   533  O  O   . ASP A 1 75  ? -10.129 0.558   15.966  1.00 23.08 ? 73  ASP A O   1 
ATOM   534  C  CB  . ASP A 1 75  ? -11.549 -0.588  13.331  1.00 20.35 ? 73  ASP A CB  1 
ATOM   535  C  CG  . ASP A 1 75  ? -12.896 -0.410  12.659  1.00 22.92 ? 73  ASP A CG  1 
ATOM   536  O  OD1 . ASP A 1 75  ? -13.483 0.682   12.775  1.00 31.57 ? 73  ASP A OD1 1 
ATOM   537  O  OD2 . ASP A 1 75  ? -13.384 -1.371  12.040  1.00 29.39 ? 73  ASP A OD2 1 
ATOM   538  N  N   . ASN A 1 76  ? -8.613  0.206   14.319  1.00 15.88 ? 74  ASN A N   1 
ATOM   539  C  CA  . ASN A 1 76  ? -7.518  -0.059  15.223  1.00 22.21 ? 74  ASN A CA  1 
ATOM   540  C  C   . ASN A 1 76  ? -6.671  1.176   15.528  1.00 18.40 ? 74  ASN A C   1 
ATOM   541  O  O   . ASN A 1 76  ? -5.654  1.070   16.211  1.00 16.96 ? 74  ASN A O   1 
ATOM   542  C  CB  . ASN A 1 76  ? -6.669  -1.211  14.683  1.00 20.17 ? 74  ASN A CB  1 
ATOM   543  C  CG  . ASN A 1 76  ? -7.362  -2.544  14.815  1.00 25.25 ? 74  ASN A CG  1 
ATOM   544  O  OD1 . ASN A 1 76  ? -7.418  -3.118  15.898  1.00 27.02 ? 74  ASN A OD1 1 
ATOM   545  N  ND2 . ASN A 1 76  ? -7.906  -3.042  13.717  1.00 22.79 ? 74  ASN A ND2 1 
ATOM   546  N  N   . SER A 1 77  ? -7.089  2.340   15.023  1.00 17.47 ? 75  SER A N   1 
ATOM   547  C  CA  . SER A 1 77  ? -6.361  3.618   15.202  1.00 15.87 ? 75  SER A CA  1 
ATOM   548  C  C   . SER A 1 77  ? -4.930  3.594   14.646  1.00 18.08 ? 75  SER A C   1 
ATOM   549  O  O   . SER A 1 77  ? -4.010  4.161   15.243  1.00 17.31 ? 75  SER A O   1 
ATOM   550  C  CB  . SER A 1 77  ? -6.386  4.093   16.680  1.00 16.69 ? 75  SER A CB  1 
ATOM   551  O  OG  . SER A 1 77  ? -7.709  4.079   17.209  1.00 22.38 ? 75  SER A OG  1 
ATOM   552  N  N   . LEU A 1 78  ? -4.739  2.938   13.497  1.00 13.68 ? 76  LEU A N   1 
ATOM   553  C  CA  . LEU A 1 78  ? -3.388  2.712   12.977  1.00 15.28 ? 76  LEU A CA  1 
ATOM   554  C  C   . LEU A 1 78  ? -3.030  3.587   11.774  1.00 18.39 ? 76  LEU A C   1 
ATOM   555  O  O   . LEU A 1 78  ? -1.999  3.369   11.142  1.00 18.08 ? 76  LEU A O   1 
ATOM   556  C  CB  . LEU A 1 78  ? -3.159  1.225   12.621  1.00 13.44 ? 76  LEU A CB  1 
ATOM   557  C  CG  . LEU A 1 78  ? -3.279  0.194   13.757  1.00 18.52 ? 76  LEU A CG  1 
ATOM   558  C  CD1 . LEU A 1 78  ? -3.410  -1.222  13.215  1.00 21.58 ? 76  LEU A CD1 1 
ATOM   559  C  CD2 . LEU A 1 78  ? -2.075  0.314   14.699  1.00 21.86 ? 76  LEU A CD2 1 
ATOM   560  N  N   . GLU A 1 79  ? -3.848  4.593   11.481  1.00 17.78 ? 77  GLU A N   1 
ATOM   561  C  CA  . GLU A 1 79  ? -3.639  5.393   10.264  1.00 17.71 ? 77  GLU A CA  1 
ATOM   562  C  C   . GLU A 1 79  ? -2.592  6.517   10.340  1.00 15.66 ? 77  GLU A C   1 
ATOM   563  O  O   . GLU A 1 79  ? -2.189  7.057   9.301   1.00 18.80 ? 77  GLU A O   1 
ATOM   564  C  CB  . GLU A 1 79  ? -4.972  5.938   9.757   1.00 19.17 ? 77  GLU A CB  1 
ATOM   565  C  CG  . GLU A 1 79  ? -5.427  7.223   10.447  1.00 25.71 ? 77  GLU A CG  1 
ATOM   566  C  CD  . GLU A 1 79  ? -5.983  6.995   11.834  1.00 30.95 ? 77  GLU A CD  1 
ATOM   567  O  OE1 . GLU A 1 79  ? -6.375  5.846   12.162  1.00 21.92 ? 77  GLU A OE1 1 
ATOM   568  O  OE2 . GLU A 1 79  ? -6.018  7.978   12.603  1.00 34.97 ? 77  GLU A OE2 1 
ATOM   569  N  N   . GLN A 1 80  ? -2.155  6.881   11.552  1.00 18.43 ? 78  GLN A N   1 
ATOM   570  C  CA  A GLN A 1 80  ? -1.153  7.938   11.727  0.50 21.22 ? 78  GLN A CA  1 
ATOM   571  C  CA  B GLN A 1 80  ? -1.162  7.941   11.707  0.50 19.31 ? 78  GLN A CA  1 
ATOM   572  C  C   . GLN A 1 80  ? 0.207   7.472   11.229  1.00 22.52 ? 78  GLN A C   1 
ATOM   573  O  O   . GLN A 1 80  ? 0.623   6.348   11.520  1.00 22.28 ? 78  GLN A O   1 
ATOM   574  C  CB  A GLN A 1 80  ? -1.033  8.362   13.199  0.50 24.29 ? 78  GLN A CB  1 
ATOM   575  C  CB  B GLN A 1 80  ? -1.089  8.419   13.163  0.50 23.61 ? 78  GLN A CB  1 
ATOM   576  C  CG  A GLN A 1 80  ? -2.266  9.033   13.792  0.50 29.53 ? 78  GLN A CG  1 
ATOM   577  C  CG  B GLN A 1 80  ? -2.412  8.947   13.713  0.50 27.73 ? 78  GLN A CG  1 
ATOM   578  C  CD  A GLN A 1 80  ? -2.018  9.609   15.187  0.50 26.81 ? 78  GLN A CD  1 
ATOM   579  C  CD  B GLN A 1 80  ? -2.906  10.191  12.989  0.50 29.94 ? 78  GLN A CD  1 
ATOM   580  O  OE1 A GLN A 1 80  ? -0.877  9.686   15.655  0.50 31.41 ? 78  GLN A OE1 1 
ATOM   581  O  OE1 B GLN A 1 80  ? -2.134  11.106  12.692  0.50 25.07 ? 78  GLN A OE1 1 
ATOM   582  N  NE2 A GLN A 1 80  ? -3.092  10.016  15.854  0.50 36.22 ? 78  GLN A NE2 1 
ATOM   583  N  NE2 B GLN A 1 80  ? -4.201  10.231  12.707  0.50 32.17 ? 78  GLN A NE2 1 
ATOM   584  N  N   . GLY A 1 81  ? 0.881   8.336   10.472  1.00 18.68 ? 79  GLY A N   1 
ATOM   585  C  CA  . GLY A 1 81  ? 2.233   8.069   9.995   1.00 17.26 ? 79  GLY A CA  1 
ATOM   586  C  C   . GLY A 1 81  ? 2.375   7.150   8.796   1.00 18.31 ? 79  GLY A C   1 
ATOM   587  O  O   . GLY A 1 81  ? 3.473   6.688   8.490   1.00 18.11 ? 79  GLY A O   1 
ATOM   588  N  N   . ILE A 1 82  ? 1.267   6.889   8.101   1.00 13.74 ? 80  ILE A N   1 
ATOM   589  C  CA  . ILE A 1 82  ? 1.327   6.148   6.838   1.00 13.95 ? 80  ILE A CA  1 
ATOM   590  C  C   . ILE A 1 82  ? 0.662   6.937   5.719   1.00 13.68 ? 80  ILE A C   1 
ATOM   591  O  O   . ILE A 1 82  ? -0.145  7.836   5.988   1.00 17.43 ? 80  ILE A O   1 
ATOM   592  C  CB  . ILE A 1 82  ? 0.716   4.717   6.950   1.00 13.77 ? 80  ILE A CB  1 
ATOM   593  C  CG1 . ILE A 1 82  ? -0.763  4.756   7.330   1.00 13.16 ? 80  ILE A CG1 1 
ATOM   594  C  CG2 . ILE A 1 82  ? 1.522   3.862   7.985   1.00 16.72 ? 80  ILE A CG2 1 
ATOM   595  C  CD1 . ILE A 1 82  ? -1.467  3.394   7.323   1.00 16.54 ? 80  ILE A CD1 1 
ATOM   596  N  N   . ALA A 1 83  ? 1.048   6.621   4.488   1.00 12.01 ? 81  ALA A N   1 
ATOM   597  C  CA  . ALA A 1 83  ? 0.374   7.133   3.289   1.00 10.21 ? 81  ALA A CA  1 
ATOM   598  C  C   . ALA A 1 83  ? -0.031  5.899   2.495   1.00 12.37 ? 81  ALA A C   1 
ATOM   599  O  O   . ALA A 1 83  ? 0.837   5.098   2.099   1.00 13.50 ? 81  ALA A O   1 
ATOM   600  C  CB  . ALA A 1 83  ? 1.312   7.998   2.469   1.00 15.81 ? 81  ALA A CB  1 
ATOM   601  N  N   . ILE A 1 84  ? -1.331  5.765   2.246   1.00 10.93 ? 82  ILE A N   1 
ATOM   602  C  CA  . ILE A 1 84  ? -1.880  4.579   1.582   1.00 9.06  ? 82  ILE A CA  1 
ATOM   603  C  C   . ILE A 1 84  ? -2.095  4.881   0.103   1.00 11.98 ? 82  ILE A C   1 
ATOM   604  O  O   . ILE A 1 84  ? -2.870  5.778   -0.239  1.00 11.23 ? 82  ILE A O   1 
ATOM   605  C  CB  . ILE A 1 84  ? -3.201  4.087   2.207   1.00 11.15 ? 82  ILE A CB  1 
ATOM   606  C  CG1 . ILE A 1 84  ? -3.005  3.792   3.721   1.00 13.10 ? 82  ILE A CG1 1 
ATOM   607  C  CG2 . ILE A 1 84  ? -3.741  2.863   1.451   1.00 10.94 ? 82  ILE A CG2 1 
ATOM   608  C  CD1 . ILE A 1 84  ? -4.317  3.544   4.476   1.00 16.44 ? 82  ILE A CD1 1 
ATOM   609  N  N   . VAL A 1 85  ? -1.414  4.101   -0.735  1.00 9.63  ? 83  VAL A N   1 
ATOM   610  C  CA  . VAL A 1 85  ? -1.550  4.144   -2.188  1.00 9.17  ? 83  VAL A CA  1 
ATOM   611  C  C   . VAL A 1 85  ? -2.241  2.832   -2.592  1.00 11.76 ? 83  VAL A C   1 
ATOM   612  O  O   . VAL A 1 85  ? -1.699  1.763   -2.353  1.00 11.41 ? 83  VAL A O   1 
ATOM   613  C  CB  . VAL A 1 85  ? -0.183  4.241   -2.893  1.00 10.05 ? 83  VAL A CB  1 
ATOM   614  C  CG1 . VAL A 1 85  ? -0.352  4.189   -4.418  1.00 10.94 ? 83  VAL A CG1 1 
ATOM   615  C  CG2 . VAL A 1 85  ? 0.570   5.531   -2.505  1.00 11.32 ? 83  VAL A CG2 1 
HETATM 616  N  N   . MSE A 1 86  ? -3.428  2.915   -3.173  1.00 8.65  ? 84  MSE A N   1 
HETATM 617  C  CA  . MSE A 1 86  ? -4.192  1.730   -3.566  1.00 9.32  ? 84  MSE A CA  1 
HETATM 618  C  C   . MSE A 1 86  ? -3.723  1.223   -4.911  1.00 12.72 ? 84  MSE A C   1 
HETATM 619  O  O   . MSE A 1 86  ? -3.502  2.010   -5.827  1.00 12.37 ? 84  MSE A O   1 
HETATM 620  C  CB  . MSE A 1 86  ? -5.695  2.027   -3.671  1.00 14.18 ? 84  MSE A CB  1 
HETATM 621  C  CG  . MSE A 1 86  ? -6.428  2.145   -2.375  1.00 25.95 ? 84  MSE A CG  1 
HETATM 622  SE SE  . MSE A 1 86  ? -6.673  0.344   -1.631  1.00 30.58 ? 84  MSE A SE  1 
HETATM 623  C  CE  . MSE A 1 86  ? -8.456  0.601   -0.969  1.00 20.88 ? 84  MSE A CE  1 
ATOM   624  N  N   . LEU A 1 87  ? -3.552  -0.092  -5.018  1.00 8.83  ? 85  LEU A N   1 
ATOM   625  C  CA  . LEU A 1 87  ? -3.275  -0.744  -6.289  1.00 8.05  ? 85  LEU A CA  1 
ATOM   626  C  C   . LEU A 1 87  ? -4.605  -1.242  -6.801  1.00 11.10 ? 85  LEU A C   1 
ATOM   627  O  O   . LEU A 1 87  ? -5.259  -2.088  -6.180  1.00 14.84 ? 85  LEU A O   1 
ATOM   628  C  CB  . LEU A 1 87  ? -2.297  -1.919  -6.142  1.00 8.89  ? 85  LEU A CB  1 
ATOM   629  C  CG  . LEU A 1 87  ? -1.069  -1.765  -5.246  1.00 13.03 ? 85  LEU A CG  1 
ATOM   630  C  CD1 . LEU A 1 87  ? -0.221  -3.019  -5.342  1.00 19.44 ? 85  LEU A CD1 1 
ATOM   631  C  CD2 . LEU A 1 87  ? -0.249  -0.556  -5.608  1.00 15.94 ? 85  LEU A CD2 1 
ATOM   632  N  N   . THR A 1 88  ? -5.017  -0.700  -7.931  1.00 12.57 ? 86  THR A N   1 
ATOM   633  C  CA  . THR A 1 88  ? -6.360  -0.939  -8.432  1.00 12.42 ? 86  THR A CA  1 
ATOM   634  C  C   . THR A 1 88  ? -6.328  -1.594  -9.823  1.00 13.89 ? 86  THR A C   1 
ATOM   635  O  O   . THR A 1 88  ? -5.264  -1.991  -10.300 1.00 14.21 ? 86  THR A O   1 
ATOM   636  C  CB  . THR A 1 88  ? -7.164  0.397   -8.408  1.00 16.28 ? 86  THR A CB  1 
ATOM   637  O  OG1 . THR A 1 88  ? -8.562  0.147   -8.610  1.00 17.21 ? 86  THR A OG1 1 
ATOM   638  C  CG2 . THR A 1 88  ? -6.622  1.436   -9.409  1.00 18.04 ? 86  THR A CG2 1 
ATOM   639  N  N   . ALA A 1 89  ? -7.512  -1.731  -10.423 1.00 15.46 ? 87  ALA A N   1 
ATOM   640  C  CA  . ALA A 1 89  ? -7.672  -2.259  -11.789 1.00 19.44 ? 87  ALA A CA  1 
ATOM   641  C  C   . ALA A 1 89  ? -9.003  -1.728  -12.309 1.00 22.97 ? 87  ALA A C   1 
ATOM   642  O  O   . ALA A 1 89  ? -9.814  -1.232  -11.531 1.00 22.50 ? 87  ALA A O   1 
ATOM   643  C  CB  . ALA A 1 89  ? -7.677  -3.754  -11.776 1.00 22.48 ? 87  ALA A CB  1 
ATOM   644  N  N   . LYS A 1 90  ? -9.247  -1.832  -13.616 1.00 31.93 ? 88  LYS A N   1 
ATOM   645  C  CA  . LYS A 1 90  ? -10.490 -1.295  -14.199 1.00 38.41 ? 88  LYS A CA  1 
ATOM   646  C  C   . LYS A 1 90  ? -11.761 -1.883  -13.558 1.00 38.66 ? 88  LYS A C   1 
ATOM   647  O  O   . LYS A 1 90  ? -12.778 -1.188  -13.419 1.00 41.44 ? 88  LYS A O   1 
ATOM   648  C  CB  . LYS A 1 90  ? -10.504 -1.475  -15.723 1.00 40.27 ? 88  LYS A CB  1 
ATOM   649  C  CG  . LYS A 1 90  ? -9.400  -0.705  -16.454 1.00 39.97 ? 88  LYS A CG  1 
ATOM   650  C  CD  . LYS A 1 90  ? -9.581  -0.727  -17.981 1.00 44.42 ? 88  LYS A CD  1 
ATOM   651  C  CE  . LYS A 1 90  ? -8.852  -1.894  -18.651 1.00 42.89 ? 88  LYS A CE  1 
ATOM   652  N  NZ  . LYS A 1 90  ? -9.484  -3.228  -18.384 1.00 42.89 ? 88  LYS A NZ  1 
ATOM   653  N  N   A ASN A 1 91  ? -11.623 -3.124  -13.087 0.50 39.19 ? 89  ASN A N   1 
ATOM   654  N  N   B ASN A 1 91  ? -11.725 -3.166  -13.207 0.50 39.41 ? 89  ASN A N   1 
ATOM   655  C  CA  A ASN A 1 91  ? -12.688 -3.955  -12.524 0.50 41.57 ? 89  ASN A CA  1 
ATOM   656  C  CA  B ASN A 1 91  ? -12.866 -3.790  -12.537 0.50 41.81 ? 89  ASN A CA  1 
ATOM   657  C  C   A ASN A 1 91  ? -13.033 -3.700  -11.043 0.50 42.69 ? 89  ASN A C   1 
ATOM   658  C  C   B ASN A 1 91  ? -12.666 -3.870  -11.023 0.50 43.22 ? 89  ASN A C   1 
ATOM   659  O  O   A ASN A 1 91  ? -13.902 -4.384  -10.489 0.50 40.74 ? 89  ASN A O   1 
ATOM   660  O  O   B ASN A 1 91  ? -12.770 -4.943  -10.419 0.50 44.31 ? 89  ASN A O   1 
ATOM   661  C  CB  A ASN A 1 91  ? -12.287 -5.437  -12.666 0.50 42.90 ? 89  ASN A CB  1 
ATOM   662  C  CB  B ASN A 1 91  ? -13.194 -5.160  -13.143 0.50 41.83 ? 89  ASN A CB  1 
ATOM   663  C  CG  A ASN A 1 91  ? -10.914 -5.628  -13.330 0.50 43.11 ? 89  ASN A CG  1 
ATOM   664  C  CG  B ASN A 1 91  ? -13.688 -5.064  -14.580 0.50 41.83 ? 89  ASN A CG  1 
ATOM   665  O  OD1 A ASN A 1 91  ? -10.690 -5.215  -14.471 0.50 41.46 ? 89  ASN A OD1 1 
ATOM   666  O  OD1 B ASN A 1 91  ? -14.618 -4.314  -14.887 0.50 39.53 ? 89  ASN A OD1 1 
ATOM   667  N  ND2 A ASN A 1 91  ? -9.996  -6.270  -12.608 0.50 37.76 ? 89  ASN A ND2 1 
ATOM   668  N  ND2 B ASN A 1 91  ? -13.066 -5.831  -15.466 0.50 40.46 ? 89  ASN A ND2 1 
ATOM   669  N  N   . ALA A 1 92  ? -12.374 -2.717  -10.425 1.00 40.30 ? 90  ALA A N   1 
ATOM   670  C  CA  . ALA A 1 92  ? -12.269 -2.597  -8.955  1.00 40.01 ? 90  ALA A CA  1 
ATOM   671  C  C   . ALA A 1 92  ? -13.584 -2.438  -8.205  1.00 39.19 ? 90  ALA A C   1 
ATOM   672  O  O   . ALA A 1 92  ? -14.458 -1.686  -8.648  1.00 44.66 ? 90  ALA A O   1 
ATOM   673  C  CB  . ALA A 1 92  ? -11.336 -1.456  -8.587  1.00 40.38 ? 90  ALA A CB  1 
ATOM   674  N  N   . PRO A 1 93  ? -13.724 -3.143  -7.061  1.00 39.23 ? 91  PRO A N   1 
ATOM   675  C  CA  . PRO A 1 93  ? -14.895 -3.019  -6.199  1.00 39.34 ? 91  PRO A CA  1 
ATOM   676  C  C   . PRO A 1 93  ? -14.940 -1.664  -5.508  1.00 42.32 ? 91  PRO A C   1 
ATOM   677  O  O   . PRO A 1 93  ? -13.896 -1.061  -5.219  1.00 40.69 ? 91  PRO A O   1 
ATOM   678  C  CB  . PRO A 1 93  ? -14.694 -4.128  -5.161  1.00 37.68 ? 91  PRO A CB  1 
ATOM   679  C  CG  . PRO A 1 93  ? -13.243 -4.346  -5.110  1.00 38.62 ? 91  PRO A CG  1 
ATOM   680  C  CD  . PRO A 1 93  ? -12.761 -4.114  -6.516  1.00 36.70 ? 91  PRO A CD  1 
ATOM   681  N  N   . ASP A 1 94  ? -16.153 -1.187  -5.269  1.00 45.54 ? 92  ASP A N   1 
ATOM   682  C  CA  . ASP A 1 94  ? -16.355 0.057   -4.558  1.00 47.19 ? 92  ASP A CA  1 
ATOM   683  C  C   . ASP A 1 94  ? -16.231 -0.195  -3.067  1.00 40.52 ? 92  ASP A C   1 
ATOM   684  O  O   . ASP A 1 94  ? -16.490 -1.304  -2.589  1.00 42.82 ? 92  ASP A O   1 
ATOM   685  C  CB  . ASP A 1 94  ? -17.734 0.645   -4.878  1.00 51.49 ? 92  ASP A CB  1 
ATOM   686  C  CG  . ASP A 1 94  ? -17.937 0.905   -6.364  1.00 58.06 ? 92  ASP A CG  1 
ATOM   687  O  OD1 . ASP A 1 94  ? -16.953 1.237   -7.065  1.00 62.63 ? 92  ASP A OD1 1 
ATOM   688  O  OD2 . ASP A 1 94  ? -19.091 0.786   -6.829  1.00 61.88 ? 92  ASP A OD2 1 
ATOM   689  N  N   . ALA A 1 95  ? -15.816 0.834   -2.341  1.00 35.97 ? 93  ALA A N   1 
ATOM   690  C  CA  . ALA A 1 95  ? -15.950 0.843   -0.894  1.00 35.55 ? 93  ALA A CA  1 
ATOM   691  C  C   . ALA A 1 95  ? -17.435 0.865   -0.566  1.00 36.60 ? 93  ALA A C   1 
ATOM   692  O  O   . ALA A 1 95  ? -18.196 1.610   -1.195  1.00 35.40 ? 93  ALA A O   1 
ATOM   693  C  CB  . ALA A 1 95  ? -15.287 2.050   -0.334  1.00 30.95 ? 93  ALA A CB  1 
ATOM   694  N  N   . LYS A 1 96  ? -17.853 0.048   0.396   1.00 33.19 ? 94  LYS A N   1 
ATOM   695  C  CA  . LYS A 1 96  ? -19.259 0.044   0.823   1.00 37.49 ? 94  LYS A CA  1 
ATOM   696  C  C   . LYS A 1 96  ? -19.547 1.093   1.907   1.00 34.08 ? 94  LYS A C   1 
ATOM   697  O  O   . LYS A 1 96  ? -20.700 1.477   2.130   1.00 38.09 ? 94  LYS A O   1 
ATOM   698  C  CB  . LYS A 1 96  ? -19.715 -1.357  1.255   1.00 41.52 ? 94  LYS A CB  1 
ATOM   699  C  CG  . LYS A 1 96  ? -19.016 -1.931  2.484   1.00 47.31 ? 94  LYS A CG  1 
ATOM   700  C  CD  . LYS A 1 96  ? -19.558 -3.315  2.818   1.00 48.55 ? 94  LYS A CD  1 
ATOM   701  C  CE  . LYS A 1 96  ? -18.720 -4.007  3.887   1.00 58.91 ? 94  LYS A CE  1 
ATOM   702  N  NZ  . LYS A 1 96  ? -17.397 -4.460  3.366   1.00 59.75 ? 94  LYS A NZ  1 
HETATM 703  N  N   . MSE A 1 97  ? -18.486 1.561   2.561   1.00 24.28 ? 95  MSE A N   1 
HETATM 704  C  CA  . MSE A 1 97  ? -18.577 2.637   3.533   1.00 23.93 ? 95  MSE A CA  1 
HETATM 705  C  C   . MSE A 1 97  ? -18.072 3.942   2.924   1.00 21.87 ? 95  MSE A C   1 
HETATM 706  O  O   . MSE A 1 97  ? -16.906 4.029   2.536   1.00 24.85 ? 95  MSE A O   1 
HETATM 707  C  CB  . MSE A 1 97  ? -17.743 2.299   4.756   1.00 22.73 ? 95  MSE A CB  1 
HETATM 708  C  CG  . MSE A 1 97  ? -17.897 3.289   5.861   1.00 22.55 ? 95  MSE A CG  1 
HETATM 709  SE SE  . MSE A 1 97  ? -16.959 2.703   7.477   1.00 33.12 ? 95  MSE A SE  1 
HETATM 710  C  CE  . MSE A 1 97  ? -17.946 3.859   8.713   1.00 24.92 ? 95  MSE A CE  1 
ATOM   711  N  N   . ILE A 1 98  ? -18.920 4.966   2.916   1.00 15.74 ? 96  ILE A N   1 
ATOM   712  C  CA  . ILE A 1 98  ? -18.624 6.213   2.189   1.00 15.01 ? 96  ILE A CA  1 
ATOM   713  C  C   . ILE A 1 98  ? -17.520 7.037   2.844   1.00 14.76 ? 96  ILE A C   1 
ATOM   714  O  O   . ILE A 1 98  ? -17.581 7.329   4.035   1.00 15.28 ? 96  ILE A O   1 
ATOM   715  C  CB  . ILE A 1 98  ? -19.898 7.071   1.997   1.00 12.71 ? 96  ILE A CB  1 
ATOM   716  C  CG1 . ILE A 1 98  ? -20.950 6.272   1.222   1.00 15.68 ? 96  ILE A CG1 1 
ATOM   717  C  CG2 . ILE A 1 98  ? -19.576 8.402   1.240   1.00 11.53 ? 96  ILE A CG2 1 
ATOM   718  C  CD1 . ILE A 1 98  ? -22.347 6.862   1.266   1.00 17.94 ? 96  ILE A CD1 1 
ATOM   719  N  N   . GLY A 1 99  ? -16.508 7.420   2.069   1.00 11.75 ? 97  GLY A N   1 
ATOM   720  C  CA  . GLY A 1 99  ? -15.474 8.280   2.593   1.00 12.21 ? 97  GLY A CA  1 
ATOM   721  C  C   . GLY A 1 99  ? -14.204 7.589   3.051   1.00 13.60 ? 97  GLY A C   1 
ATOM   722  O  O   . GLY A 1 99  ? -13.287 8.256   3.526   1.00 14.39 ? 97  GLY A O   1 
ATOM   723  N  N   . LEU A 1 100 ? -14.128 6.265   2.904   1.00 15.13 ? 98  LEU A N   1 
ATOM   724  C  CA  . LEU A 1 100 ? -12.832 5.587   3.112   1.00 12.48 ? 98  LEU A CA  1 
ATOM   725  C  C   . LEU A 1 100 ? -11.745 6.112   2.178   1.00 14.03 ? 98  LEU A C   1 
ATOM   726  O  O   . LEU A 1 100 ? -10.564 6.052   2.516   1.00 16.75 ? 98  LEU A O   1 
ATOM   727  C  CB  . LEU A 1 100 ? -12.950 4.055   3.004   1.00 14.26 ? 98  LEU A CB  1 
ATOM   728  C  CG  . LEU A 1 100 ? -13.718 3.296   4.106   1.00 20.22 ? 98  LEU A CG  1 
ATOM   729  C  CD1 . LEU A 1 100 ? -13.990 1.855   3.681   1.00 16.25 ? 98  LEU A CD1 1 
ATOM   730  C  CD2 . LEU A 1 100 ? -12.991 3.310   5.451   1.00 14.86 ? 98  LEU A CD2 1 
ATOM   731  N  N   . GLN A 1 101 ? -12.163 6.657   1.024   1.00 12.21 ? 99  GLN A N   1 
ATOM   732  C  CA  . GLN A 1 101 ? -11.301 7.283   0.041   1.00 14.95 ? 99  GLN A CA  1 
ATOM   733  C  C   . GLN A 1 101 ? -10.476 8.443   0.619   1.00 12.78 ? 99  GLN A C   1 
ATOM   734  O  O   . GLN A 1 101 ? -9.427  8.789   0.072   1.00 15.29 ? 99  GLN A O   1 
ATOM   735  C  CB  . GLN A 1 101 ? -12.147 7.763   -1.147  1.00 14.64 ? 99  GLN A CB  1 
ATOM   736  C  CG  . GLN A 1 101 ? -12.928 6.656   -1.862  1.00 17.65 ? 99  GLN A CG  1 
ATOM   737  C  CD  . GLN A 1 101 ? -14.356 6.462   -1.352  1.00 16.98 ? 99  GLN A CD  1 
ATOM   738  O  OE1 . GLN A 1 101 ? -14.730 6.935   -0.280  1.00 20.08 ? 99  GLN A OE1 1 
ATOM   739  N  NE2 . GLN A 1 101 ? -15.171 5.772   -2.141  1.00 30.18 ? 99  GLN A NE2 1 
ATOM   740  N  N   . GLU A 1 102 ? -10.952 9.010   1.740   1.00 11.93 ? 100 GLU A N   1 
ATOM   741  C  CA  . GLU A 1 102 ? -10.293 10.097  2.452   1.00 16.44 ? 100 GLU A CA  1 
ATOM   742  C  C   . GLU A 1 102 ? -8.877  9.720   2.863   1.00 13.65 ? 100 GLU A C   1 
ATOM   743  O  O   . GLU A 1 102 ? -7.986  10.571  2.948   1.00 15.35 ? 100 GLU A O   1 
ATOM   744  C  CB  . GLU A 1 102 ? -11.104 10.472  3.706   1.00 18.52 ? 100 GLU A CB  1 
ATOM   745  C  CG  . GLU A 1 102 ? -10.677 11.748  4.363   1.00 23.22 ? 100 GLU A CG  1 
ATOM   746  C  CD  . GLU A 1 102 ? -10.714 12.953  3.419   1.00 32.41 ? 100 GLU A CD  1 
ATOM   747  O  OE1 . GLU A 1 102 ? -11.591 13.012  2.519   1.00 29.20 ? 100 GLU A OE1 1 
ATOM   748  O  OE2 . GLU A 1 102 ? -9.859  13.844  3.593   1.00 38.02 ? 100 GLU A OE2 1 
ATOM   749  N  N   . TYR A 1 103 ? -8.692  8.423   3.081   1.00 13.81 ? 101 TYR A N   1 
ATOM   750  C  CA  . TYR A 1 103 ? -7.437  7.910   3.579   1.00 13.47 ? 101 TYR A CA  1 
ATOM   751  C  C   . TYR A 1 103 ? -6.554  7.317   2.494   1.00 16.58 ? 101 TYR A C   1 
ATOM   752  O  O   . TYR A 1 103 ? -5.526  6.703   2.800   1.00 17.42 ? 101 TYR A O   1 
ATOM   753  C  CB  . TYR A 1 103 ? -7.703  6.922   4.732   1.00 13.89 ? 101 TYR A CB  1 
ATOM   754  C  CG  . TYR A 1 103 ? -8.110  7.689   5.960   1.00 17.69 ? 101 TYR A CG  1 
ATOM   755  C  CD1 . TYR A 1 103 ? -7.147  8.237   6.808   1.00 21.45 ? 101 TYR A CD1 1 
ATOM   756  C  CD2 . TYR A 1 103 ? -9.445  7.961   6.219   1.00 19.15 ? 101 TYR A CD2 1 
ATOM   757  C  CE1 . TYR A 1 103 ? -7.518  9.006   7.915   1.00 23.99 ? 101 TYR A CE1 1 
ATOM   758  C  CE2 . TYR A 1 103 ? -9.825  8.729   7.313   1.00 19.30 ? 101 TYR A CE2 1 
ATOM   759  C  CZ  . TYR A 1 103 ? -8.860  9.242   8.158   1.00 25.51 ? 101 TYR A CZ  1 
ATOM   760  O  OH  . TYR A 1 103 ? -9.240  9.995   9.248   1.00 24.64 ? 101 TYR A OH  1 
ATOM   761  N  N   . VAL A 1 104 ? -6.932  7.532   1.230   1.00 12.02 ? 102 VAL A N   1 
ATOM   762  C  CA  . VAL A 1 104 ? -6.124  7.071   0.102   1.00 9.48  ? 102 VAL A CA  1 
ATOM   763  C  C   . VAL A 1 104 ? -5.471  8.256   -0.560  1.00 12.80 ? 102 VAL A C   1 
ATOM   764  O  O   . VAL A 1 104 ? -6.177  9.176   -0.969  1.00 15.63 ? 102 VAL A O   1 
ATOM   765  C  CB  . VAL A 1 104 ? -7.001  6.341   -0.938  1.00 11.19 ? 102 VAL A CB  1 
ATOM   766  C  CG1 . VAL A 1 104 ? -6.161  5.915   -2.143  1.00 14.13 ? 102 VAL A CG1 1 
ATOM   767  C  CG2 . VAL A 1 104 ? -7.691  5.134   -0.310  1.00 12.89 ? 102 VAL A CG2 1 
ATOM   768  N  N   . VAL A 1 105 ? -4.147  8.256   -0.676  1.00 9.57  ? 103 VAL A N   1 
ATOM   769  C  CA  . VAL A 1 105 ? -3.468  9.415   -1.274  1.00 10.28 ? 103 VAL A CA  1 
ATOM   770  C  C   . VAL A 1 105 ? -3.353  9.358   -2.788  1.00 15.64 ? 103 VAL A C   1 
ATOM   771  O  O   . VAL A 1 105 ? -3.170  10.394  -3.435  1.00 15.41 ? 103 VAL A O   1 
ATOM   772  C  CB  . VAL A 1 105 ? -2.074  9.664   -0.659  1.00 13.72 ? 103 VAL A CB  1 
ATOM   773  C  CG1 . VAL A 1 105 ? -2.214  9.875   0.852   1.00 15.63 ? 103 VAL A CG1 1 
ATOM   774  C  CG2 . VAL A 1 105 ? -1.095  8.537   -0.986  1.00 14.17 ? 103 VAL A CG2 1 
ATOM   775  N  N   . ASP A 1 106 ? -3.420  8.151   -3.348  1.00 13.00 ? 104 ASP A N   1 
ATOM   776  C  CA  . ASP A 1 106 ? -3.324  7.978   -4.804  1.00 10.05 ? 104 ASP A CA  1 
ATOM   777  C  C   . ASP A 1 106 ? -3.646  6.548   -5.141  1.00 14.63 ? 104 ASP A C   1 
ATOM   778  O  O   . ASP A 1 106 ? -3.739  5.703   -4.264  1.00 10.20 ? 104 ASP A O   1 
ATOM   779  C  CB  . ASP A 1 106 ? -1.909  8.294   -5.275  1.00 12.68 ? 104 ASP A CB  1 
ATOM   780  C  CG  . ASP A 1 106 ? -1.841  8.674   -6.748  1.00 17.20 ? 104 ASP A CG  1 
ATOM   781  O  OD1 . ASP A 1 106 ? -2.904  8.767   -7.407  1.00 16.36 ? 104 ASP A OD1 1 
ATOM   782  O  OD2 . ASP A 1 106 ? -0.706  8.863   -7.219  1.00 22.79 ? 104 ASP A OD2 1 
ATOM   783  N  N   . TYR A 1 107 ? -3.832  6.294   -6.429  1.00 11.85 ? 105 TYR A N   1 
ATOM   784  C  CA  . TYR A 1 107 ? -4.084  4.971   -6.941  1.00 10.01 ? 105 TYR A CA  1 
ATOM   785  C  C   . TYR A 1 107 ? -3.051  4.697   -8.015  1.00 13.72 ? 105 TYR A C   1 
ATOM   786  O  O   . TYR A 1 107 ? -2.666  5.602   -8.767  1.00 13.37 ? 105 TYR A O   1 
ATOM   787  C  CB  . TYR A 1 107 ? -5.449  4.902   -7.624  1.00 10.79 ? 105 TYR A CB  1 
ATOM   788  C  CG  . TYR A 1 107 ? -6.632  5.140   -6.721  1.00 11.58 ? 105 TYR A CG  1 
ATOM   789  C  CD1 . TYR A 1 107 ? -7.317  4.063   -6.155  1.00 13.93 ? 105 TYR A CD1 1 
ATOM   790  C  CD2 . TYR A 1 107 ? -7.073  6.431   -6.428  1.00 14.50 ? 105 TYR A CD2 1 
ATOM   791  C  CE1 . TYR A 1 107 ? -8.402  4.255   -5.342  1.00 14.20 ? 105 TYR A CE1 1 
ATOM   792  C  CE2 . TYR A 1 107 ? -8.169  6.633   -5.598  1.00 16.71 ? 105 TYR A CE2 1 
ATOM   793  C  CZ  . TYR A 1 107 ? -8.830  5.541   -5.061  1.00 17.78 ? 105 TYR A CZ  1 
ATOM   794  O  OH  . TYR A 1 107 ? -9.925  5.747   -4.246  1.00 19.41 ? 105 TYR A OH  1 
ATOM   795  N  N   . ILE A 1 108 ? -2.647  3.439   -8.112  1.00 10.52 ? 106 ILE A N   1 
ATOM   796  C  CA  A ILE A 1 108 ? -1.910  3.003   -9.282  0.50 9.49  ? 106 ILE A CA  1 
ATOM   797  C  CA  B ILE A 1 108 ? -1.852  2.944   -9.243  0.50 11.19 ? 106 ILE A CA  1 
ATOM   798  C  C   . ILE A 1 108 ? -2.627  1.808   -9.904  1.00 12.22 ? 106 ILE A C   1 
ATOM   799  O  O   . ILE A 1 108 ? -3.014  0.846   -9.237  1.00 11.96 ? 106 ILE A O   1 
ATOM   800  C  CB  A ILE A 1 108 ? -0.412  2.769   -8.962  0.50 12.61 ? 106 ILE A CB  1 
ATOM   801  C  CB  B ILE A 1 108 ? -0.474  2.391   -8.798  0.50 13.34 ? 106 ILE A CB  1 
ATOM   802  C  CG1 A ILE A 1 108 ? 0.428   2.666   -10.243 0.50 15.35 ? 106 ILE A CG1 1 
ATOM   803  C  CG1 B ILE A 1 108 ? 0.285   3.385   -7.922  0.50 16.01 ? 106 ILE A CG1 1 
ATOM   804  C  CG2 A ILE A 1 108 ? -0.217  1.565   -8.081  0.50 12.47 ? 106 ILE A CG2 1 
ATOM   805  C  CG2 B ILE A 1 108 ? 0.394   2.080   -9.998  0.50 12.50 ? 106 ILE A CG2 1 
ATOM   806  C  CD1 A ILE A 1 108 ? 1.927   2.571   -9.993  0.50 13.42 ? 106 ILE A CD1 1 
ATOM   807  C  CD1 B ILE A 1 108 ? 1.644   2.886   -7.425  0.50 18.35 ? 106 ILE A CD1 1 
ATOM   808  N  N   . THR A 1 109 ? -2.862  1.902   -11.206 1.00 12.44 ? 107 THR A N   1 
ATOM   809  C  CA  . THR A 1 109 ? -3.610  0.891   -11.901 1.00 10.96 ? 107 THR A CA  1 
ATOM   810  C  C   . THR A 1 109 ? -2.714  -0.258  -12.363 1.00 11.96 ? 107 THR A C   1 
ATOM   811  O  O   . THR A 1 109 ? -1.678  -0.032  -13.010 1.00 15.62 ? 107 THR A O   1 
ATOM   812  C  CB  . THR A 1 109 ? -4.347  1.512   -13.123 1.00 14.23 ? 107 THR A CB  1 
ATOM   813  O  OG1 . THR A 1 109 ? -5.208  2.556   -12.646 1.00 20.98 ? 107 THR A OG1 1 
ATOM   814  C  CG2 . THR A 1 109 ? -5.190  0.461   -13.834 1.00 19.90 ? 107 THR A CG2 1 
ATOM   815  N  N   . LYS A 1 110 ? -3.121  -1.483  -12.031 1.00 9.60  ? 108 LYS A N   1 
ATOM   816  C  CA  . LYS A 1 110 ? -2.465  -2.679  -12.562 1.00 9.58  ? 108 LYS A CA  1 
ATOM   817  C  C   . LYS A 1 110 ? -2.950  -2.962  -13.983 1.00 11.12 ? 108 LYS A C   1 
ATOM   818  O  O   . LYS A 1 110 ? -4.148  -2.859  -14.247 1.00 16.03 ? 108 LYS A O   1 
ATOM   819  C  CB  . LYS A 1 110 ? -2.797  -3.896  -11.701 1.00 12.10 ? 108 LYS A CB  1 
ATOM   820  C  CG  . LYS A 1 110 ? -2.104  -3.888  -10.357 1.00 11.43 ? 108 LYS A CG  1 
ATOM   821  C  CD  . LYS A 1 110 ? -2.579  -5.132  -9.590  1.00 14.42 ? 108 LYS A CD  1 
ATOM   822  C  CE  . LYS A 1 110 ? -1.791  -5.355  -8.322  1.00 14.57 ? 108 LYS A CE  1 
ATOM   823  N  NZ  . LYS A 1 110 ? -2.426  -6.497  -7.576  1.00 17.40 ? 108 LYS A NZ  1 
ATOM   824  N  N   . PRO A 1 111 ? -2.024  -3.357  -14.878 1.00 11.70 ? 109 PRO A N   1 
ATOM   825  C  CA  . PRO A 1 111 ? -0.579  -3.458  -14.704 1.00 10.94 ? 109 PRO A CA  1 
ATOM   826  C  C   . PRO A 1 111 ? 0.114   -2.107  -14.769 1.00 14.63 ? 109 PRO A C   1 
ATOM   827  O  O   . PRO A 1 111 ? -0.349  -1.190  -15.453 1.00 14.62 ? 109 PRO A O   1 
ATOM   828  C  CB  . PRO A 1 111 ? -0.137  -4.318  -15.891 1.00 10.95 ? 109 PRO A CB  1 
ATOM   829  C  CG  . PRO A 1 111 ? -1.143  -3.968  -16.955 1.00 12.82 ? 109 PRO A CG  1 
ATOM   830  C  CD  . PRO A 1 111 ? -2.440  -3.759  -16.238 1.00 15.89 ? 109 PRO A CD  1 
ATOM   831  N  N   . PHE A 1 112 ? 1.205   -1.985  -14.032 1.00 12.23 ? 110 PHE A N   1 
ATOM   832  C  CA  . PHE A 1 112 ? 1.924   -0.747  -14.017 1.00 11.96 ? 110 PHE A CA  1 
ATOM   833  C  C   . PHE A 1 112 ? 3.394   -0.977  -14.294 1.00 17.14 ? 110 PHE A C   1 
ATOM   834  O  O   . PHE A 1 112 ? 3.898   -2.082  -14.098 1.00 17.26 ? 110 PHE A O   1 
ATOM   835  C  CB  . PHE A 1 112 ? 1.698   0.011   -12.707 1.00 14.13 ? 110 PHE A CB  1 
ATOM   836  C  CG  . PHE A 1 112 ? 2.006   -0.788  -11.442 1.00 14.84 ? 110 PHE A CG  1 
ATOM   837  C  CD1 . PHE A 1 112 ? 3.306   -0.910  -10.968 1.00 12.80 ? 110 PHE A CD1 1 
ATOM   838  C  CD2 . PHE A 1 112 ? 0.974   -1.340  -10.694 1.00 16.86 ? 110 PHE A CD2 1 
ATOM   839  C  CE1 . PHE A 1 112 ? 3.575   -1.620  -9.787  1.00 16.59 ? 110 PHE A CE1 1 
ATOM   840  C  CE2 . PHE A 1 112 ? 1.229   -2.048  -9.516  1.00 17.07 ? 110 PHE A CE2 1 
ATOM   841  C  CZ  . PHE A 1 112 ? 2.520   -2.180  -9.060  1.00 16.39 ? 110 PHE A CZ  1 
ATOM   842  N  N   A ASP A 1 113 ? 4.077   0.062   -14.765 0.50 19.78 ? 111 ASP A N   1 
ATOM   843  N  N   B ASP A 1 113 ? 4.066   0.083   -14.744 0.50 19.27 ? 111 ASP A N   1 
ATOM   844  C  CA  A ASP A 1 113 ? 5.506   -0.043  -15.025 0.50 23.56 ? 111 ASP A CA  1 
ATOM   845  C  CA  B ASP A 1 113 ? 5.498   0.055   -15.028 0.50 22.99 ? 111 ASP A CA  1 
ATOM   846  C  C   A ASP A 1 113 ? 6.317   0.314   -13.789 0.50 21.79 ? 111 ASP A C   1 
ATOM   847  C  C   B ASP A 1 113 ? 6.316   0.319   -13.770 0.50 21.69 ? 111 ASP A C   1 
ATOM   848  O  O   A ASP A 1 113 ? 5.823   1.003   -12.888 0.50 19.52 ? 111 ASP A O   1 
ATOM   849  O  O   B ASP A 1 113 ? 5.824   0.952   -12.829 0.50 20.30 ? 111 ASP A O   1 
ATOM   850  C  CB  A ASP A 1 113 ? 5.922   0.802   -16.237 0.50 27.63 ? 111 ASP A CB  1 
ATOM   851  C  CB  B ASP A 1 113 ? 5.849   1.085   -16.112 0.50 26.46 ? 111 ASP A CB  1 
ATOM   852  C  CG  A ASP A 1 113 ? 5.501   2.248   -16.116 0.50 29.08 ? 111 ASP A CG  1 
ATOM   853  C  CG  B ASP A 1 113 ? 5.387   0.659   -17.496 0.50 27.32 ? 111 ASP A CG  1 
ATOM   854  O  OD1 A ASP A 1 113 ? 4.453   2.606   -16.690 0.50 42.34 ? 111 ASP A OD1 1 
ATOM   855  O  OD1 B ASP A 1 113 ? 5.800   -0.425  -17.961 0.50 24.73 ? 111 ASP A OD1 1 
ATOM   856  O  OD2 A ASP A 1 113 ? 6.211   3.028   -15.447 0.50 35.83 ? 111 ASP A OD2 1 
ATOM   857  O  OD2 B ASP A 1 113 ? 4.613   1.413   -18.123 0.50 35.92 ? 111 ASP A OD2 1 
ATOM   858  N  N   . ASN A 1 114 ? 7.564   -0.154  -13.770 1.00 22.22 ? 112 ASN A N   1 
ATOM   859  C  CA  . ASN A 1 114 ? 8.485   0.022   -12.637 1.00 20.22 ? 112 ASN A CA  1 
ATOM   860  C  C   . ASN A 1 114 ? 8.726   1.492   -12.285 1.00 20.52 ? 112 ASN A C   1 
ATOM   861  O  O   . ASN A 1 114 ? 8.744   1.863   -11.114 1.00 20.73 ? 112 ASN A O   1 
ATOM   862  C  CB  . ASN A 1 114 ? 9.819   -0.686  -12.912 1.00 21.04 ? 112 ASN A CB  1 
ATOM   863  C  CG  . ASN A 1 114 ? 9.653   -2.182  -13.164 1.00 26.61 ? 112 ASN A CG  1 
ATOM   864  O  OD1 . ASN A 1 114 ? 8.664   -2.788  -12.748 1.00 34.53 ? 112 ASN A OD1 1 
ATOM   865  N  ND2 . ASN A 1 114 ? 10.620  -2.778  -13.852 1.00 32.76 ? 112 ASN A ND2 1 
ATOM   866  N  N   . GLU A 1 115 ? 8.858   2.331   -13.311 1.00 21.03 ? 113 GLU A N   1 
ATOM   867  C  CA  . GLU A 1 115 ? 9.096   3.740   -13.074 1.00 21.16 ? 113 GLU A CA  1 
ATOM   868  C  C   . GLU A 1 115 ? 7.896   4.445   -12.433 1.00 18.77 ? 113 GLU A C   1 
ATOM   869  O  O   . GLU A 1 115 ? 8.080   5.321   -11.602 1.00 20.21 ? 113 GLU A O   1 
ATOM   870  C  CB  . GLU A 1 115 ? 9.543   4.434   -14.366 1.00 26.98 ? 113 GLU A CB  1 
ATOM   871  C  CG  . GLU A 1 115 ? 10.269  5.772   -14.156 1.00 39.83 ? 113 GLU A CG  1 
ATOM   872  C  CD  . GLU A 1 115 ? 11.223  5.787   -12.955 1.00 47.35 ? 113 GLU A CD  1 
ATOM   873  O  OE1 . GLU A 1 115 ? 12.224  5.031   -12.965 1.00 47.36 ? 113 GLU A OE1 1 
ATOM   874  O  OE2 . GLU A 1 115 ? 10.968  6.568   -12.004 1.00 44.09 ? 113 GLU A OE2 1 
ATOM   875  N  N   . ASP A 1 116 ? 6.680   4.040   -12.802 1.00 19.65 ? 114 ASP A N   1 
ATOM   876  C  CA  . ASP A 1 116 ? 5.471   4.571   -12.158 1.00 18.37 ? 114 ASP A CA  1 
ATOM   877  C  C   . ASP A 1 116 ? 5.423   4.216   -10.665 1.00 19.33 ? 114 ASP A C   1 
ATOM   878  O  O   . ASP A 1 116 ? 5.098   5.067   -9.823  1.00 18.38 ? 114 ASP A O   1 
ATOM   879  C  CB  . ASP A 1 116 ? 4.206   4.085   -12.872 1.00 24.01 ? 114 ASP A CB  1 
ATOM   880  C  CG  . ASP A 1 116 ? 2.978   4.945   -12.558 1.00 34.80 ? 114 ASP A CG  1 
ATOM   881  O  OD1 . ASP A 1 116 ? 3.132   6.079   -12.038 1.00 39.46 ? 114 ASP A OD1 1 
ATOM   882  O  OD2 . ASP A 1 116 ? 1.849   4.482   -12.842 1.00 40.42 ? 114 ASP A OD2 1 
ATOM   883  N  N   . LEU A 1 117 ? 5.768   2.968   -10.347 1.00 16.39 ? 115 LEU A N   1 
ATOM   884  C  CA  . LEU A 1 117 ? 5.869   2.521   -8.959  1.00 18.75 ? 115 LEU A CA  1 
ATOM   885  C  C   . LEU A 1 117 ? 6.841   3.377   -8.154  1.00 14.46 ? 115 LEU A C   1 
ATOM   886  O  O   . LEU A 1 117 ? 6.515   3.844   -7.056  1.00 15.62 ? 115 LEU A O   1 
ATOM   887  C  CB  . LEU A 1 117 ? 6.291   1.048   -8.905  1.00 19.80 ? 115 LEU A CB  1 
ATOM   888  C  CG  . LEU A 1 117 ? 6.436   0.406   -7.515  1.00 22.11 ? 115 LEU A CG  1 
ATOM   889  C  CD1 . LEU A 1 117 ? 5.097   0.430   -6.789  1.00 20.16 ? 115 LEU A CD1 1 
ATOM   890  C  CD2 . LEU A 1 117 ? 6.979   -1.017  -7.652  1.00 23.37 ? 115 LEU A CD2 1 
ATOM   891  N  N   . ILE A 1 118 ? 8.040   3.563   -8.705  1.00 12.71 ? 116 ILE A N   1 
ATOM   892  C  CA  . ILE A 1 118 ? 9.099   4.301   -8.033  1.00 14.00 ? 116 ILE A CA  1 
ATOM   893  C  C   . ILE A 1 118 ? 8.707   5.773   -7.862  1.00 16.15 ? 116 ILE A C   1 
ATOM   894  O  O   . ILE A 1 118 ? 8.818   6.318   -6.768  1.00 16.50 ? 116 ILE A O   1 
ATOM   895  C  CB  . ILE A 1 118 ? 10.423  4.160   -8.807  1.00 15.78 ? 116 ILE A CB  1 
ATOM   896  C  CG1 . ILE A 1 118 ? 10.938  2.711   -8.695  1.00 18.54 ? 116 ILE A CG1 1 
ATOM   897  C  CG2 . ILE A 1 118 ? 11.465  5.156   -8.289  1.00 19.95 ? 116 ILE A CG2 1 
ATOM   898  C  CD1 . ILE A 1 118 ? 12.025  2.366   -9.698  1.00 23.70 ? 116 ILE A CD1 1 
ATOM   899  N  N   . GLU A 1 119 ? 8.180   6.373   -8.919  1.00 16.35 ? 117 GLU A N   1 
ATOM   900  C  CA  . GLU A 1 119 ? 7.754   7.773   -8.883  1.00 16.96 ? 117 GLU A CA  1 
ATOM   901  C  C   . GLU A 1 119 ? 6.736   8.048   -7.771  1.00 16.04 ? 117 GLU A C   1 
ATOM   902  O  O   . GLU A 1 119 ? 6.911   8.966   -6.967  1.00 16.63 ? 117 GLU A O   1 
ATOM   903  C  CB  . GLU A 1 119 ? 7.209   8.179   -10.250 1.00 19.65 ? 117 GLU A CB  1 
ATOM   904  C  CG  . GLU A 1 119 ? 6.479   9.501   -10.274 1.00 25.01 ? 117 GLU A CG  1 
ATOM   905  C  CD  . GLU A 1 119 ? 6.032   9.904   -11.669 1.00 17.50 ? 117 GLU A CD  1 
ATOM   906  O  OE1 . GLU A 1 119 ? 6.827   9.752   -12.627 1.00 22.90 ? 117 GLU A OE1 1 
ATOM   907  O  OE2 . GLU A 1 119 ? 4.902   10.428  -11.802 1.00 21.74 ? 117 GLU A OE2 1 
ATOM   908  N  N   . LYS A 1 120 ? 5.712   7.206   -7.692  1.00 13.08 ? 118 LYS A N   1 
ATOM   909  C  CA  . LYS A 1 120 ? 4.655   7.405   -6.708  1.00 14.36 ? 118 LYS A CA  1 
ATOM   910  C  C   . LYS A 1 120 ? 5.122   7.139   -5.281  1.00 15.61 ? 118 LYS A C   1 
ATOM   911  O  O   . LYS A 1 120 ? 4.825   7.901   -4.356  1.00 16.70 ? 118 LYS A O   1 
ATOM   912  C  CB  . LYS A 1 120 ? 3.413   6.586   -7.077  1.00 15.44 ? 118 LYS A CB  1 
ATOM   913  C  CG  . LYS A 1 120 ? 2.768   7.105   -8.361  1.00 22.98 ? 118 LYS A CG  1 
ATOM   914  C  CD  . LYS A 1 120 ? 1.367   6.592   -8.579  1.00 25.63 ? 118 LYS A CD  1 
ATOM   915  C  CE  . LYS A 1 120 ? 0.745   7.258   -9.790  1.00 32.80 ? 118 LYS A CE  1 
ATOM   916  N  NZ  . LYS A 1 120 ? -0.740  7.204   -9.759  1.00 34.79 ? 118 LYS A NZ  1 
ATOM   917  N  N   . THR A 1 121 ? 5.872   6.052   -5.105  1.00 12.05 ? 119 THR A N   1 
ATOM   918  C  CA  . THR A 1 121 ? 6.400   5.722   -3.790  1.00 12.03 ? 119 THR A CA  1 
ATOM   919  C  C   . THR A 1 121 ? 7.302   6.839   -3.242  1.00 13.28 ? 119 THR A C   1 
ATOM   920  O  O   . THR A 1 121 ? 7.173   7.246   -2.084  1.00 17.44 ? 119 THR A O   1 
ATOM   921  C  CB  . THR A 1 121 ? 7.125   4.359   -3.823  1.00 13.73 ? 119 THR A CB  1 
ATOM   922  O  OG1 . THR A 1 121 ? 6.217   3.341   -4.288  1.00 15.24 ? 119 THR A OG1 1 
ATOM   923  C  CG2 . THR A 1 121 ? 7.623   3.986   -2.437  1.00 14.35 ? 119 THR A CG2 1 
ATOM   924  N  N   . THR A 1 122 ? 8.180   7.343   -4.098  1.00 13.82 ? 120 THR A N   1 
ATOM   925  C  CA  A THR A 1 122 ? 9.109   8.413   -3.716  0.50 13.88 ? 120 THR A CA  1 
ATOM   926  C  CA  B THR A 1 122 ? 9.096   8.417   -3.699  0.50 17.45 ? 120 THR A CA  1 
ATOM   927  C  C   . THR A 1 122 ? 8.342   9.689   -3.356  1.00 15.77 ? 120 THR A C   1 
ATOM   928  O  O   . THR A 1 122 ? 8.626   10.329  -2.335  1.00 18.14 ? 120 THR A O   1 
ATOM   929  C  CB  A THR A 1 122 ? 10.120  8.705   -4.848  0.50 14.22 ? 120 THR A CB  1 
ATOM   930  C  CB  B THR A 1 122 ? 10.101  8.759   -4.797  0.50 19.32 ? 120 THR A CB  1 
ATOM   931  O  OG1 A THR A 1 122 ? 10.761  7.488   -5.237  0.50 10.27 ? 120 THR A OG1 1 
ATOM   932  O  OG1 B THR A 1 122 ? 9.412   8.919   -6.038  0.50 28.18 ? 120 THR A OG1 1 
ATOM   933  C  CG2 A THR A 1 122 ? 11.192  9.690   -4.403  0.50 8.07  ? 120 THR A CG2 1 
ATOM   934  C  CG2 B THR A 1 122 ? 11.103  7.668   -4.940  0.50 19.23 ? 120 THR A CG2 1 
ATOM   935  N  N   . PHE A 1 123 ? 7.372   10.040  -4.204  1.00 16.14 ? 121 PHE A N   1 
ATOM   936  C  CA  . PHE A 1 123 ? 6.579   11.252  -3.990  1.00 16.17 ? 121 PHE A CA  1 
ATOM   937  C  C   . PHE A 1 123 ? 5.837   11.214  -2.672  1.00 12.70 ? 121 PHE A C   1 
ATOM   938  O  O   . PHE A 1 123 ? 5.898   12.167  -1.905  1.00 18.47 ? 121 PHE A O   1 
ATOM   939  C  CB  . PHE A 1 123 ? 5.602   11.504  -5.127  1.00 13.31 ? 121 PHE A CB  1 
ATOM   940  C  CG  . PHE A 1 123 ? 4.823   12.793  -4.976  1.00 12.62 ? 121 PHE A CG  1 
ATOM   941  C  CD1 . PHE A 1 123 ? 5.475   14.022  -5.094  1.00 18.13 ? 121 PHE A CD1 1 
ATOM   942  C  CD2 . PHE A 1 123 ? 3.451   12.775  -4.735  1.00 18.33 ? 121 PHE A CD2 1 
ATOM   943  C  CE1 . PHE A 1 123 ? 4.766   15.215  -4.967  1.00 19.80 ? 121 PHE A CE1 1 
ATOM   944  C  CE2 . PHE A 1 123 ? 2.725   13.965  -4.608  1.00 17.19 ? 121 PHE A CE2 1 
ATOM   945  C  CZ  . PHE A 1 123 ? 3.397   15.191  -4.715  1.00 17.50 ? 121 PHE A CZ  1 
ATOM   946  N  N   . PHE A 1 124 ? 5.144   10.106  -2.393  1.00 14.69 ? 122 PHE A N   1 
ATOM   947  C  CA  . PHE A 1 124 ? 4.357   10.012  -1.170  1.00 13.74 ? 122 PHE A CA  1 
ATOM   948  C  C   . PHE A 1 124 ? 5.161   9.726   0.104   1.00 15.20 ? 122 PHE A C   1 
ATOM   949  O  O   . PHE A 1 124 ? 4.672   9.977   1.204   1.00 19.77 ? 122 PHE A O   1 
ATOM   950  C  CB  . PHE A 1 124 ? 3.133   9.110   -1.354  1.00 17.24 ? 122 PHE A CB  1 
ATOM   951  C  CG  . PHE A 1 124 ? 2.145   9.696   -2.298  1.00 14.69 ? 122 PHE A CG  1 
ATOM   952  C  CD1 . PHE A 1 124 ? 1.408   10.821  -1.931  1.00 19.01 ? 122 PHE A CD1 1 
ATOM   953  C  CD2 . PHE A 1 124 ? 2.012   9.193   -3.583  1.00 12.25 ? 122 PHE A CD2 1 
ATOM   954  C  CE1 . PHE A 1 124 ? 0.520   11.412  -2.822  1.00 16.59 ? 122 PHE A CE1 1 
ATOM   955  C  CE2 . PHE A 1 124 ? 1.122   9.779   -4.486  1.00 16.72 ? 122 PHE A CE2 1 
ATOM   956  C  CZ  . PHE A 1 124 ? 0.373   10.895  -4.092  1.00 17.42 ? 122 PHE A CZ  1 
HETATM 957  N  N   . MSE A 1 125 ? 6.395   9.258   -0.067  1.00 19.85 ? 123 MSE A N   1 
HETATM 958  C  CA  . MSE A 1 125 ? 7.346   9.169   1.041   1.00 19.15 ? 123 MSE A CA  1 
HETATM 959  C  C   . MSE A 1 125 ? 7.692   10.564  1.548   1.00 23.99 ? 123 MSE A C   1 
HETATM 960  O  O   . MSE A 1 125 ? 7.719   10.786  2.762   1.00 26.38 ? 123 MSE A O   1 
HETATM 961  C  CB  . MSE A 1 125 ? 8.623   8.430   0.659   1.00 25.56 ? 123 MSE A CB  1 
HETATM 962  C  CG  . MSE A 1 125 ? 9.515   8.110   1.867   1.00 29.20 ? 123 MSE A CG  1 
HETATM 963  SE SE  . MSE A 1 125 ? 8.675   6.760   2.999   1.00 30.65 ? 123 MSE A SE  1 
HETATM 964  C  CE  . MSE A 1 125 ? 8.759   5.334   1.671   1.00 21.07 ? 123 MSE A CE  1 
ATOM   965  N  N   . GLY A 1 126 ? 7.935   11.484  0.609   1.00 27.81 ? 124 GLY A N   1 
ATOM   966  C  CA  . GLY A 1 126 ? 8.153   12.902  0.915   1.00 31.42 ? 124 GLY A CA  1 
ATOM   967  C  C   . GLY A 1 126 ? 7.022   13.482  1.750   1.00 28.95 ? 124 GLY A C   1 
ATOM   968  O  O   . GLY A 1 126 ? 7.264   14.216  2.709   1.00 31.75 ? 124 GLY A O   1 
ATOM   969  N  N   . PHE A 1 127 ? 5.788   13.129  1.388   1.00 28.57 ? 125 PHE A N   1 
ATOM   970  C  CA  . PHE A 1 127 ? 4.592   13.494  2.147   1.00 35.36 ? 125 PHE A CA  1 
ATOM   971  C  C   . PHE A 1 127 ? 4.631   12.974  3.590   1.00 37.02 ? 125 PHE A C   1 
ATOM   972  O  O   . PHE A 1 127 ? 4.338   13.721  4.522   1.00 38.53 ? 125 PHE A O   1 
ATOM   973  C  CB  . PHE A 1 127 ? 3.334   13.023  1.399   1.00 38.37 ? 125 PHE A CB  1 
ATOM   974  C  CG  . PHE A 1 127 ? 2.063   13.108  2.202   1.00 45.67 ? 125 PHE A CG  1 
ATOM   975  C  CD1 . PHE A 1 127 ? 1.474   14.342  2.481   1.00 50.88 ? 125 PHE A CD1 1 
ATOM   976  C  CD2 . PHE A 1 127 ? 1.438   11.947  2.659   1.00 48.20 ? 125 PHE A CD2 1 
ATOM   977  C  CE1 . PHE A 1 127 ? 0.289   14.420  3.221   1.00 53.12 ? 125 PHE A CE1 1 
ATOM   978  C  CE2 . PHE A 1 127 ? 0.255   12.011  3.398   1.00 50.66 ? 125 PHE A CE2 1 
ATOM   979  C  CZ  . PHE A 1 127 ? -0.322  13.251  3.679   1.00 50.95 ? 125 PHE A CZ  1 
ATOM   980  N  N   . VAL A 1 128 ? 5.011   11.705  3.765   1.00 32.74 ? 126 VAL A N   1 
ATOM   981  C  CA  . VAL A 1 128 ? 5.157   11.094  5.099   1.00 31.99 ? 126 VAL A CA  1 
ATOM   982  C  C   . VAL A 1 128 ? 6.277   11.761  5.912   1.00 34.94 ? 126 VAL A C   1 
ATOM   983  O  O   . VAL A 1 128 ? 6.084   12.086  7.084   1.00 33.11 ? 126 VAL A O   1 
ATOM   984  C  CB  . VAL A 1 128 ? 5.397   9.551   5.004   1.00 31.45 ? 126 VAL A CB  1 
ATOM   985  C  CG1 . VAL A 1 128 ? 5.722   8.933   6.373   1.00 33.41 ? 126 VAL A CG1 1 
ATOM   986  C  CG2 . VAL A 1 128 ? 4.190   8.874   4.425   1.00 30.58 ? 126 VAL A CG2 1 
ATOM   987  N  N   . ARG A 1 129 ? 7.424   11.983  5.270   1.00 40.59 ? 127 ARG A N   1 
ATOM   988  C  CA  . ARG A 1 129 ? 8.597   12.575  5.926   1.00 49.34 ? 127 ARG A CA  1 
ATOM   989  C  C   . ARG A 1 129 ? 8.379   14.038  6.346   1.00 53.52 ? 127 ARG A C   1 
ATOM   990  O  O   . ARG A 1 129 ? 8.891   14.468  7.384   1.00 56.08 ? 127 ARG A O   1 
ATOM   991  C  CB  . ARG A 1 129 ? 9.830   12.465  5.023   1.00 49.72 ? 127 ARG A CB  1 
ATOM   992  C  CG  . ARG A 1 129 ? 11.123  12.198  5.775   1.00 57.66 ? 127 ARG A CG  1 
ATOM   993  C  CD  . ARG A 1 129 ? 11.517  10.726  5.699   1.00 62.15 ? 127 ARG A CD  1 
ATOM   994  N  NE  . ARG A 1 129 ? 12.135  10.406  4.412   1.00 64.14 ? 127 ARG A NE  1 
ATOM   995  C  CZ  . ARG A 1 129 ? 12.871  9.325   4.167   1.00 64.53 ? 127 ARG A CZ  1 
ATOM   996  N  NH1 . ARG A 1 129 ? 13.389  9.146   2.961   1.00 66.23 ? 127 ARG A NH1 1 
ATOM   997  N  NH2 . ARG A 1 129 ? 13.103  8.428   5.117   1.00 66.32 ? 127 ARG A NH2 1 
ATOM   998  N  N   . ASN A 1 130 ? 7.621   14.786  5.544   1.00 57.16 ? 128 ASN A N   1 
ATOM   999  C  CA  . ASN A 1 130 ? 7.258   16.165  5.878   1.00 61.98 ? 128 ASN A CA  1 
ATOM   1000 C  C   . ASN A 1 130 ? 6.199   16.246  6.975   1.00 64.71 ? 128 ASN A C   1 
ATOM   1001 O  O   . ASN A 1 130 ? 6.337   17.027  7.920   1.00 66.81 ? 128 ASN A O   1 
ATOM   1002 C  CB  . ASN A 1 130 ? 6.789   16.934  4.635   1.00 62.29 ? 128 ASN A CB  1 
ATOM   1003 C  CG  . ASN A 1 130 ? 7.918   17.222  3.657   1.00 65.01 ? 128 ASN A CG  1 
ATOM   1004 O  OD1 . ASN A 1 130 ? 9.075   17.384  4.048   1.00 67.98 ? 128 ASN A OD1 1 
ATOM   1005 N  ND2 . ASN A 1 130 ? 7.581   17.294  2.373   1.00 66.09 ? 128 ASN A ND2 1 
ATOM   1006 N  N   . GLN A 1 131 ? 5.148   15.437  6.844   1.00 66.34 ? 129 GLN A N   1 
ATOM   1007 C  CA  . GLN A 1 131 ? 4.055   15.406  7.815   1.00 67.38 ? 129 GLN A CA  1 
ATOM   1008 C  C   . GLN A 1 131 ? 4.244   14.291  8.838   1.00 66.49 ? 129 GLN A C   1 
ATOM   1009 O  O   . GLN A 1 131 ? 4.967   14.455  9.820   1.00 63.84 ? 129 GLN A O   1 
ATOM   1010 C  CB  . GLN A 1 131 ? 2.699   15.257  7.112   1.00 69.47 ? 129 GLN A CB  1 
ATOM   1011 C  CG  . GLN A 1 131 ? 2.085   16.577  6.627   1.00 75.43 ? 129 GLN A CG  1 
ATOM   1012 C  CD  . GLN A 1 131 ? 2.194   16.802  5.120   1.00 76.98 ? 129 GLN A CD  1 
ATOM   1013 O  OE1 . GLN A 1 131 ? 1.267   17.324  4.501   1.00 80.67 ? 129 GLN A OE1 1 
ATOM   1014 N  NE2 . GLN A 1 131 ? 3.319   16.416  4.528   1.00 76.40 ? 129 GLN A NE2 1 
HETATM 1015 MG MG  . MG  B 2 .   ? -5.249  -8.988  -5.647  1.00 14.53 ? 201 MG  A MG  1 
HETATM 1016 C  C1  . GOL C 3 .   ? -14.311 4.922   11.283  1.00 42.08 ? 202 GOL A C1  1 
HETATM 1017 O  O1  . GOL C 3 .   ? -15.683 5.247   11.255  1.00 45.96 ? 202 GOL A O1  1 
HETATM 1018 C  C2  . GOL C 3 .   ? -14.138 3.423   11.181  1.00 44.28 ? 202 GOL A C2  1 
HETATM 1019 O  O2  . GOL C 3 .   ? -13.253 3.077   12.222  1.00 41.86 ? 202 GOL A O2  1 
HETATM 1020 C  C3  . GOL C 3 .   ? -15.496 2.761   11.413  1.00 47.11 ? 202 GOL A C3  1 
HETATM 1021 O  O3  . GOL C 3 .   ? -15.447 1.411   11.020  1.00 46.15 ? 202 GOL A O3  1 
HETATM 1022 C  C1  . GOL D 3 .   ? -6.075  11.757  -4.570  1.00 43.22 ? 203 GOL A C1  1 
HETATM 1023 O  O1  . GOL D 3 .   ? -6.653  11.600  -5.849  1.00 48.94 ? 203 GOL A O1  1 
HETATM 1024 C  C2  . GOL D 3 .   ? -7.002  11.218  -3.482  1.00 37.80 ? 203 GOL A C2  1 
HETATM 1025 O  O2  . GOL D 3 .   ? -8.053  12.134  -3.246  1.00 40.40 ? 203 GOL A O2  1 
HETATM 1026 C  C3  . GOL D 3 .   ? -7.559  9.851   -3.869  1.00 37.53 ? 203 GOL A C3  1 
HETATM 1027 O  O3  . GOL D 3 .   ? -8.458  9.376   -2.882  1.00 31.39 ? 203 GOL A O3  1 
HETATM 1028 O  O   . HOH E 4 .   ? -3.156  7.578   3.650   1.00 17.63 ? 204 HOH A O   1 
HETATM 1029 O  O   . HOH E 4 .   ? -7.154  -9.943  2.697   1.00 18.37 ? 205 HOH A O   1 
HETATM 1030 O  O   . HOH E 4 .   ? 5.957   -3.336  11.061  1.00 20.85 ? 206 HOH A O   1 
HETATM 1031 O  O   . HOH E 4 .   ? 8.706   11.030  -7.242  1.00 18.66 ? 207 HOH A O   1 
HETATM 1032 O  O   . HOH E 4 .   ? -3.537  12.884  -2.293  1.00 21.48 ? 208 HOH A O   1 
HETATM 1033 O  O   . HOH E 4 .   ? -2.338  -8.526  -9.611  1.00 25.19 ? 209 HOH A O   1 
HETATM 1034 O  O   . HOH E 4 .   ? -12.888 -4.143  8.082   1.00 27.69 ? 210 HOH A O   1 
HETATM 1035 O  O   . HOH E 4 .   ? 0.557   3.021   11.900  1.00 31.73 ? 211 HOH A O   1 
HETATM 1036 O  O   . HOH E 4 .   ? 13.827  7.643   -6.208  1.00 38.78 ? 212 HOH A O   1 
HETATM 1037 O  O   . HOH E 4 .   ? 8.680   2.069   9.950   1.00 20.95 ? 213 HOH A O   1 
HETATM 1038 O  O   . HOH E 4 .   ? 1.312   -7.851  15.292  1.00 23.61 ? 214 HOH A O   1 
HETATM 1039 O  O   . HOH E 4 .   ? 2.195   2.448   -15.039 1.00 35.90 ? 215 HOH A O   1 
HETATM 1040 O  O   . HOH E 4 .   ? -11.599 10.724  9.921   1.00 24.43 ? 216 HOH A O   1 
HETATM 1041 O  O   . HOH E 4 .   ? 13.868  -4.278  2.308   1.00 23.36 ? 217 HOH A O   1 
HETATM 1042 O  O   . HOH E 4 .   ? -6.235  -10.812 -6.488  1.00 23.71 ? 218 HOH A O   1 
HETATM 1043 O  O   . HOH E 4 .   ? -3.461  7.604   6.780   1.00 22.01 ? 219 HOH A O   1 
HETATM 1044 O  O   . HOH E 4 .   ? 15.331  -3.075  -10.478 1.00 33.73 ? 220 HOH A O   1 
HETATM 1045 O  O   . HOH E 4 .   ? 13.817  0.046   7.945   1.00 25.24 ? 221 HOH A O   1 
HETATM 1046 O  O   . HOH E 4 .   ? 6.300   -3.295  -13.963 1.00 24.22 ? 222 HOH A O   1 
HETATM 1047 O  O   . HOH E 4 .   ? -2.684  -10.859 -8.811  1.00 22.61 ? 223 HOH A O   1 
HETATM 1048 O  O   . HOH E 4 .   ? 4.094   -12.298 3.759   1.00 40.79 ? 224 HOH A O   1 
HETATM 1049 O  O   . HOH E 4 .   ? -1.253  -14.622 -10.107 1.00 23.75 ? 225 HOH A O   1 
HETATM 1050 O  O   A HOH E 4 .   ? -6.714  -4.581  -7.241  0.50 15.00 ? 226 HOH A O   1 
HETATM 1051 O  O   B HOH E 4 .   ? -5.275  -4.922  -7.526  0.50 20.41 ? 226 HOH A O   1 
HETATM 1052 O  O   . HOH E 4 .   ? -17.240 6.560   -0.992  1.00 53.38 ? 227 HOH A O   1 
HETATM 1053 O  O   . HOH E 4 .   ? -1.987  5.431   14.392  1.00 28.94 ? 228 HOH A O   1 
HETATM 1054 O  O   . HOH E 4 .   ? -0.626  2.060   -14.414 1.00 27.05 ? 229 HOH A O   1 
HETATM 1055 O  O   . HOH E 4 .   ? -12.309 15.077  1.248   1.00 20.18 ? 230 HOH A O   1 
HETATM 1056 O  O   . HOH E 4 .   ? 0.476   10.520  -8.816  1.00 25.60 ? 231 HOH A O   1 
HETATM 1057 O  O   . HOH E 4 .   ? 3.135   5.137   12.120  1.00 31.15 ? 232 HOH A O   1 
HETATM 1058 O  O   . HOH E 4 .   ? 7.497   -11.834 -9.335  1.00 27.27 ? 233 HOH A O   1 
HETATM 1059 O  O   . HOH E 4 .   ? -14.298 -7.278  -2.554  1.00 32.68 ? 234 HOH A O   1 
HETATM 1060 O  O   . HOH E 4 .   ? 2.613   10.076  -10.239 1.00 30.16 ? 235 HOH A O   1 
HETATM 1061 O  O   . HOH E 4 .   ? 2.332   1.498   13.247  1.00 31.01 ? 236 HOH A O   1 
HETATM 1062 O  O   . HOH E 4 .   ? 14.500  -0.509  -9.324  1.00 30.38 ? 237 HOH A O   1 
HETATM 1063 O  O   . HOH E 4 .   ? -15.183 -4.042  6.422   1.00 33.31 ? 238 HOH A O   1 
HETATM 1064 O  O   . HOH E 4 .   ? -6.020  -11.826 0.910   1.00 24.22 ? 239 HOH A O   1 
HETATM 1065 O  O   . HOH E 4 .   ? -8.736  5.905   13.796  1.00 28.10 ? 240 HOH A O   1 
HETATM 1066 O  O   . HOH E 4 .   ? 9.523   5.360   6.433   1.00 32.29 ? 241 HOH A O   1 
HETATM 1067 O  O   . HOH E 4 .   ? -7.298  -11.312 6.064   1.00 37.01 ? 242 HOH A O   1 
HETATM 1068 O  O   . HOH E 4 .   ? -14.687 3.637   -3.826  1.00 33.52 ? 243 HOH A O   1 
HETATM 1069 O  O   . HOH E 4 .   ? 0.405   -16.043 -4.013  1.00 27.66 ? 244 HOH A O   1 
HETATM 1070 O  O   . HOH E 4 .   ? -9.108  1.941   18.219  1.00 37.12 ? 245 HOH A O   1 
HETATM 1071 O  O   . HOH E 4 .   ? -3.206  -9.331  -6.515  1.00 18.90 ? 246 HOH A O   1 
HETATM 1072 O  O   . HOH E 4 .   ? -12.968 -9.488  -1.146  1.00 33.19 ? 247 HOH A O   1 
HETATM 1073 O  O   . HOH E 4 .   ? 8.925   7.802   7.167   1.00 52.24 ? 248 HOH A O   1 
HETATM 1074 O  O   . HOH E 4 .   ? 5.566   -10.068 6.849   1.00 28.91 ? 249 HOH A O   1 
HETATM 1075 O  O   . HOH E 4 .   ? -8.737  -10.652 10.172  1.00 36.26 ? 250 HOH A O   1 
HETATM 1076 O  O   . HOH E 4 .   ? 8.078   -1.938  -16.184 1.00 39.43 ? 251 HOH A O   1 
HETATM 1077 O  O   . HOH E 4 .   ? -1.670  4.058   -12.765 1.00 30.93 ? 252 HOH A O   1 
HETATM 1078 O  O   . HOH E 4 .   ? -3.704  10.199  4.028   1.00 33.34 ? 253 HOH A O   1 
HETATM 1079 O  O   . HOH E 4 .   ? -22.487 2.983   0.293   1.00 44.40 ? 254 HOH A O   1 
HETATM 1080 O  O   . HOH E 4 .   ? 0.944   12.726  -7.435  1.00 33.24 ? 255 HOH A O   1 
HETATM 1081 O  O   . HOH E 4 .   ? 0.671   -15.375 -1.155  1.00 43.67 ? 256 HOH A O   1 
HETATM 1082 O  O   . HOH E 4 .   ? -5.498  -15.048 -3.395  1.00 31.13 ? 257 HOH A O   1 
HETATM 1083 O  O   . HOH E 4 .   ? -15.734 -1.772  2.039   1.00 31.91 ? 258 HOH A O   1 
HETATM 1084 O  O   . HOH E 4 .   ? -4.865  12.578  0.238   1.00 43.76 ? 259 HOH A O   1 
HETATM 1085 O  O   . HOH E 4 .   ? 18.452  -2.928  1.590   1.00 37.27 ? 260 HOH A O   1 
HETATM 1086 O  O   . HOH E 4 .   ? -16.359 -1.614  11.787  1.00 44.22 ? 261 HOH A O   1 
HETATM 1087 O  O   . HOH E 4 .   ? 12.913  2.206   9.739   1.00 37.34 ? 262 HOH A O   1 
HETATM 1088 O  O   . HOH E 4 .   ? -5.478  7.600   15.353  1.00 41.34 ? 263 HOH A O   1 
HETATM 1089 O  O   . HOH E 4 .   ? -15.495 7.825   11.065  1.00 30.43 ? 264 HOH A O   1 
HETATM 1090 O  O   . HOH E 4 .   ? -5.086  -8.866  12.034  1.00 34.05 ? 265 HOH A O   1 
HETATM 1091 O  O   . HOH E 4 .   ? 2.147   -6.912  17.663  1.00 34.29 ? 266 HOH A O   1 
HETATM 1092 O  O   . HOH E 4 .   ? -8.841  -11.909 4.050   1.00 37.13 ? 267 HOH A O   1 
HETATM 1093 O  O   . HOH E 4 .   ? -2.346  -15.932 -3.675  1.00 39.60 ? 268 HOH A O   1 
HETATM 1094 O  O   . HOH E 4 .   ? 2.422   -15.685 -11.656 1.00 54.36 ? 269 HOH A O   1 
HETATM 1095 O  O   . HOH E 4 .   ? 4.237   -17.555 -13.104 1.00 36.10 ? 270 HOH A O   1 
HETATM 1096 O  O   . HOH E 4 .   ? -2.014  -15.761 -6.462  1.00 53.86 ? 271 HOH A O   1 
HETATM 1097 O  O   . HOH E 4 .   ? 12.495  9.047   -0.261  1.00 38.52 ? 272 HOH A O   1 
HETATM 1098 O  O   . HOH E 4 .   ? -4.166  -14.032 0.788   1.00 39.61 ? 273 HOH A O   1 
HETATM 1099 O  O   . HOH E 4 .   ? -12.790 -3.378  10.725  1.00 39.97 ? 274 HOH A O   1 
HETATM 1100 O  O   . HOH E 4 .   ? 1.221   -11.923 10.405  1.00 38.61 ? 275 HOH A O   1 
HETATM 1101 O  O   . HOH E 4 .   ? 11.782  -10.203 -8.712  1.00 42.66 ? 276 HOH A O   1 
HETATM 1102 O  O   . HOH E 4 .   ? 3.067   -11.110 11.711  1.00 40.51 ? 277 HOH A O   1 
HETATM 1103 O  O   . HOH E 4 .   ? -15.505 -3.532  -0.430  1.00 30.13 ? 278 HOH A O   1 
HETATM 1104 O  O   . HOH E 4 .   ? -0.214  -16.416 1.114   1.00 39.53 ? 279 HOH A O   1 
HETATM 1105 O  O   . HOH E 4 .   ? 1.058   -15.382 -9.164  1.00 39.89 ? 280 HOH A O   1 
HETATM 1106 O  O   . HOH E 4 .   ? 9.626   -12.126 2.055   1.00 42.05 ? 281 HOH A O   1 
HETATM 1107 O  O   . HOH E 4 .   ? 13.541  -6.567  0.908   1.00 53.90 ? 282 HOH A O   1 
HETATM 1108 O  O   . HOH E 4 .   ? 16.089  1.775   -9.872  1.00 46.26 ? 283 HOH A O   1 
HETATM 1109 O  O   . HOH E 4 .   ? 13.150  -0.025  -12.069 1.00 43.47 ? 284 HOH A O   1 
HETATM 1110 O  O   . HOH E 4 .   ? 11.806  11.555  1.450   1.00 38.77 ? 285 HOH A O   1 
HETATM 1111 O  O   . HOH E 4 .   ? -2.723  -14.075 5.816   1.00 39.28 ? 286 HOH A O   1 
HETATM 1112 O  O   . HOH E 4 .   ? -7.438  -7.880  10.967  1.00 44.73 ? 287 HOH A O   1 
HETATM 1113 O  O   . HOH E 4 .   ? -1.267  -8.786  15.402  1.00 37.51 ? 288 HOH A O   1 
HETATM 1114 O  O   . HOH E 4 .   ? 1.796   -10.658 14.568  1.00 40.90 ? 289 HOH A O   1 
HETATM 1115 O  O   . HOH E 4 .   ? -8.384  -14.443 2.294   1.00 36.42 ? 290 HOH A O   1 
HETATM 1116 O  O   . HOH E 4 .   ? -16.400 -1.318  4.612   1.00 52.10 ? 291 HOH A O   1 
HETATM 1117 O  O   . HOH E 4 .   ? -10.764 -3.873  12.658  1.00 44.17 ? 292 HOH A O   1 
HETATM 1118 O  O   . HOH E 4 .   ? -10.383 2.133   -8.470  1.00 35.48 ? 293 HOH A O   1 
HETATM 1119 O  O   . HOH E 4 .   ? -14.359 2.357   -5.935  1.00 44.68 ? 294 HOH A O   1 
HETATM 1120 O  O   . HOH E 4 .   ? -15.404 4.767   0.865   1.00 28.32 ? 295 HOH A O   1 
HETATM 1121 O  O   . HOH E 4 .   ? -18.384 4.554   -1.575  1.00 37.11 ? 296 HOH A O   1 
HETATM 1122 O  O   . HOH E 4 .   ? -5.889  9.513   -7.472  1.00 33.13 ? 297 HOH A O   1 
HETATM 1123 O  O   . HOH E 4 .   ? 0.001   6.353   -12.907 1.00 50.11 ? 298 HOH A O   1 
HETATM 1124 O  O   . HOH E 4 .   ? 9.257   1.566   -16.265 1.00 48.42 ? 299 HOH A O   1 
HETATM 1125 O  O   . HOH E 4 .   ? 17.209  -0.810  -0.388  1.00 37.84 ? 300 HOH A O   1 
HETATM 1126 O  O   . HOH E 4 .   ? 18.754  0.449   1.250   1.00 55.55 ? 301 HOH A O   1 
HETATM 1127 O  O   . HOH E 4 .   ? 11.893  -9.833  -3.629  1.00 38.31 ? 302 HOH A O   1 
HETATM 1128 O  O   . HOH E 4 .   ? 15.432  5.615   -6.176  1.00 37.41 ? 303 HOH A O   1 
HETATM 1129 O  O   . HOH E 4 .   ? -3.401  7.345   -10.725 1.00 37.32 ? 304 HOH A O   1 
HETATM 1130 O  O   . HOH E 4 .   ? 5.986   -14.510 -0.753  1.00 44.05 ? 305 HOH A O   1 
HETATM 1131 O  O   . HOH E 4 .   ? 6.405   -11.605 0.192   1.00 32.30 ? 306 HOH A O   1 
HETATM 1132 O  O   . HOH E 4 .   ? -3.879  -13.938 -6.356  1.00 38.04 ? 307 HOH A O   1 
HETATM 1133 O  O   . HOH E 4 .   ? -9.902  4.780   -9.072  1.00 38.97 ? 308 HOH A O   1 
HETATM 1134 O  O   . HOH E 4 .   ? -4.791  4.933   -10.990 1.00 41.17 ? 309 HOH A O   1 
# 
